data_2FOL
# 
_entry.id   2FOL 
# 
_audit_conform.dict_name       mmcif_pdbx.dic 
_audit_conform.dict_version    5.377 
_audit_conform.dict_location   http://mmcif.pdb.org/dictionaries/ascii/mmcif_pdbx.dic 
# 
loop_
_database_2.database_id 
_database_2.database_code 
_database_2.pdbx_database_accession 
_database_2.pdbx_DOI 
PDB   2FOL         pdb_00002fol 10.2210/pdb2fol/pdb 
RCSB  RCSB036123   ?            ?                   
WWPDB D_1000036123 ?            ?                   
# 
_pdbx_database_status.entry_id                        2FOL 
_pdbx_database_status.deposit_site                    RCSB 
_pdbx_database_status.process_site                    RCSB 
_pdbx_database_status.recvd_initial_deposition_date   2006-01-13 
_pdbx_database_status.status_code                     REL 
_pdbx_database_status.status_code_sf                  REL 
_pdbx_database_status.status_code_mr                  ? 
_pdbx_database_status.SG_entry                        Y 
_pdbx_database_status.pdb_format_compatible           Y 
_pdbx_database_status.status_code_cs                  ? 
_pdbx_database_status.methods_development_category    ? 
_pdbx_database_status.status_code_nmr_data            ? 
# 
loop_
_audit_author.name 
_audit_author.pdbx_ordinal 
'Wang, J.'                             1  
'Tempel, W.'                           2  
'Shen, Y.'                             3  
'Shen, L.'                             4  
'Arrowsmith, C.'                       5  
'Edwards, A.'                          6  
'Sundstrom, M.'                        7  
'Weigelt, J.'                          8  
'Bochkarev, A.'                        9  
'Park, H.'                             10 
'Structural Genomics Consortium (SGC)' 11 
# 
loop_
_citation.id 
_citation.title 
_citation.journal_abbrev 
_citation.journal_volume 
_citation.page_first 
_citation.page_last 
_citation.year 
_citation.journal_id_ASTM 
_citation.country 
_citation.journal_id_ISSN 
_citation.journal_id_CSD 
_citation.book_publisher 
_citation.pdbx_database_id_PubMed 
_citation.pdbx_database_id_DOI 
primary 'Crystal structure of human RAB1A in complex with GDP'                 'To be Published'          ?  ? ?  ?    ?      ?  ? 
0353 ? ?        ?                         
1       'Real-Space Protein-Model Completion: an Inverse-Kinematics Approach.' 'Acta Crystallogr.,Sect.D' 61 2 13 2005 ABCRE6 DK 
0907-4449 0766 ? 15608370 10.1107/S0907444904025697 
# 
loop_
_citation_author.citation_id 
_citation_author.name 
_citation_author.ordinal 
_citation_author.identifier_ORCID 
primary 'Wang, J.'                             1  ? 
primary 'Tempel, W.'                           2  ? 
primary 'Shen, Y.'                             3  ? 
primary 'Shen, L.'                             4  ? 
primary 'Arrowsmith, C.'                       5  ? 
primary 'Edwards, A.'                          6  ? 
primary 'Sundstrom, M.'                        7  ? 
primary 'Weigelt, J.'                          8  ? 
primary 'Bochkarev, A.'                        9  ? 
primary 'Park, H.'                             10 ? 
primary 'Structural Genomics Consortium (SGC)' 11 ? 
1       'van den Bedem, H.'                    12 ? 
1       'Lotan, I.'                            13 ? 
1       'Latombe, J.-C.'                       14 ? 
1       'Deacon, A.M.'                         15 ? 
# 
_cell.length_a           75.790 
_cell.length_b           75.790 
_cell.length_c           49.080 
_cell.angle_alpha        90.00 
_cell.angle_beta         90.00 
_cell.angle_gamma        120.00 
_cell.entry_id           2FOL 
_cell.pdbx_unique_axis   ? 
_cell.Z_PDB              6 
_cell.length_a_esd       ? 
_cell.length_b_esd       ? 
_cell.length_c_esd       ? 
_cell.angle_alpha_esd    ? 
_cell.angle_beta_esd     ? 
_cell.angle_gamma_esd    ? 
# 
_symmetry.space_group_name_H-M             'P 32 2 1' 
_symmetry.Int_Tables_number                154 
_symmetry.entry_id                         2FOL 
_symmetry.pdbx_full_space_group_name_H-M   ? 
_symmetry.cell_setting                     ? 
_symmetry.space_group_name_Hall            ? 
# 
loop_
_entity.id 
_entity.type 
_entity.src_method 
_entity.pdbx_description 
_entity.formula_weight 
_entity.pdbx_number_of_molecules 
_entity.pdbx_ec 
_entity.pdbx_mutation 
_entity.pdbx_fragment 
_entity.details 
1 polymer     man 'Ras-related protein Rab-1A' 21567.354 1 ? ? ? ? 
2 non-polymer syn 'MAGNESIUM ION'              24.305    1 ? ? ? ? 
3 non-polymer syn "GUANOSINE-5'-DIPHOSPHATE"   443.201   1 ? ? ? ? 
4 non-polymer syn 'UNKNOWN ATOM OR ION'        ?         2 ? ? ? ? 
5 water       nat water                        18.015    5 ? ? ? ? 
# 
_entity_name_com.entity_id   1 
_entity_name_com.name        'YPT1-related protein' 
# 
_entity_poly.entity_id                      1 
_entity_poly.type                           'polypeptide(L)' 
_entity_poly.nstd_linkage                   no 
_entity_poly.nstd_monomer                   no 
_entity_poly.pdbx_seq_one_letter_code       
;MGSSHHHHHHSSGLVPRGSPEYDYLFKLLLIGDSGVGKSCLLLRFADDTYTESYISTIGVDFKIRTIELDGKTIKLQIWD
TAGQERFRTITSSYYRGAHGIIVVYDVTDQESFNNVKQWLQEIDRYASENVNKLLVGNKCDLTTKKVVDYTTAKEFADSL
GIPFLETSAKNATNVEQSFMTMAAEIKKRMG
;
_entity_poly.pdbx_seq_one_letter_code_can   
;MGSSHHHHHHSSGLVPRGSPEYDYLFKLLLIGDSGVGKSCLLLRFADDTYTESYISTIGVDFKIRTIELDGKTIKLQIWD
TAGQERFRTITSSYYRGAHGIIVVYDVTDQESFNNVKQWLQEIDRYASENVNKLLVGNKCDLTTKKVVDYTTAKEFADSL
GIPFLETSAKNATNVEQSFMTMAAEIKKRMG
;
_entity_poly.pdbx_strand_id                 A 
_entity_poly.pdbx_target_identifier         ? 
# 
loop_
_entity_poly_seq.entity_id 
_entity_poly_seq.num 
_entity_poly_seq.mon_id 
_entity_poly_seq.hetero 
1 1   MET n 
1 2   GLY n 
1 3   SER n 
1 4   SER n 
1 5   HIS n 
1 6   HIS n 
1 7   HIS n 
1 8   HIS n 
1 9   HIS n 
1 10  HIS n 
1 11  SER n 
1 12  SER n 
1 13  GLY n 
1 14  LEU n 
1 15  VAL n 
1 16  PRO n 
1 17  ARG n 
1 18  GLY n 
1 19  SER n 
1 20  PRO n 
1 21  GLU n 
1 22  TYR n 
1 23  ASP n 
1 24  TYR n 
1 25  LEU n 
1 26  PHE n 
1 27  LYS n 
1 28  LEU n 
1 29  LEU n 
1 30  LEU n 
1 31  ILE n 
1 32  GLY n 
1 33  ASP n 
1 34  SER n 
1 35  GLY n 
1 36  VAL n 
1 37  GLY n 
1 38  LYS n 
1 39  SER n 
1 40  CYS n 
1 41  LEU n 
1 42  LEU n 
1 43  LEU n 
1 44  ARG n 
1 45  PHE n 
1 46  ALA n 
1 47  ASP n 
1 48  ASP n 
1 49  THR n 
1 50  TYR n 
1 51  THR n 
1 52  GLU n 
1 53  SER n 
1 54  TYR n 
1 55  ILE n 
1 56  SER n 
1 57  THR n 
1 58  ILE n 
1 59  GLY n 
1 60  VAL n 
1 61  ASP n 
1 62  PHE n 
1 63  LYS n 
1 64  ILE n 
1 65  ARG n 
1 66  THR n 
1 67  ILE n 
1 68  GLU n 
1 69  LEU n 
1 70  ASP n 
1 71  GLY n 
1 72  LYS n 
1 73  THR n 
1 74  ILE n 
1 75  LYS n 
1 76  LEU n 
1 77  GLN n 
1 78  ILE n 
1 79  TRP n 
1 80  ASP n 
1 81  THR n 
1 82  ALA n 
1 83  GLY n 
1 84  GLN n 
1 85  GLU n 
1 86  ARG n 
1 87  PHE n 
1 88  ARG n 
1 89  THR n 
1 90  ILE n 
1 91  THR n 
1 92  SER n 
1 93  SER n 
1 94  TYR n 
1 95  TYR n 
1 96  ARG n 
1 97  GLY n 
1 98  ALA n 
1 99  HIS n 
1 100 GLY n 
1 101 ILE n 
1 102 ILE n 
1 103 VAL n 
1 104 VAL n 
1 105 TYR n 
1 106 ASP n 
1 107 VAL n 
1 108 THR n 
1 109 ASP n 
1 110 GLN n 
1 111 GLU n 
1 112 SER n 
1 113 PHE n 
1 114 ASN n 
1 115 ASN n 
1 116 VAL n 
1 117 LYS n 
1 118 GLN n 
1 119 TRP n 
1 120 LEU n 
1 121 GLN n 
1 122 GLU n 
1 123 ILE n 
1 124 ASP n 
1 125 ARG n 
1 126 TYR n 
1 127 ALA n 
1 128 SER n 
1 129 GLU n 
1 130 ASN n 
1 131 VAL n 
1 132 ASN n 
1 133 LYS n 
1 134 LEU n 
1 135 LEU n 
1 136 VAL n 
1 137 GLY n 
1 138 ASN n 
1 139 LYS n 
1 140 CYS n 
1 141 ASP n 
1 142 LEU n 
1 143 THR n 
1 144 THR n 
1 145 LYS n 
1 146 LYS n 
1 147 VAL n 
1 148 VAL n 
1 149 ASP n 
1 150 TYR n 
1 151 THR n 
1 152 THR n 
1 153 ALA n 
1 154 LYS n 
1 155 GLU n 
1 156 PHE n 
1 157 ALA n 
1 158 ASP n 
1 159 SER n 
1 160 LEU n 
1 161 GLY n 
1 162 ILE n 
1 163 PRO n 
1 164 PHE n 
1 165 LEU n 
1 166 GLU n 
1 167 THR n 
1 168 SER n 
1 169 ALA n 
1 170 LYS n 
1 171 ASN n 
1 172 ALA n 
1 173 THR n 
1 174 ASN n 
1 175 VAL n 
1 176 GLU n 
1 177 GLN n 
1 178 SER n 
1 179 PHE n 
1 180 MET n 
1 181 THR n 
1 182 MET n 
1 183 ALA n 
1 184 ALA n 
1 185 GLU n 
1 186 ILE n 
1 187 LYS n 
1 188 LYS n 
1 189 ARG n 
1 190 MET n 
1 191 GLY n 
# 
_entity_src_gen.entity_id                          1 
_entity_src_gen.pdbx_src_id                        1 
_entity_src_gen.pdbx_alt_source_flag               sample 
_entity_src_gen.pdbx_seq_type                      ? 
_entity_src_gen.pdbx_beg_seq_num                   ? 
_entity_src_gen.pdbx_end_seq_num                   ? 
_entity_src_gen.gene_src_common_name               human 
_entity_src_gen.gene_src_genus                     Homo 
_entity_src_gen.pdbx_gene_src_gene                 'RAB1A, RAB1' 
_entity_src_gen.gene_src_species                   ? 
_entity_src_gen.gene_src_strain                    ? 
_entity_src_gen.gene_src_tissue                    ? 
_entity_src_gen.gene_src_tissue_fraction           ? 
_entity_src_gen.gene_src_details                   ? 
_entity_src_gen.pdbx_gene_src_fragment             ? 
_entity_src_gen.pdbx_gene_src_scientific_name      'Homo sapiens' 
_entity_src_gen.pdbx_gene_src_ncbi_taxonomy_id     9606 
_entity_src_gen.pdbx_gene_src_variant              ? 
_entity_src_gen.pdbx_gene_src_cell_line            ? 
_entity_src_gen.pdbx_gene_src_atcc                 ? 
_entity_src_gen.pdbx_gene_src_organ                ? 
_entity_src_gen.pdbx_gene_src_organelle            ? 
_entity_src_gen.pdbx_gene_src_cell                 ? 
_entity_src_gen.pdbx_gene_src_cellular_location    ? 
_entity_src_gen.host_org_common_name               ? 
_entity_src_gen.pdbx_host_org_scientific_name      'Escherichia coli' 
_entity_src_gen.pdbx_host_org_ncbi_taxonomy_id     562 
_entity_src_gen.host_org_genus                     Escherichia 
_entity_src_gen.pdbx_host_org_gene                 ? 
_entity_src_gen.pdbx_host_org_organ                ? 
_entity_src_gen.host_org_species                   ? 
_entity_src_gen.pdbx_host_org_tissue               ? 
_entity_src_gen.pdbx_host_org_tissue_fraction      ? 
_entity_src_gen.pdbx_host_org_strain               'BL21-CodonPlus (DE3)-RIL' 
_entity_src_gen.pdbx_host_org_variant              ? 
_entity_src_gen.pdbx_host_org_cell_line            ? 
_entity_src_gen.pdbx_host_org_atcc                 ? 
_entity_src_gen.pdbx_host_org_culture_collection   ? 
_entity_src_gen.pdbx_host_org_cell                 ? 
_entity_src_gen.pdbx_host_org_organelle            ? 
_entity_src_gen.pdbx_host_org_cellular_location    ? 
_entity_src_gen.pdbx_host_org_vector_type          plasmid 
_entity_src_gen.pdbx_host_org_vector               ? 
_entity_src_gen.host_org_details                   ? 
_entity_src_gen.expression_system_id               ? 
_entity_src_gen.plasmid_name                       p28a-LIC 
_entity_src_gen.plasmid_details                    ? 
_entity_src_gen.pdbx_description                   ? 
# 
_struct_ref.id                         1 
_struct_ref.db_name                    UNP 
_struct_ref.db_code                    RAB1A_HUMAN 
_struct_ref.pdbx_db_accession          P62820 
_struct_ref.entity_id                  1 
_struct_ref.pdbx_seq_one_letter_code   
;PEYDYLFKLLLIGDSGVGKSCLLLRFADDTYTESYISTIGVDFKIRTIELDGKTIKLQIWDTAGQERFRTITSSYYRGAH
GIIVVYDVTDQESFNNVKQWLQEIDRYASENVNKLLVGNKCDLTTKKVVDYTTAKEFADSLGIPFLETSAKNATNVEQSF
MTMAAEIKKRMG
;
_struct_ref.pdbx_align_begin           5 
_struct_ref.pdbx_db_isoform            ? 
# 
_struct_ref_seq.align_id                      1 
_struct_ref_seq.ref_id                        1 
_struct_ref_seq.pdbx_PDB_id_code              2FOL 
_struct_ref_seq.pdbx_strand_id                A 
_struct_ref_seq.seq_align_beg                 20 
_struct_ref_seq.pdbx_seq_align_beg_ins_code   ? 
_struct_ref_seq.seq_align_end                 191 
_struct_ref_seq.pdbx_seq_align_end_ins_code   ? 
_struct_ref_seq.pdbx_db_accession             P62820 
_struct_ref_seq.db_align_beg                  5 
_struct_ref_seq.pdbx_db_align_beg_ins_code    ? 
_struct_ref_seq.db_align_end                  176 
_struct_ref_seq.pdbx_db_align_end_ins_code    ? 
_struct_ref_seq.pdbx_auth_seq_align_beg       3 
_struct_ref_seq.pdbx_auth_seq_align_end       174 
# 
loop_
_struct_ref_seq_dif.align_id 
_struct_ref_seq_dif.pdbx_pdb_id_code 
_struct_ref_seq_dif.mon_id 
_struct_ref_seq_dif.pdbx_pdb_strand_id 
_struct_ref_seq_dif.seq_num 
_struct_ref_seq_dif.pdbx_pdb_ins_code 
_struct_ref_seq_dif.pdbx_seq_db_name 
_struct_ref_seq_dif.pdbx_seq_db_accession_code 
_struct_ref_seq_dif.db_mon_id 
_struct_ref_seq_dif.pdbx_seq_db_seq_num 
_struct_ref_seq_dif.details 
_struct_ref_seq_dif.pdbx_auth_seq_num 
_struct_ref_seq_dif.pdbx_ordinal 
1 2FOL MET A 1  ? UNP P62820 ? ? 'cloning artifact' -16 1  
1 2FOL GLY A 2  ? UNP P62820 ? ? 'cloning artifact' -15 2  
1 2FOL SER A 3  ? UNP P62820 ? ? 'cloning artifact' -14 3  
1 2FOL SER A 4  ? UNP P62820 ? ? 'cloning artifact' -13 4  
1 2FOL HIS A 5  ? UNP P62820 ? ? 'expression tag'   -12 5  
1 2FOL HIS A 6  ? UNP P62820 ? ? 'expression tag'   -11 6  
1 2FOL HIS A 7  ? UNP P62820 ? ? 'expression tag'   -10 7  
1 2FOL HIS A 8  ? UNP P62820 ? ? 'expression tag'   -9  8  
1 2FOL HIS A 9  ? UNP P62820 ? ? 'expression tag'   -8  9  
1 2FOL HIS A 10 ? UNP P62820 ? ? 'expression tag'   -7  10 
1 2FOL SER A 11 ? UNP P62820 ? ? 'cloning artifact' -6  11 
1 2FOL SER A 12 ? UNP P62820 ? ? 'cloning artifact' -5  12 
1 2FOL GLY A 13 ? UNP P62820 ? ? 'cloning artifact' -4  13 
1 2FOL LEU A 14 ? UNP P62820 ? ? 'cloning artifact' -3  14 
1 2FOL VAL A 15 ? UNP P62820 ? ? 'cloning artifact' -2  15 
1 2FOL PRO A 16 ? UNP P62820 ? ? 'cloning artifact' -1  16 
1 2FOL ARG A 17 ? UNP P62820 ? ? 'cloning artifact' 0   17 
1 2FOL GLY A 18 ? UNP P62820 ? ? 'cloning artifact' 1   18 
1 2FOL SER A 19 ? UNP P62820 ? ? 'cloning artifact' 2   19 
# 
loop_
_chem_comp.id 
_chem_comp.type 
_chem_comp.mon_nstd_flag 
_chem_comp.name 
_chem_comp.pdbx_synonyms 
_chem_comp.formula 
_chem_comp.formula_weight 
ALA 'L-peptide linking' y ALANINE                    ? 'C3 H7 N O2'        89.093  
ARG 'L-peptide linking' y ARGININE                   ? 'C6 H15 N4 O2 1'    175.209 
ASN 'L-peptide linking' y ASPARAGINE                 ? 'C4 H8 N2 O3'       132.118 
ASP 'L-peptide linking' y 'ASPARTIC ACID'            ? 'C4 H7 N O4'        133.103 
CYS 'L-peptide linking' y CYSTEINE                   ? 'C3 H7 N O2 S'      121.158 
GDP 'RNA linking'       n "GUANOSINE-5'-DIPHOSPHATE" ? 'C10 H15 N5 O11 P2' 443.201 
GLN 'L-peptide linking' y GLUTAMINE                  ? 'C5 H10 N2 O3'      146.144 
GLU 'L-peptide linking' y 'GLUTAMIC ACID'            ? 'C5 H9 N O4'        147.129 
GLY 'peptide linking'   y GLYCINE                    ? 'C2 H5 N O2'        75.067  
HIS 'L-peptide linking' y HISTIDINE                  ? 'C6 H10 N3 O2 1'    156.162 
HOH non-polymer         . WATER                      ? 'H2 O'              18.015  
ILE 'L-peptide linking' y ISOLEUCINE                 ? 'C6 H13 N O2'       131.173 
LEU 'L-peptide linking' y LEUCINE                    ? 'C6 H13 N O2'       131.173 
LYS 'L-peptide linking' y LYSINE                     ? 'C6 H15 N2 O2 1'    147.195 
MET 'L-peptide linking' y METHIONINE                 ? 'C5 H11 N O2 S'     149.211 
MG  non-polymer         . 'MAGNESIUM ION'            ? 'Mg 2'              24.305  
PHE 'L-peptide linking' y PHENYLALANINE              ? 'C9 H11 N O2'       165.189 
PRO 'L-peptide linking' y PROLINE                    ? 'C5 H9 N O2'        115.130 
SER 'L-peptide linking' y SERINE                     ? 'C3 H7 N O3'        105.093 
THR 'L-peptide linking' y THREONINE                  ? 'C4 H9 N O3'        119.119 
TRP 'L-peptide linking' y TRYPTOPHAN                 ? 'C11 H12 N2 O2'     204.225 
TYR 'L-peptide linking' y TYROSINE                   ? 'C9 H11 N O3'       181.189 
UNX non-polymer         . 'UNKNOWN ATOM OR ION'      ? ?                   ?       
VAL 'L-peptide linking' y VALINE                     ? 'C5 H11 N O2'       117.146 
# 
_exptl.crystals_number   1 
_exptl.method            'X-RAY DIFFRACTION' 
_exptl.entry_id          2FOL 
# 
_exptl_crystal.id                    1 
_exptl_crystal.density_percent_sol   46.5 
_exptl_crystal.density_Matthews      2.3 
_exptl_crystal.density_meas          ? 
_exptl_crystal.description           ? 
_exptl_crystal.F_000                 ? 
_exptl_crystal.preparation           ? 
# 
_exptl_crystal_grow.crystal_id      1 
_exptl_crystal_grow.method          'VAPOR DIFFUSION, SITTING DROP' 
_exptl_crystal_grow.pH              8.5 
_exptl_crystal_grow.temp            291 
_exptl_crystal_grow.pdbx_details    
'25% PEG3350, 0.2M magnesium chloride, 0.1M Tris, pH 8.5, vapor diffusion, sitting drop, temperature 291K' 
_exptl_crystal_grow.temp_details    ? 
_exptl_crystal_grow.pdbx_pH_range   . 
# 
_diffrn.id                     1 
_diffrn.ambient_temp           100 
_diffrn.ambient_temp_details   ? 
_diffrn.crystal_id             1 
# 
_diffrn_detector.diffrn_id              1 
_diffrn_detector.detector               'IMAGE PLATE' 
_diffrn_detector.type                   'RIGAKU RAXIS IV++' 
_diffrn_detector.pdbx_collection_date   2006-01-09 
_diffrn_detector.details                ? 
# 
_diffrn_radiation.diffrn_id                        1 
_diffrn_radiation.pdbx_diffrn_protocol             'SINGLE WAVELENGTH' 
_diffrn_radiation.wavelength_id                    1 
_diffrn_radiation.monochromator                    ? 
_diffrn_radiation.pdbx_monochromatic_or_laue_m_l   M 
_diffrn_radiation.pdbx_scattering_type             x-ray 
# 
_diffrn_radiation_wavelength.id           1 
_diffrn_radiation_wavelength.wavelength   1.5418 
_diffrn_radiation_wavelength.wt           1.0 
# 
_diffrn_source.diffrn_id                   1 
_diffrn_source.source                      'ROTATING ANODE' 
_diffrn_source.type                        'RIGAKU FR-E' 
_diffrn_source.pdbx_wavelength_list        1.5418 
_diffrn_source.pdbx_wavelength             ? 
_diffrn_source.pdbx_synchrotron_site       ? 
_diffrn_source.pdbx_synchrotron_beamline   ? 
# 
_reflns.entry_id                     2FOL 
_reflns.d_resolution_low             30.00 
_reflns.d_resolution_high            2.62 
_reflns.number_obs                   5102 
_reflns.percent_possible_obs         100.000 
_reflns.pdbx_Rmerge_I_obs            0.088 
_reflns.pdbx_chi_squared             1.022 
_reflns.pdbx_redundancy              10.600 
_reflns.pdbx_scaling_rejects         ? 
_reflns.pdbx_netI_over_sigmaI        ? 
_reflns.pdbx_Rsym_value              ? 
_reflns.observed_criterion_sigma_F   ? 
_reflns.observed_criterion_sigma_I   ? 
_reflns.number_all                   ? 
_reflns.B_iso_Wilson_estimate        ? 
_reflns.R_free_details               ? 
_reflns.limit_h_max                  ? 
_reflns.limit_h_min                  ? 
_reflns.limit_k_max                  ? 
_reflns.limit_k_min                  ? 
_reflns.limit_l_max                  ? 
_reflns.limit_l_min                  ? 
_reflns.observed_criterion_F_max     ? 
_reflns.observed_criterion_F_min     ? 
_reflns.pdbx_ordinal                 1 
_reflns.pdbx_diffrn_id               1 
# 
loop_
_reflns_shell.d_res_low 
_reflns_shell.d_res_high 
_reflns_shell.number_measured_obs 
_reflns_shell.percent_possible_obs 
_reflns_shell.Rmerge_I_obs 
_reflns_shell.pdbx_chi_squared 
_reflns_shell.pdbx_redundancy 
_reflns_shell.number_unique_obs 
_reflns_shell.meanI_over_sigI_obs 
_reflns_shell.pdbx_Rsym_value 
_reflns_shell.percent_possible_all 
_reflns_shell.number_unique_all 
_reflns_shell.number_measured_all 
_reflns_shell.pdbx_ordinal 
_reflns_shell.pdbx_diffrn_id 
2.71  2.62 494 100.000 0.826 0.544 10.500 ? ? ? ? ? ? 1  1 
2.82  2.71 509 100.000 0.644 0.510 10.700 ? ? ? ? ? ? 2  1 
2.95  2.82 493 100.000 0.423 0.580 10.800 ? ? ? ? ? ? 3  1 
3.11  2.95 502 100.000 0.288 0.644 10.800 ? ? ? ? ? ? 4  1 
3.30  3.11 509 100.000 0.201 0.766 10.800 ? ? ? ? ? ? 5  1 
3.55  3.30 500 100.000 0.135 1.004 10.800 ? ? ? ? ? ? 6  1 
3.91  3.55 508 100.000 0.097 1.321 10.700 ? ? ? ? ? ? 7  1 
4.48  3.91 518 100.000 0.067 1.487 10.700 ? ? ? ? ? ? 8  1 
5.63  4.48 519 100.000 0.055 1.633 10.600 ? ? ? ? ? ? 9  1 
30.00 5.63 550 99.800  0.034 1.689 10.000 ? ? ? ? ? ? 10 1 
# 
_refine.details                                  'HYDROGENS HAVE BEEN ADDED IN THE RIDING POSITIONS' 
_refine.B_iso_mean                               36.747 
_refine.aniso_B[1][1]                            -0.603 
_refine.aniso_B[2][2]                            -0.603 
_refine.aniso_B[3][3]                            0.905 
_refine.aniso_B[1][2]                            -0.302 
_refine.aniso_B[1][3]                            0.000 
_refine.aniso_B[2][3]                            0.000 
_refine.solvent_model_details                    'MASK BULK SOLVENT' 
_refine.pdbx_solvent_vdw_probe_radii             1.200 
_refine.pdbx_solvent_ion_probe_radii             0.800 
_refine.pdbx_solvent_shrinkage_radii             0.800 
_refine.ls_d_res_high                            2.631 
_refine.ls_d_res_low                             30.000 
_refine.ls_number_reflns_R_free                  233 
_refine.ls_number_reflns_obs                     5048 
_refine.ls_R_factor_R_work                       0.199 
_refine.ls_R_factor_R_free                       0.2523 
_refine.ls_R_factor_all                          0.201 
_refine.ls_wR_factor_R_work                      0.167 
_refine.ls_wR_factor_R_free                      0.223 
_refine.ls_percent_reflns_obs                    99.980 
_refine.ls_percent_reflns_R_free                 4.616 
_refine.correlation_coeff_Fo_to_Fc               0.953 
_refine.correlation_coeff_Fo_to_Fc_free          0.923 
_refine.pdbx_overall_ESU_R                       ? 
_refine.pdbx_overall_ESU_R_Free                  0.347 
_refine.overall_SU_ML                            0.302 
_refine.overall_SU_B                             32.488 
_refine.entry_id                                 2FOL 
_refine.pdbx_ls_sigma_F                          ? 
_refine.pdbx_ls_sigma_I                          ? 
_refine.ls_number_reflns_all                     ? 
_refine.ls_R_factor_obs                          ? 
_refine.ls_redundancy_reflns_obs                 ? 
_refine.pdbx_data_cutoff_high_absF               ? 
_refine.pdbx_data_cutoff_low_absF                ? 
_refine.ls_number_parameters                     ? 
_refine.ls_number_restraints                     ? 
_refine.ls_R_factor_R_free_error                 ? 
_refine.ls_R_factor_R_free_error_details         ? 
_refine.pdbx_method_to_determine_struct          'MOLECULAR REPLACEMENT' 
_refine.pdbx_starting_model                      'pdb entries 1YZN, 1UKV' 
_refine.pdbx_ls_cross_valid_method               ? 
_refine.pdbx_R_Free_selection_details            ? 
_refine.pdbx_stereochem_target_val_spec_case     ? 
_refine.pdbx_stereochemistry_target_values       ? 
_refine.solvent_model_param_bsol                 ? 
_refine.solvent_model_param_ksol                 ? 
_refine.occupancy_max                            ? 
_refine.occupancy_min                            ? 
_refine.pdbx_isotropic_thermal_model             ? 
_refine.B_iso_min                                ? 
_refine.B_iso_max                                ? 
_refine.overall_SU_R_Cruickshank_DPI             ? 
_refine.overall_SU_R_free                        ? 
_refine.pdbx_data_cutoff_high_rms_absF           ? 
_refine.overall_FOM_free_R_set                   ? 
_refine.overall_FOM_work_R_set                   ? 
_refine.pdbx_refine_id                           'X-RAY DIFFRACTION' 
_refine.pdbx_TLS_residual_ADP_flag               'LIKELY RESIDUAL' 
_refine.pdbx_diffrn_id                           1 
_refine.pdbx_overall_phase_error                 ? 
_refine.pdbx_overall_SU_R_free_Cruickshank_DPI   ? 
_refine.pdbx_overall_SU_R_Blow_DPI               ? 
_refine.pdbx_overall_SU_R_free_Blow_DPI          ? 
# 
_refine_hist.pdbx_refine_id                   'X-RAY DIFFRACTION' 
_refine_hist.cycle_id                         LAST 
_refine_hist.pdbx_number_atoms_protein        1240 
_refine_hist.pdbx_number_atoms_nucleic_acid   0 
_refine_hist.pdbx_number_atoms_ligand         31 
_refine_hist.number_atoms_solvent             5 
_refine_hist.number_atoms_total               1276 
_refine_hist.d_res_high                       2.631 
_refine_hist.d_res_low                        30.000 
# 
loop_
_refine_ls_restr.type 
_refine_ls_restr.number 
_refine_ls_restr.dev_ideal 
_refine_ls_restr.dev_ideal_target 
_refine_ls_restr.weight 
_refine_ls_restr.pdbx_refine_id 
_refine_ls_restr.pdbx_restraint_function 
r_bond_refined_d         1289 0.019  0.022  ? 'X-RAY DIFFRACTION' ? 
r_bond_other_d           852  0.002  0.020  ? 'X-RAY DIFFRACTION' ? 
r_angle_refined_deg      1745 1.397  1.988  ? 'X-RAY DIFFRACTION' ? 
r_angle_other_deg        2087 0.797  3.000  ? 'X-RAY DIFFRACTION' ? 
r_dihedral_angle_1_deg   153  4.754  5.000  ? 'X-RAY DIFFRACTION' ? 
r_dihedral_angle_2_deg   57   38.020 25.088 ? 'X-RAY DIFFRACTION' ? 
r_dihedral_angle_3_deg   235  16.052 15.000 ? 'X-RAY DIFFRACTION' ? 
r_dihedral_angle_4_deg   5    24.925 15.000 ? 'X-RAY DIFFRACTION' ? 
r_chiral_restr           201  0.075  0.200  ? 'X-RAY DIFFRACTION' ? 
r_gen_planes_refined     1386 0.004  0.020  ? 'X-RAY DIFFRACTION' ? 
r_gen_planes_other       257  0.001  0.020  ? 'X-RAY DIFFRACTION' ? 
r_nbd_refined            302  0.223  0.300  ? 'X-RAY DIFFRACTION' ? 
r_nbd_other              879  0.209  0.300  ? 'X-RAY DIFFRACTION' ? 
r_nbtor_refined          615  0.191  0.500  ? 'X-RAY DIFFRACTION' ? 
r_nbtor_other            655  0.097  0.500  ? 'X-RAY DIFFRACTION' ? 
r_xyhbond_nbd_refined    66   0.190  0.500  ? 'X-RAY DIFFRACTION' ? 
r_metal_ion_refined      1    0.137  0.500  ? 'X-RAY DIFFRACTION' ? 
r_symmetry_vdw_refined   14   0.167  0.300  ? 'X-RAY DIFFRACTION' ? 
r_symmetry_vdw_other     26   0.277  0.300  ? 'X-RAY DIFFRACTION' ? 
r_symmetry_hbond_refined 2    0.227  0.500  ? 'X-RAY DIFFRACTION' ? 
r_mcbond_it              994  0.459  1.500  ? 'X-RAY DIFFRACTION' ? 
r_mcbond_other           317  0.069  1.500  ? 'X-RAY DIFFRACTION' ? 
r_mcangle_it             1237 0.599  2.000  ? 'X-RAY DIFFRACTION' ? 
r_mcangle_other          1019 0.268  2.000  ? 'X-RAY DIFFRACTION' ? 
r_scbond_it              640  0.990  3.000  ? 'X-RAY DIFFRACTION' ? 
r_scbond_other           766  0.287  3.000  ? 'X-RAY DIFFRACTION' ? 
r_scangle_it             508  1.662  4.500  ? 'X-RAY DIFFRACTION' ? 
r_scangle_other          1068 0.753  4.500  ? 'X-RAY DIFFRACTION' ? 
# 
loop_
_refine_ls_shell.pdbx_total_number_of_bins_used 
_refine_ls_shell.d_res_low 
_refine_ls_shell.d_res_high 
_refine_ls_shell.number_reflns_all 
_refine_ls_shell.percent_reflns_obs 
_refine_ls_shell.number_reflns_R_work 
_refine_ls_shell.R_factor_R_work 
_refine_ls_shell.R_factor_all 
_refine_ls_shell.number_reflns_R_free 
_refine_ls_shell.R_factor_R_free 
_refine_ls_shell.number_reflns_obs 
_refine_ls_shell.R_factor_R_free_error 
_refine_ls_shell.percent_reflns_R_free 
_refine_ls_shell.redundancy_reflns_obs 
_refine_ls_shell.pdbx_refine_id 
20 2.699  2.631  369 100.000 356 0.406 0.405 13 0.396 . . . . 'X-RAY DIFFRACTION' 
20 2.772  2.699  342 100.000 324 0.342 0.337 18 0.251 . . . . 'X-RAY DIFFRACTION' 
20 2.852  2.772  357 100.000 343 0.336 0.334 14 0.282 . . . . 'X-RAY DIFFRACTION' 
20 2.938  2.852  330 100.000 312 0.304 0.303 18 0.278 . . . . 'X-RAY DIFFRACTION' 
20 3.034  2.938  335 100.000 315 0.263 0.265 20 0.301 . . . . 'X-RAY DIFFRACTION' 
20 3.139  3.034  310 100.000 292 0.276 0.284 18 0.407 . . . . 'X-RAY DIFFRACTION' 
20 3.256  3.139  301 100.000 293 0.25  0.249 8  0.225 . . . . 'X-RAY DIFFRACTION' 
20 3.388  3.256  290 100.000 277 0.204 0.204 13 0.213 . . . . 'X-RAY DIFFRACTION' 
20 3.536  3.388  289 100.000 276 0.219 0.221 13 0.256 . . . . 'X-RAY DIFFRACTION' 
20 3.706  3.536  271 100.000 258 0.201 0.207 13 0.322 . . . . 'X-RAY DIFFRACTION' 
20 3.903  3.706  264 100.000 249 0.188 0.191 15 0.245 . . . . 'X-RAY DIFFRACTION' 
20 4.136  3.903  251 100.000 241 0.183 0.183 10 0.185 . . . . 'X-RAY DIFFRACTION' 
20 4.415  4.136  222 100.000 210 0.14  0.142 12 0.173 . . . . 'X-RAY DIFFRACTION' 
20 4.761  4.415  227 100.000 214 0.127 0.131 13 0.183 . . . . 'X-RAY DIFFRACTION' 
20 5.202  4.761  193 100.000 184 0.158 0.165 9  0.31  . . . . 'X-RAY DIFFRACTION' 
20 5.794  5.202  187 100.000 178 0.173 0.178 9  0.275 . . . . 'X-RAY DIFFRACTION' 
20 6.649  5.794  166 100.000 159 0.167 0.171 7  0.288 . . . . 'X-RAY DIFFRACTION' 
20 8.046  6.649  145 100.000 140 0.186 0.189 5  0.275 . . . . 'X-RAY DIFFRACTION' 
20 10.990 8.046  119 100.000 116 0.122 0.124 3  0.34  . . . . 'X-RAY DIFFRACTION' 
20 30.000 10.990 81  98.765  78  0.216 0.211 2  0.015 . . . . 'X-RAY DIFFRACTION' 
# 
_struct.entry_id                  2FOL 
_struct.title                     'Crystal structure of human RAB1A in complex with GDP' 
_struct.pdbx_model_details        ? 
_struct.pdbx_CASP_flag            ? 
_struct.pdbx_model_type_details   ? 
# 
_struct_keywords.text            
;G-PROTEIN, RAB, GTP ANALOGUE, STRUCTURAL GENOMICS, STRUCT URAL GENOMICS CONSORTIUM, SGC, Structural Genomics Consortium, PROTEIN TRANSPORT
;
_struct_keywords.entry_id        2FOL 
_struct_keywords.pdbx_keywords   'PROTEIN TRANSPORT' 
# 
loop_
_struct_asym.id 
_struct_asym.pdbx_blank_PDB_chainid_flag 
_struct_asym.pdbx_modified 
_struct_asym.entity_id 
_struct_asym.details 
A N N 1 ? 
B N N 2 ? 
C N N 3 ? 
D N N 4 ? 
E N N 4 ? 
F N N 5 ? 
# 
_struct_biol.id                    1 
_struct_biol.details               'not known' 
_struct_biol.pdbx_parent_biol_id   ? 
# 
loop_
_struct_conf.conf_type_id 
_struct_conf.id 
_struct_conf.pdbx_PDB_helix_id 
_struct_conf.beg_label_comp_id 
_struct_conf.beg_label_asym_id 
_struct_conf.beg_label_seq_id 
_struct_conf.pdbx_beg_PDB_ins_code 
_struct_conf.end_label_comp_id 
_struct_conf.end_label_asym_id 
_struct_conf.end_label_seq_id 
_struct_conf.pdbx_end_PDB_ins_code 
_struct_conf.beg_auth_comp_id 
_struct_conf.beg_auth_asym_id 
_struct_conf.beg_auth_seq_id 
_struct_conf.end_auth_comp_id 
_struct_conf.end_auth_asym_id 
_struct_conf.end_auth_seq_id 
_struct_conf.pdbx_PDB_helix_class 
_struct_conf.details 
_struct_conf.pdbx_PDB_helix_length 
HELX_P HELX_P1 1 GLY A 37  ? ASP A 48  ? GLY A 20  ASP A 31  1 ? 12 
HELX_P HELX_P2 2 ASP A 109 ? ASN A 115 ? ASP A 92  ASN A 98  1 ? 7  
HELX_P HELX_P3 3 ASN A 115 ? TYR A 126 ? ASN A 98  TYR A 109 1 ? 12 
HELX_P HELX_P4 4 ASP A 149 ? GLY A 161 ? ASP A 132 GLY A 144 1 ? 13 
HELX_P HELX_P5 5 ASN A 174 ? MET A 190 ? ASN A 157 MET A 173 1 ? 17 
# 
_struct_conf_type.id          HELX_P 
_struct_conf_type.criteria    ? 
_struct_conf_type.reference   ? 
# 
loop_
_struct_conn.id 
_struct_conn.conn_type_id 
_struct_conn.pdbx_leaving_atom_flag 
_struct_conn.pdbx_PDB_id 
_struct_conn.ptnr1_label_asym_id 
_struct_conn.ptnr1_label_comp_id 
_struct_conn.ptnr1_label_seq_id 
_struct_conn.ptnr1_label_atom_id 
_struct_conn.pdbx_ptnr1_label_alt_id 
_struct_conn.pdbx_ptnr1_PDB_ins_code 
_struct_conn.pdbx_ptnr1_standard_comp_id 
_struct_conn.ptnr1_symmetry 
_struct_conn.ptnr2_label_asym_id 
_struct_conn.ptnr2_label_comp_id 
_struct_conn.ptnr2_label_seq_id 
_struct_conn.ptnr2_label_atom_id 
_struct_conn.pdbx_ptnr2_label_alt_id 
_struct_conn.pdbx_ptnr2_PDB_ins_code 
_struct_conn.ptnr1_auth_asym_id 
_struct_conn.ptnr1_auth_comp_id 
_struct_conn.ptnr1_auth_seq_id 
_struct_conn.ptnr2_auth_asym_id 
_struct_conn.ptnr2_auth_comp_id 
_struct_conn.ptnr2_auth_seq_id 
_struct_conn.ptnr2_symmetry 
_struct_conn.pdbx_ptnr3_label_atom_id 
_struct_conn.pdbx_ptnr3_label_seq_id 
_struct_conn.pdbx_ptnr3_label_comp_id 
_struct_conn.pdbx_ptnr3_label_asym_id 
_struct_conn.pdbx_ptnr3_label_alt_id 
_struct_conn.pdbx_ptnr3_PDB_ins_code 
_struct_conn.details 
_struct_conn.pdbx_dist_value 
_struct_conn.pdbx_value_order 
_struct_conn.pdbx_role 
metalc1 metalc ? ? A SER 39 OG  ? ? ? 1_555 B MG  . MG ? ? A SER 22  A MG  202 1_555 ? ? ? ? ? ? ? 2.175 ? ? 
metalc2 metalc ? ? C GDP .  O1B ? ? ? 1_555 B MG  . MG ? ? A GDP 201 A MG  202 1_555 ? ? ? ? ? ? ? 2.698 ? ? 
metalc3 metalc ? ? C GDP .  O3B ? ? ? 1_555 B MG  . MG ? ? A GDP 201 A MG  202 1_555 ? ? ? ? ? ? ? 2.225 ? ? 
metalc4 metalc ? ? B MG  .  MG  ? ? ? 1_555 F HOH . O  ? ? A MG  202 A HOH 301 1_555 ? ? ? ? ? ? ? 1.853 ? ? 
metalc5 metalc ? ? B MG  .  MG  ? ? ? 1_555 F HOH . O  ? ? A MG  202 A HOH 302 1_555 ? ? ? ? ? ? ? 2.083 ? ? 
metalc6 metalc ? ? B MG  .  MG  ? ? ? 1_555 F HOH . O  ? ? A MG  202 A HOH 306 1_555 ? ? ? ? ? ? ? 2.317 ? ? 
# 
_struct_conn_type.id          metalc 
_struct_conn_type.criteria    ? 
_struct_conn_type.reference   ? 
# 
_struct_sheet.id               A 
_struct_sheet.type             ? 
_struct_sheet.number_strands   6 
_struct_sheet.details          ? 
# 
loop_
_struct_sheet_order.sheet_id 
_struct_sheet_order.range_id_1 
_struct_sheet_order.range_id_2 
_struct_sheet_order.offset 
_struct_sheet_order.sense 
A 1 2 ? anti-parallel 
A 2 3 ? parallel      
A 3 4 ? parallel      
A 4 5 ? parallel      
A 5 6 ? parallel      
# 
loop_
_struct_sheet_range.sheet_id 
_struct_sheet_range.id 
_struct_sheet_range.beg_label_comp_id 
_struct_sheet_range.beg_label_asym_id 
_struct_sheet_range.beg_label_seq_id 
_struct_sheet_range.pdbx_beg_PDB_ins_code 
_struct_sheet_range.end_label_comp_id 
_struct_sheet_range.end_label_asym_id 
_struct_sheet_range.end_label_seq_id 
_struct_sheet_range.pdbx_end_PDB_ins_code 
_struct_sheet_range.beg_auth_comp_id 
_struct_sheet_range.beg_auth_asym_id 
_struct_sheet_range.beg_auth_seq_id 
_struct_sheet_range.end_auth_comp_id 
_struct_sheet_range.end_auth_asym_id 
_struct_sheet_range.end_auth_seq_id 
A 1 LYS A 63  ? LEU A 69  ? LYS A 46  LEU A 52  
A 2 LYS A 72  ? TRP A 79  ? LYS A 55  TRP A 62  
A 3 TYR A 24  ? GLY A 32  ? TYR A 7   GLY A 15  
A 4 GLY A 100 ? ASP A 106 ? GLY A 83  ASP A 89  
A 5 ASN A 132 ? ASN A 138 ? ASN A 115 ASN A 121 
A 6 PHE A 164 ? GLU A 166 ? PHE A 147 GLU A 149 
# 
loop_
_pdbx_struct_sheet_hbond.sheet_id 
_pdbx_struct_sheet_hbond.range_id_1 
_pdbx_struct_sheet_hbond.range_id_2 
_pdbx_struct_sheet_hbond.range_1_label_atom_id 
_pdbx_struct_sheet_hbond.range_1_label_comp_id 
_pdbx_struct_sheet_hbond.range_1_label_asym_id 
_pdbx_struct_sheet_hbond.range_1_label_seq_id 
_pdbx_struct_sheet_hbond.range_1_PDB_ins_code 
_pdbx_struct_sheet_hbond.range_1_auth_atom_id 
_pdbx_struct_sheet_hbond.range_1_auth_comp_id 
_pdbx_struct_sheet_hbond.range_1_auth_asym_id 
_pdbx_struct_sheet_hbond.range_1_auth_seq_id 
_pdbx_struct_sheet_hbond.range_2_label_atom_id 
_pdbx_struct_sheet_hbond.range_2_label_comp_id 
_pdbx_struct_sheet_hbond.range_2_label_asym_id 
_pdbx_struct_sheet_hbond.range_2_label_seq_id 
_pdbx_struct_sheet_hbond.range_2_PDB_ins_code 
_pdbx_struct_sheet_hbond.range_2_auth_atom_id 
_pdbx_struct_sheet_hbond.range_2_auth_comp_id 
_pdbx_struct_sheet_hbond.range_2_auth_asym_id 
_pdbx_struct_sheet_hbond.range_2_auth_seq_id 
A 1 2 N LYS A 63  ? N LYS A 46  O ILE A 78  ? O ILE A 61  
A 2 3 O LYS A 75  ? O LYS A 58  N PHE A 26  ? N PHE A 9   
A 3 4 N LEU A 29  ? N LEU A 12  O ILE A 102 ? O ILE A 85  
A 4 5 N ILE A 101 ? N ILE A 84  O ASN A 132 ? O ASN A 115 
A 5 6 N LEU A 135 ? N LEU A 118 O LEU A 165 ? O LEU A 148 
# 
loop_
_struct_site.id 
_struct_site.pdbx_evidence_code 
_struct_site.pdbx_auth_asym_id 
_struct_site.pdbx_auth_comp_id 
_struct_site.pdbx_auth_seq_id 
_struct_site.pdbx_auth_ins_code 
_struct_site.pdbx_num_residues 
_struct_site.details 
AC1 Software A MG  202 ? 5  'BINDING SITE FOR RESIDUE MG A 202'  
AC2 Software A GDP 201 ? 21 'BINDING SITE FOR RESIDUE GDP A 201' 
AC3 Software A UNX 401 ? 2  'BINDING SITE FOR RESIDUE UNX A 401' 
AC4 Software A UNX 402 ? 6  'BINDING SITE FOR RESIDUE UNX A 402' 
# 
loop_
_struct_site_gen.id 
_struct_site_gen.site_id 
_struct_site_gen.pdbx_num_res 
_struct_site_gen.label_comp_id 
_struct_site_gen.label_asym_id 
_struct_site_gen.label_seq_id 
_struct_site_gen.pdbx_auth_ins_code 
_struct_site_gen.auth_comp_id 
_struct_site_gen.auth_asym_id 
_struct_site_gen.auth_seq_id 
_struct_site_gen.label_atom_id 
_struct_site_gen.label_alt_id 
_struct_site_gen.symmetry 
_struct_site_gen.details 
1  AC1 5  SER A 39  ? SER A 22  . ? 1_555 ? 
2  AC1 5  GDP C .   ? GDP A 201 . ? 1_555 ? 
3  AC1 5  HOH F .   ? HOH A 301 . ? 1_555 ? 
4  AC1 5  HOH F .   ? HOH A 302 . ? 1_555 ? 
5  AC1 5  HOH F .   ? HOH A 306 . ? 1_555 ? 
6  AC2 21 ASP A 33  ? ASP A 16  . ? 1_555 ? 
7  AC2 21 SER A 34  ? SER A 17  . ? 1_555 ? 
8  AC2 21 GLY A 35  ? GLY A 18  . ? 1_555 ? 
9  AC2 21 VAL A 36  ? VAL A 19  . ? 1_555 ? 
10 AC2 21 GLY A 37  ? GLY A 20  . ? 1_555 ? 
11 AC2 21 LYS A 38  ? LYS A 21  . ? 1_555 ? 
12 AC2 21 SER A 39  ? SER A 22  . ? 1_555 ? 
13 AC2 21 CYS A 40  ? CYS A 23  . ? 1_555 ? 
14 AC2 21 TYR A 50  ? TYR A 33  . ? 1_555 ? 
15 AC2 21 GLU A 52  ? GLU A 35  . ? 1_555 ? 
16 AC2 21 ASN A 138 ? ASN A 121 . ? 1_555 ? 
17 AC2 21 LYS A 139 ? LYS A 122 . ? 1_555 ? 
18 AC2 21 ASP A 141 ? ASP A 124 . ? 1_555 ? 
19 AC2 21 LEU A 142 ? LEU A 125 . ? 1_555 ? 
20 AC2 21 SER A 168 ? SER A 151 . ? 1_555 ? 
21 AC2 21 ALA A 169 ? ALA A 152 . ? 1_555 ? 
22 AC2 21 LYS A 170 ? LYS A 153 . ? 1_555 ? 
23 AC2 21 MG  B .   ? MG  A 202 . ? 1_555 ? 
24 AC2 21 HOH F .   ? HOH A 301 . ? 1_555 ? 
25 AC2 21 HOH F .   ? HOH A 302 . ? 1_555 ? 
26 AC2 21 HOH F .   ? HOH A 306 . ? 1_555 ? 
27 AC3 2  ASP A 109 ? ASP A 92  . ? 1_555 ? 
28 AC3 2  ASP A 109 ? ASP A 92  . ? 5_555 ? 
29 AC4 6  GLY A 59  ? GLY A 42  . ? 1_555 ? 
30 AC4 6  VAL A 60  ? VAL A 43  . ? 1_555 ? 
31 AC4 6  ALA A 98  ? ALA A 81  . ? 3_455 ? 
32 AC4 6  HIS A 99  ? HIS A 82  . ? 3_455 ? 
33 AC4 6  SER A 128 ? SER A 111 . ? 3_455 ? 
34 AC4 6  ARG A 189 ? ARG A 172 . ? 3_455 ? 
# 
_atom_sites.entry_id                    2FOL 
_atom_sites.fract_transf_matrix[1][1]   0.00872716 
_atom_sites.fract_transf_matrix[1][2]   0.00686840 
_atom_sites.fract_transf_matrix[1][3]   -0.01042604 
_atom_sites.fract_transf_matrix[2][1]   -0.00523794 
_atom_sites.fract_transf_matrix[2][2]   0.01219622 
_atom_sites.fract_transf_matrix[2][3]   -0.00748824 
_atom_sites.fract_transf_matrix[3][1]   0.00767750 
_atom_sites.fract_transf_matrix[3][2]   0.01216237 
_atom_sites.fract_transf_matrix[3][3]   0.01443874 
_atom_sites.fract_transf_vector[1]      -0.147173 
_atom_sites.fract_transf_vector[2]      0.249422 
_atom_sites.fract_transf_vector[3]      0.128264 
# 
loop_
_atom_type.symbol 
C  
MG 
N  
O  
P  
S  
X  
# 
loop_
_atom_site.group_PDB 
_atom_site.id 
_atom_site.type_symbol 
_atom_site.label_atom_id 
_atom_site.label_alt_id 
_atom_site.label_comp_id 
_atom_site.label_asym_id 
_atom_site.label_entity_id 
_atom_site.label_seq_id 
_atom_site.pdbx_PDB_ins_code 
_atom_site.Cartn_x 
_atom_site.Cartn_y 
_atom_site.Cartn_z 
_atom_site.occupancy 
_atom_site.B_iso_or_equiv 
_atom_site.pdbx_formal_charge 
_atom_site.auth_seq_id 
_atom_site.auth_comp_id 
_atom_site.auth_asym_id 
_atom_site.auth_atom_id 
_atom_site.pdbx_PDB_model_num 
ATOM   1    N  N     . TYR A 1 22  ? -16.975 16.683  0.245   1.00 39.90 ? 5   TYR A N     1 
ATOM   2    C  CA    . TYR A 1 22  ? -16.017 15.729  -0.424  1.00 39.69 ? 5   TYR A CA    1 
ATOM   3    C  C     . TYR A 1 22  ? -16.210 15.686  -1.924  1.00 39.43 ? 5   TYR A C     1 
ATOM   4    O  O     . TYR A 1 22  ? -17.327 15.842  -2.423  1.00 39.63 ? 5   TYR A O     1 
ATOM   5    C  CB    . TYR A 1 22  ? -16.159 14.314  0.123   1.00 39.94 ? 5   TYR A CB    1 
ATOM   6    C  CG    . TYR A 1 22  ? -15.799 14.203  1.569   1.00 40.36 ? 5   TYR A CG    1 
ATOM   7    C  CD1   . TYR A 1 22  ? -14.453 14.186  1.993   1.00 40.75 ? 5   TYR A CD1   1 
ATOM   8    C  CD2   . TYR A 1 22  ? -16.797 14.108  2.533   1.00 41.11 ? 5   TYR A CD2   1 
ATOM   9    C  CE1   . TYR A 1 22  ? -14.130 14.072  3.375   1.00 40.89 ? 5   TYR A CE1   1 
ATOM   10   C  CE2   . TYR A 1 22  ? -16.496 14.003  3.892   1.00 40.57 ? 5   TYR A CE2   1 
ATOM   11   C  CZ    . TYR A 1 22  ? -15.182 13.988  4.314   1.00 40.90 ? 5   TYR A CZ    1 
ATOM   12   O  OH    . TYR A 1 22  ? -14.955 13.883  5.674   1.00 41.09 ? 5   TYR A OH    1 
ATOM   13   N  N     . ASP A 1 23  ? -15.109 15.470  -2.631  1.00 39.04 ? 6   ASP A N     1 
ATOM   14   C  CA    . ASP A 1 23  ? -15.102 15.422  -4.072  1.00 39.14 ? 6   ASP A CA    1 
ATOM   15   C  C     . ASP A 1 23  ? -15.227 13.973  -4.540  1.00 38.90 ? 6   ASP A C     1 
ATOM   16   O  O     . ASP A 1 23  ? -15.845 13.702  -5.568  1.00 38.20 ? 6   ASP A O     1 
ATOM   17   C  CB    . ASP A 1 23  ? -13.800 16.047  -4.601  1.00 39.45 ? 6   ASP A CB    1 
ATOM   18   C  CG    . ASP A 1 23  ? -13.769 17.578  -4.452  1.00 39.79 ? 6   ASP A CG    1 
ATOM   19   O  OD1   . ASP A 1 23  ? -14.277 18.280  -5.356  1.00 38.81 ? 6   ASP A OD1   1 
ATOM   20   O  OD2   . ASP A 1 23  ? -13.214 18.069  -3.440  1.00 40.94 ? 6   ASP A OD2   1 
ATOM   21   N  N     . TYR A 1 24  ? -14.614 13.067  -3.769  1.00 39.13 ? 7   TYR A N     1 
ATOM   22   C  CA    . TYR A 1 24  ? -14.665 11.629  -3.995  1.00 39.23 ? 7   TYR A CA    1 
ATOM   23   C  C     . TYR A 1 24  ? -14.529 10.875  -2.677  1.00 39.14 ? 7   TYR A C     1 
ATOM   24   O  O     . TYR A 1 24  ? -14.052 11.403  -1.684  1.00 38.37 ? 7   TYR A O     1 
ATOM   25   C  CB    . TYR A 1 24  ? -13.511 11.148  -4.871  1.00 39.47 ? 7   TYR A CB    1 
ATOM   26   C  CG    . TYR A 1 24  ? -13.291 11.884  -6.168  1.00 39.89 ? 7   TYR A CG    1 
ATOM   27   C  CD1   . TYR A 1 24  ? -12.318 12.900  -6.279  1.00 40.03 ? 7   TYR A CD1   1 
ATOM   28   C  CD2   . TYR A 1 24  ? -14.018 11.547  -7.302  1.00 40.35 ? 7   TYR A CD2   1 
ATOM   29   C  CE1   . TYR A 1 24  ? -12.097 13.563  -7.497  1.00 40.06 ? 7   TYR A CE1   1 
ATOM   30   C  CE2   . TYR A 1 24  ? -13.814 12.208  -8.522  1.00 40.39 ? 7   TYR A CE2   1 
ATOM   31   C  CZ    . TYR A 1 24  ? -12.857 13.204  -8.620  1.00 40.28 ? 7   TYR A CZ    1 
ATOM   32   O  OH    . TYR A 1 24  ? -12.697 13.835  -9.842  1.00 40.38 ? 7   TYR A OH    1 
ATOM   33   N  N     . LEU A 1 25  ? -14.960 9.623   -2.707  1.00 39.72 ? 8   LEU A N     1 
ATOM   34   C  CA    . LEU A 1 25  ? -14.718 8.662   -1.642  1.00 40.00 ? 8   LEU A CA    1 
ATOM   35   C  C     . LEU A 1 25  ? -13.966 7.505   -2.285  1.00 40.08 ? 8   LEU A C     1 
ATOM   36   O  O     . LEU A 1 25  ? -14.518 6.820   -3.145  1.00 39.31 ? 8   LEU A O     1 
ATOM   37   C  CB    . LEU A 1 25  ? -16.028 8.133   -1.025  1.00 40.29 ? 8   LEU A CB    1 
ATOM   38   C  CG    . LEU A 1 25  ? -15.805 6.908   -0.078  1.00 40.49 ? 8   LEU A CG    1 
ATOM   39   C  CD1   . LEU A 1 25  ? -14.883 7.303   1.095   1.00 42.06 ? 8   LEU A CD1   1 
ATOM   40   C  CD2   . LEU A 1 25  ? -17.094 6.284   0.448   1.00 40.03 ? 8   LEU A CD2   1 
ATOM   41   N  N     . PHE A 1 26  ? -12.709 7.296   -1.877  1.00 40.61 ? 9   PHE A N     1 
ATOM   42   C  CA    . PHE A 1 26  ? -11.881 6.246   -2.479  1.00 40.90 ? 9   PHE A CA    1 
ATOM   43   C  C     . PHE A 1 26  ? -11.653 5.106   -1.500  1.00 41.09 ? 9   PHE A C     1 
ATOM   44   O  O     . PHE A 1 26  ? -11.141 5.279   -0.368  1.00 40.95 ? 9   PHE A O     1 
ATOM   45   C  CB    . PHE A 1 26  ? -10.543 6.793   -3.051  1.00 40.84 ? 9   PHE A CB    1 
ATOM   46   C  CG    . PHE A 1 26  ? -10.703 7.660   -4.325  1.00 41.13 ? 9   PHE A CG    1 
ATOM   47   C  CD1   . PHE A 1 26  ? -9.673  8.482   -4.748  1.00 41.08 ? 9   PHE A CD1   1 
ATOM   48   C  CD2   . PHE A 1 26  ? -11.889 7.666   -5.074  1.00 41.13 ? 9   PHE A CD2   1 
ATOM   49   C  CE1   . PHE A 1 26  ? -9.813  9.265   -5.905  1.00 40.96 ? 9   PHE A CE1   1 
ATOM   50   C  CE2   . PHE A 1 26  ? -12.019 8.470   -6.215  1.00 40.38 ? 9   PHE A CE2   1 
ATOM   51   C  CZ    . PHE A 1 26  ? -10.993 9.255   -6.618  1.00 40.01 ? 9   PHE A CZ    1 
ATOM   52   N  N     . LYS A 1 27  ? -12.029 3.932   -1.978  1.00 41.34 ? 10  LYS A N     1 
ATOM   53   C  CA    . LYS A 1 27  ? -12.056 2.717   -1.190  1.00 41.74 ? 10  LYS A CA    1 
ATOM   54   C  C     . LYS A 1 27  ? -10.820 1.862   -1.524  1.00 41.55 ? 10  LYS A C     1 
ATOM   55   O  O     . LYS A 1 27  ? -10.733 1.274   -2.605  1.00 41.40 ? 10  LYS A O     1 
ATOM   56   C  CB    . LYS A 1 27  ? -13.350 1.991   -1.510  1.00 41.84 ? 10  LYS A CB    1 
ATOM   57   C  CG    . LYS A 1 27  ? -13.982 1.343   -0.368  1.00 42.80 ? 10  LYS A CG    1 
ATOM   58   C  CD    . LYS A 1 27  ? -15.369 0.825   -0.725  1.00 42.95 ? 10  LYS A CD    1 
ATOM   59   C  CE    . LYS A 1 27  ? -16.421 1.930   -0.682  1.00 43.93 ? 10  LYS A CE    1 
ATOM   60   N  NZ    . LYS A 1 27  ? -17.778 1.325   -0.374  1.00 45.12 ? 10  LYS A NZ    1 
ATOM   61   N  N     . LEU A 1 28  ? -9.867  1.836   -0.581  1.00 41.80 ? 11  LEU A N     1 
ATOM   62   C  CA    . LEU A 1 28  ? -8.544  1.206   -0.756  1.00 41.79 ? 11  LEU A CA    1 
ATOM   63   C  C     . LEU A 1 28  ? -8.417  -0.090  0.047   1.00 41.67 ? 11  LEU A C     1 
ATOM   64   O  O     . LEU A 1 28  ? -9.149  -0.323  1.000   1.00 41.33 ? 11  LEU A O     1 
ATOM   65   C  CB    . LEU A 1 28  ? -7.429  2.165   -0.316  1.00 41.89 ? 11  LEU A CB    1 
ATOM   66   C  CG    . LEU A 1 28  ? -6.916  3.268   -1.250  1.00 42.66 ? 11  LEU A CG    1 
ATOM   67   C  CD1   . LEU A 1 28  ? -8.034  3.930   -2.011  1.00 43.58 ? 11  LEU A CD1   1 
ATOM   68   C  CD2   . LEU A 1 28  ? -6.143  4.289   -0.434  1.00 41.48 ? 11  LEU A CD2   1 
ATOM   69   N  N     . LEU A 1 29  ? -7.438  -0.909  -0.329  1.00 42.00 ? 12  LEU A N     1 
ATOM   70   C  CA    . LEU A 1 29  ? -7.273  -2.250  0.223   1.00 42.02 ? 12  LEU A CA    1 
ATOM   71   C  C     . LEU A 1 29  ? -5.782  -2.667  0.223   1.00 42.04 ? 12  LEU A C     1 
ATOM   72   O  O     . LEU A 1 29  ? -5.122  -2.631  -0.818  1.00 42.26 ? 12  LEU A O     1 
ATOM   73   C  CB    . LEU A 1 29  ? -8.125  -3.213  -0.624  1.00 41.92 ? 12  LEU A CB    1 
ATOM   74   C  CG    . LEU A 1 29  ? -8.239  -4.689  -0.263  1.00 42.08 ? 12  LEU A CG    1 
ATOM   75   C  CD1   . LEU A 1 29  ? -8.857  -4.801  1.080   1.00 42.28 ? 12  LEU A CD1   1 
ATOM   76   C  CD2   . LEU A 1 29  ? -9.063  -5.499  -1.316  1.00 41.85 ? 12  LEU A CD2   1 
ATOM   77   N  N     . LEU A 1 30  ? -5.264  -3.055  1.392   1.00 42.23 ? 13  LEU A N     1 
ATOM   78   C  CA    . LEU A 1 30  ? -3.863  -3.527  1.532   1.00 42.27 ? 13  LEU A CA    1 
ATOM   79   C  C     . LEU A 1 30  ? -3.726  -5.078  1.488   1.00 42.37 ? 13  LEU A C     1 
ATOM   80   O  O     . LEU A 1 30  ? -4.256  -5.783  2.364   1.00 42.28 ? 13  LEU A O     1 
ATOM   81   C  CB    . LEU A 1 30  ? -3.240  -3.031  2.856   1.00 42.23 ? 13  LEU A CB    1 
ATOM   82   C  CG    . LEU A 1 30  ? -3.103  -1.530  3.203   1.00 42.28 ? 13  LEU A CG    1 
ATOM   83   C  CD1   . LEU A 1 30  ? -2.156  -1.365  4.389   1.00 42.34 ? 13  LEU A CD1   1 
ATOM   84   C  CD2   . LEU A 1 30  ? -2.586  -0.703  2.060   1.00 42.22 ? 13  LEU A CD2   1 
ATOM   85   N  N     . ILE A 1 31  ? -2.999  -5.591  0.487   1.00 42.53 ? 14  ILE A N     1 
ATOM   86   C  CA    . ILE A 1 31  ? -2.664  -7.032  0.412   1.00 42.09 ? 14  ILE A CA    1 
ATOM   87   C  C     . ILE A 1 31  ? -1.176  -7.205  0.719   1.00 41.81 ? 14  ILE A C     1 
ATOM   88   O  O     . ILE A 1 31  ? -0.425  -6.248  0.680   1.00 41.30 ? 14  ILE A O     1 
ATOM   89   C  CB    . ILE A 1 31  ? -2.847  -7.678  -1.009  1.00 42.15 ? 14  ILE A CB    1 
ATOM   90   C  CG1   . ILE A 1 31  ? -3.798  -6.946  -1.933  1.00 42.54 ? 14  ILE A CG1   1 
ATOM   91   C  CG2   . ILE A 1 31  ? -3.346  -9.061  -0.877  1.00 42.98 ? 14  ILE A CG2   1 
ATOM   92   C  CD1   . ILE A 1 31  ? -3.669  -7.451  -3.406  1.00 41.33 ? 14  ILE A CD1   1 
ATOM   93   N  N     . GLY A 1 32  ? -0.757  -8.444  0.979   1.00 41.88 ? 15  GLY A N     1 
ATOM   94   C  CA    . GLY A 1 32  ? 0.666   -8.778  1.150   1.00 42.13 ? 15  GLY A CA    1 
ATOM   95   C  C     . GLY A 1 32  ? 0.899   -9.855  2.195   1.00 42.24 ? 15  GLY A C     1 
ATOM   96   O  O     . GLY A 1 32  ? 0.014   -10.167 2.975   1.00 42.59 ? 15  GLY A O     1 
ATOM   97   N  N     . ASP A 1 33  ? 2.092   -10.437 2.212   1.00 42.62 ? 16  ASP A N     1 
ATOM   98   C  CA    . ASP A 1 33  ? 2.442   -11.436 3.242   1.00 42.67 ? 16  ASP A CA    1 
ATOM   99   C  C     . ASP A 1 33  ? 2.437   -10.810 4.656   1.00 42.94 ? 16  ASP A C     1 
ATOM   100  O  O     . ASP A 1 33  ? 2.591   -9.582  4.826   1.00 42.83 ? 16  ASP A O     1 
ATOM   101  C  CB    . ASP A 1 33  ? 3.851   -12.052 2.998   1.00 42.58 ? 16  ASP A CB    1 
ATOM   102  C  CG    . ASP A 1 33  ? 3.915   -13.004 1.790   1.00 41.39 ? 16  ASP A CG    1 
ATOM   103  O  OD1   . ASP A 1 33  ? 2.910   -13.166 1.083   1.00 41.85 ? 16  ASP A OD1   1 
ATOM   104  O  OD2   . ASP A 1 33  ? 4.997   -13.588 1.566   1.00 38.48 ? 16  ASP A OD2   1 
ATOM   105  N  N     . SER A 1 34  ? 2.282   -11.675 5.660   1.00 43.30 ? 17  SER A N     1 
ATOM   106  C  CA    . SER A 1 34  ? 2.362   -11.279 7.065   1.00 43.54 ? 17  SER A CA    1 
ATOM   107  C  C     . SER A 1 34  ? 3.767   -10.823 7.445   1.00 43.74 ? 17  SER A C     1 
ATOM   108  O  O     . SER A 1 34  ? 4.768   -11.383 6.978   1.00 43.77 ? 17  SER A O     1 
ATOM   109  C  CB    . SER A 1 34  ? 2.020   -12.456 7.955   1.00 43.62 ? 17  SER A CB    1 
ATOM   110  O  OG    . SER A 1 34  ? 0.798   -13.020 7.568   1.00 44.71 ? 17  SER A OG    1 
ATOM   111  N  N     . GLY A 1 35  ? 3.837   -9.832  8.327   1.00 43.70 ? 18  GLY A N     1 
ATOM   112  C  CA    . GLY A 1 35  ? 5.116   -9.335  8.815   1.00 43.27 ? 18  GLY A CA    1 
ATOM   113  C  C     . GLY A 1 35  ? 5.731   -8.314  7.887   1.00 43.10 ? 18  GLY A C     1 
ATOM   114  O  O     . GLY A 1 35  ? 6.888   -7.920  8.077   1.00 43.80 ? 18  GLY A O     1 
ATOM   115  N  N     . VAL A 1 36  ? 4.967   -7.864  6.895   1.00 42.49 ? 19  VAL A N     1 
ATOM   116  C  CA    . VAL A 1 36  ? 5.462   -6.865  5.961   1.00 41.94 ? 19  VAL A CA    1 
ATOM   117  C  C     . VAL A 1 36  ? 5.234   -5.471  6.513   1.00 41.33 ? 19  VAL A C     1 
ATOM   118  O  O     . VAL A 1 36  ? 5.981   -4.567  6.207   1.00 41.30 ? 19  VAL A O     1 
ATOM   119  C  CB    . VAL A 1 36  ? 4.834   -7.052  4.555   1.00 41.82 ? 19  VAL A CB    1 
ATOM   120  C  CG1   . VAL A 1 36  ? 5.157   -8.480  4.023   1.00 41.41 ? 19  VAL A CG1   1 
ATOM   121  C  CG2   . VAL A 1 36  ? 3.323   -6.814  4.583   1.00 41.50 ? 19  VAL A CG2   1 
ATOM   122  N  N     . GLY A 1 37  ? 4.217   -5.304  7.343   1.00 41.05 ? 20  GLY A N     1 
ATOM   123  C  CA    . GLY A 1 37  ? 3.925   -4.000  7.935   1.00 41.42 ? 20  GLY A CA    1 
ATOM   124  C  C     . GLY A 1 37  ? 2.640   -3.305  7.453   1.00 41.31 ? 20  GLY A C     1 
ATOM   125  O  O     . GLY A 1 37  ? 2.489   -2.078  7.593   1.00 41.04 ? 20  GLY A O     1 
ATOM   126  N  N     . LYS A 1 38  ? 1.707   -4.062  6.895   1.00 41.17 ? 21  LYS A N     1 
ATOM   127  C  CA    . LYS A 1 38  ? 0.487   -3.446  6.377   1.00 41.44 ? 21  LYS A CA    1 
ATOM   128  C  C     . LYS A 1 38  ? -0.258  -2.745  7.485   1.00 41.56 ? 21  LYS A C     1 
ATOM   129  O  O     . LYS A 1 38  ? -0.738  -1.626  7.306   1.00 41.33 ? 21  LYS A O     1 
ATOM   130  C  CB    . LYS A 1 38  ? -0.441  -4.479  5.746   1.00 41.50 ? 21  LYS A CB    1 
ATOM   131  C  CG    . LYS A 1 38  ? 0.155   -5.259  4.549   1.00 41.53 ? 21  LYS A CG    1 
ATOM   132  C  CD    . LYS A 1 38  ? -0.602  -6.572  4.296   1.00 40.86 ? 21  LYS A CD    1 
ATOM   133  C  CE    . LYS A 1 38  ? -0.415  -7.490  5.452   1.00 39.42 ? 21  LYS A CE    1 
ATOM   134  N  NZ    . LYS A 1 38  ? -1.127  -8.681  5.259   1.00 38.93 ? 21  LYS A NZ    1 
ATOM   135  N  N     . SER A 1 39  ? -0.378  -3.425  8.624   1.00 41.82 ? 22  SER A N     1 
ATOM   136  C  CA    . SER A 1 39  ? -1.065  -2.876  9.786   1.00 42.22 ? 22  SER A CA    1 
ATOM   137  C  C     . SER A 1 39  ? -0.324  -1.658  10.361  1.00 42.30 ? 22  SER A C     1 
ATOM   138  O  O     . SER A 1 39  ? -0.949  -0.700  10.854  1.00 42.14 ? 22  SER A O     1 
ATOM   139  C  CB    . SER A 1 39  ? -1.229  -3.950  10.859  1.00 42.38 ? 22  SER A CB    1 
ATOM   140  O  OG    . SER A 1 39  ? -1.934  -5.074  10.340  1.00 43.42 ? 22  SER A OG    1 
ATOM   141  N  N     . CYS A 1 40  ? 1.003   -1.690  10.300  1.00 42.43 ? 23  CYS A N     1 
ATOM   142  C  CA    . CYS A 1 40  ? 1.795   -0.557  10.753  1.00 42.44 ? 23  CYS A CA    1 
ATOM   143  C  C     . CYS A 1 40  ? 1.567   0.647   9.851   1.00 42.74 ? 23  CYS A C     1 
ATOM   144  O  O     . CYS A 1 40  ? 1.339   1.759   10.338  1.00 42.83 ? 23  CYS A O     1 
ATOM   145  C  CB    . CYS A 1 40  ? 3.279   -0.903  10.770  1.00 42.51 ? 23  CYS A CB    1 
ATOM   146  S  SG    . CYS A 1 40  ? 3.771   -1.863  12.161  1.00 40.83 ? 23  CYS A SG    1 
ATOM   147  N  N     . LEU A 1 41  ? 1.642   0.414   8.535   1.00 42.75 ? 24  LEU A N     1 
ATOM   148  C  CA    . LEU A 1 41  ? 1.473   1.472   7.542   1.00 42.83 ? 24  LEU A CA    1 
ATOM   149  C  C     . LEU A 1 41  ? 0.136   2.148   7.697   1.00 42.86 ? 24  LEU A C     1 
ATOM   150  O  O     . LEU A 1 41  ? 0.051   3.364   7.867   1.00 42.86 ? 24  LEU A O     1 
ATOM   151  C  CB    . LEU A 1 41  ? 1.567   0.893   6.134   1.00 43.17 ? 24  LEU A CB    1 
ATOM   152  C  CG    . LEU A 1 41  ? 2.959   0.557   5.593   1.00 43.65 ? 24  LEU A CG    1 
ATOM   153  C  CD1   . LEU A 1 41  ? 2.860   -0.318  4.312   1.00 42.96 ? 24  LEU A CD1   1 
ATOM   154  C  CD2   . LEU A 1 41  ? 3.760   1.883   5.359   1.00 43.55 ? 24  LEU A CD2   1 
ATOM   155  N  N     . LEU A 1 42  ? -0.912  1.333   7.628   1.00 43.16 ? 25  LEU A N     1 
ATOM   156  C  CA    . LEU A 1 42  ? -2.305  1.779   7.820   1.00 42.78 ? 25  LEU A CA    1 
ATOM   157  C  C     . LEU A 1 42  ? -2.523  2.572   9.117   1.00 42.44 ? 25  LEU A C     1 
ATOM   158  O  O     . LEU A 1 42  ? -3.210  3.572   9.095   1.00 43.31 ? 25  LEU A O     1 
ATOM   159  C  CB    . LEU A 1 42  ? -3.254  0.571   7.772   1.00 42.65 ? 25  LEU A CB    1 
ATOM   160  C  CG    . LEU A 1 42  ? -4.728  0.876   8.034   1.00 43.45 ? 25  LEU A CG    1 
ATOM   161  C  CD1   . LEU A 1 42  ? -5.224  2.092   7.200   1.00 42.49 ? 25  LEU A CD1   1 
ATOM   162  C  CD2   . LEU A 1 42  ? -5.587  -0.389  7.785   1.00 43.13 ? 25  LEU A CD2   1 
ATOM   163  N  N     . LEU A 1 43  ? -1.954  2.138   10.234  1.00 41.95 ? 26  LEU A N     1 
ATOM   164  C  CA    . LEU A 1 43  ? -2.173  2.856   11.507  1.00 41.82 ? 26  LEU A CA    1 
ATOM   165  C  C     . LEU A 1 43  ? -1.321  4.140   11.566  1.00 41.51 ? 26  LEU A C     1 
ATOM   166  O  O     . LEU A 1 43  ? -1.736  5.157   12.129  1.00 41.03 ? 26  LEU A O     1 
ATOM   167  C  CB    . LEU A 1 43  ? -1.917  1.936   12.726  1.00 41.63 ? 26  LEU A CB    1 
ATOM   168  C  CG    . LEU A 1 43  ? -2.908  0.757   12.928  1.00 41.18 ? 26  LEU A CG    1 
ATOM   169  C  CD1   . LEU A 1 43  ? -2.495  -0.137  14.066  1.00 39.54 ? 26  LEU A CD1   1 
ATOM   170  C  CD2   . LEU A 1 43  ? -4.358  1.227   13.137  1.00 40.49 ? 26  LEU A CD2   1 
ATOM   171  N  N     . ARG A 1 44  ? -0.132  4.076   10.982  1.00 41.39 ? 27  ARG A N     1 
ATOM   172  C  CA    . ARG A 1 44  ? 0.706   5.238   10.848  1.00 41.43 ? 27  ARG A CA    1 
ATOM   173  C  C     . ARG A 1 44  ? -0.042  6.292   10.036  1.00 41.35 ? 27  ARG A C     1 
ATOM   174  O  O     . ARG A 1 44  ? -0.213  7.441   10.465  1.00 41.31 ? 27  ARG A O     1 
ATOM   175  C  CB    . ARG A 1 44  ? 2.028   4.851   10.144  1.00 41.57 ? 27  ARG A CB    1 
ATOM   176  C  CG    . ARG A 1 44  ? 2.835   6.019   9.508   1.00 41.43 ? 27  ARG A CG    1 
ATOM   177  C  CD    . ARG A 1 44  ? 3.315   6.999   10.556  1.00 41.62 ? 27  ARG A CD    1 
ATOM   178  N  NE    . ARG A 1 44  ? 4.417   6.464   11.345  1.00 41.33 ? 27  ARG A NE    1 
ATOM   179  C  CZ    . ARG A 1 44  ? 4.785   6.920   12.542  1.00 40.94 ? 27  ARG A CZ    1 
ATOM   180  N  NH1   . ARG A 1 44  ? 4.164   7.936   13.141  1.00 40.92 ? 27  ARG A NH1   1 
ATOM   181  N  NH2   . ARG A 1 44  ? 5.790   6.350   13.145  1.00 41.19 ? 27  ARG A NH2   1 
ATOM   182  N  N     . PHE A 1 45  ? -0.492  5.882   8.862   1.00 41.47 ? 28  PHE A N     1 
ATOM   183  C  CA    . PHE A 1 45  ? -1.142  6.777   7.942   1.00 41.15 ? 28  PHE A CA    1 
ATOM   184  C  C     . PHE A 1 45  ? -2.432  7.347   8.488   1.00 40.80 ? 28  PHE A C     1 
ATOM   185  O  O     . PHE A 1 45  ? -2.662  8.538   8.387   1.00 41.22 ? 28  PHE A O     1 
ATOM   186  C  CB    . PHE A 1 45  ? -1.435  6.082   6.620   1.00 41.77 ? 28  PHE A CB    1 
ATOM   187  C  CG    . PHE A 1 45  ? -2.258  6.930   5.686   1.00 42.43 ? 28  PHE A CG    1 
ATOM   188  C  CD1   . PHE A 1 45  ? -1.784  8.188   5.273   1.00 42.69 ? 28  PHE A CD1   1 
ATOM   189  C  CD2   . PHE A 1 45  ? -3.523  6.495   5.242   1.00 43.57 ? 28  PHE A CD2   1 
ATOM   190  C  CE1   . PHE A 1 45  ? -2.527  8.979   4.431   1.00 42.52 ? 28  PHE A CE1   1 
ATOM   191  C  CE2   . PHE A 1 45  ? -4.279  7.282   4.395   1.00 43.11 ? 28  PHE A CE2   1 
ATOM   192  C  CZ    . PHE A 1 45  ? -3.779  8.537   3.979   1.00 42.84 ? 28  PHE A CZ    1 
ATOM   193  N  N     . ALA A 1 46  ? -3.270  6.493   9.051   1.00 40.09 ? 29  ALA A N     1 
ATOM   194  C  CA    . ALA A 1 46  ? -4.541  6.916   9.638   1.00 39.66 ? 29  ALA A CA    1 
ATOM   195  C  C     . ALA A 1 46  ? -4.384  7.657   10.953  1.00 39.10 ? 29  ALA A C     1 
ATOM   196  O  O     . ALA A 1 46  ? -4.996  8.670   11.158  1.00 38.79 ? 29  ALA A O     1 
ATOM   197  C  CB    . ALA A 1 46  ? -5.420  5.708   9.863   1.00 38.96 ? 29  ALA A CB    1 
ATOM   198  N  N     . ASP A 1 47  ? -3.567  7.130   11.852  1.00 39.43 ? 30  ASP A N     1 
ATOM   199  C  CA    . ASP A 1 47  ? -3.549  7.591   13.271  1.00 39.52 ? 30  ASP A CA    1 
ATOM   200  C  C     . ASP A 1 47  ? -2.255  8.255   13.740  1.00 39.48 ? 30  ASP A C     1 
ATOM   201  O  O     . ASP A 1 47  ? -2.213  8.916   14.778  1.00 38.84 ? 30  ASP A O     1 
ATOM   202  C  CB    . ASP A 1 47  ? -3.871  6.390   14.168  1.00 39.31 ? 30  ASP A CB    1 
ATOM   203  C  CG    . ASP A 1 47  ? -5.173  5.733   13.777  1.00 38.70 ? 30  ASP A CG    1 
ATOM   204  O  OD1   . ASP A 1 47  ? -5.322  4.517   13.914  1.00 37.37 ? 30  ASP A OD1   1 
ATOM   205  O  OD2   . ASP A 1 47  ? -6.054  6.458   13.299  1.00 38.49 ? 30  ASP A OD2   1 
ATOM   206  N  N     . ASP A 1 48  ? -1.205  8.075   12.965  1.00 39.99 ? 31  ASP A N     1 
ATOM   207  C  CA    . ASP A 1 48  ? 0.077   8.587   13.324  1.00 40.40 ? 31  ASP A CA    1 
ATOM   208  C  C     . ASP A 1 48  ? 0.607   7.864   14.564  1.00 40.67 ? 31  ASP A C     1 
ATOM   209  O  O     . ASP A 1 48  ? 1.261   8.465   15.428  1.00 41.42 ? 31  ASP A O     1 
ATOM   210  C  CB    . ASP A 1 48  ? -0.004  10.083  13.566  1.00 40.60 ? 31  ASP A CB    1 
ATOM   211  C  CG    . ASP A 1 48  ? 1.338   10.752  13.437  1.00 41.87 ? 31  ASP A CG    1 
ATOM   212  O  OD1   . ASP A 1 48  ? 2.027   10.488  12.427  1.00 45.20 ? 31  ASP A OD1   1 
ATOM   213  O  OD2   . ASP A 1 48  ? 1.719   11.526  14.343  1.00 43.85 ? 31  ASP A OD2   1 
ATOM   214  N  N     . THR A 1 49  ? 0.321   6.573   14.656  1.00 40.55 ? 32  THR A N     1 
ATOM   215  C  CA    . THR A 1 49  ? 0.799   5.776   15.747  1.00 40.56 ? 32  THR A CA    1 
ATOM   216  C  C     . THR A 1 49  ? 1.763   4.775   15.150  1.00 40.80 ? 32  THR A C     1 
ATOM   217  O  O     . THR A 1 49  ? 1.852   4.651   13.927  1.00 41.09 ? 32  THR A O     1 
ATOM   218  C  CB    . THR A 1 49  ? -0.361  5.058   16.476  1.00 40.57 ? 32  THR A CB    1 
ATOM   219  O  OG1   . THR A 1 49  ? -1.116  4.284   15.543  1.00 41.69 ? 32  THR A OG1   1 
ATOM   220  C  CG2   . THR A 1 49  ? -1.311  6.066   17.152  1.00 40.35 ? 32  THR A CG2   1 
ATOM   221  N  N     . TYR A 1 50  ? 2.530   4.107   16.011  1.00 40.84 ? 33  TYR A N     1 
ATOM   222  C  CA    . TYR A 1 50  ? 3.419   3.011   15.608  1.00 40.84 ? 33  TYR A CA    1 
ATOM   223  C  C     . TYR A 1 50  ? 3.938   2.341   16.871  1.00 40.96 ? 33  TYR A C     1 
ATOM   224  O  O     . TYR A 1 50  ? 4.257   3.022   17.842  1.00 41.32 ? 33  TYR A O     1 
ATOM   225  C  CB    . TYR A 1 50  ? 4.594   3.474   14.691  1.00 40.56 ? 33  TYR A CB    1 
ATOM   226  C  CG    . TYR A 1 50  ? 5.605   2.365   14.405  1.00 40.22 ? 33  TYR A CG    1 
ATOM   227  C  CD1   . TYR A 1 50  ? 5.336   1.387   13.482  1.00 40.05 ? 33  TYR A CD1   1 
ATOM   228  C  CD2   . TYR A 1 50  ? 6.808   2.299   15.081  1.00 38.97 ? 33  TYR A CD2   1 
ATOM   229  C  CE1   . TYR A 1 50  ? 6.246   0.347   13.240  1.00 40.84 ? 33  TYR A CE1   1 
ATOM   230  C  CE2   . TYR A 1 50  ? 7.723   1.274   14.843  1.00 39.50 ? 33  TYR A CE2   1 
ATOM   231  C  CZ    . TYR A 1 50  ? 7.436   0.298   13.922  1.00 40.21 ? 33  TYR A CZ    1 
ATOM   232  O  OH    . TYR A 1 50  ? 8.330   -0.752  13.662  1.00 40.46 ? 33  TYR A OH    1 
ATOM   233  N  N     . THR A 1 51  ? 4.000   1.004   16.846  1.00 41.12 ? 34  THR A N     1 
ATOM   234  C  CA    . THR A 1 51  ? 4.517   0.220   17.943  1.00 41.38 ? 34  THR A CA    1 
ATOM   235  C  C     . THR A 1 51  ? 5.164   -1.124  17.426  1.00 41.95 ? 34  THR A C     1 
ATOM   236  O  O     . THR A 1 51  ? 4.632   -1.814  16.543  1.00 42.04 ? 34  THR A O     1 
ATOM   237  C  CB    . THR A 1 51  ? 3.406   0.011   19.001  1.00 41.08 ? 34  THR A CB    1 
ATOM   238  O  OG1   . THR A 1 51  ? 3.873   -0.849  20.034  1.00 40.70 ? 34  THR A OG1   1 
ATOM   239  C  CG2   . THR A 1 51  ? 2.134   -0.564  18.369  1.00 40.79 ? 34  THR A CG2   1 
ATOM   240  N  N     . GLU A 1 52  ? 6.341   -1.452  17.954  1.00 42.69 ? 35  GLU A N     1 
ATOM   241  C  CA    . GLU A 1 52  ? 7.046   -2.705  17.598  1.00 42.98 ? 35  GLU A CA    1 
ATOM   242  C  C     . GLU A 1 52  ? 6.187   -3.910  17.971  1.00 43.16 ? 35  GLU A C     1 
ATOM   243  O  O     . GLU A 1 52  ? 6.348   -5.034  17.455  1.00 42.85 ? 35  GLU A O     1 
ATOM   244  C  CB    . GLU A 1 52  ? 8.366   -2.776  18.370  1.00 43.30 ? 35  GLU A CB    1 
ATOM   245  C  CG    . GLU A 1 52  ? 9.352   -1.702  18.001  1.00 44.69 ? 35  GLU A CG    1 
ATOM   246  C  CD    . GLU A 1 52  ? 9.724   -1.746  16.520  1.00 47.28 ? 35  GLU A CD    1 
ATOM   247  O  OE1   . GLU A 1 52  ? 9.682   -2.848  15.907  1.00 48.87 ? 35  GLU A OE1   1 
ATOM   248  O  OE2   . GLU A 1 52  ? 10.058  -0.676  15.963  1.00 49.41 ? 35  GLU A OE2   1 
ATOM   249  N  N     . SER A 1 53  ? 5.281   -3.632  18.902  1.00 43.30 ? 36  SER A N     1 
ATOM   250  C  CA    . SER A 1 53  ? 4.360   -4.576  19.462  1.00 43.38 ? 36  SER A CA    1 
ATOM   251  C  C     . SER A 1 53  ? 3.542   -5.295  18.376  1.00 43.51 ? 36  SER A C     1 
ATOM   252  O  O     . SER A 1 53  ? 3.161   -4.715  17.365  1.00 43.68 ? 36  SER A O     1 
ATOM   253  C  CB    . SER A 1 53  ? 3.447   -3.822  20.432  1.00 43.19 ? 36  SER A CB    1 
ATOM   254  O  OG    . SER A 1 53  ? 2.895   -4.678  21.377  1.00 43.77 ? 36  SER A OG    1 
ATOM   255  N  N     . TYR A 1 54  ? 3.288   -6.567  18.619  1.00 43.86 ? 37  TYR A N     1 
ATOM   256  C  CA    . TYR A 1 54  ? 2.629   -7.440  17.672  1.00 43.78 ? 37  TYR A CA    1 
ATOM   257  C  C     . TYR A 1 54  ? 1.167   -7.133  17.534  1.00 43.84 ? 37  TYR A C     1 
ATOM   258  O  O     . TYR A 1 54  ? 0.417   -7.205  18.514  1.00 43.38 ? 37  TYR A O     1 
ATOM   259  C  CB    . TYR A 1 54  ? 2.789   -8.888  18.131  1.00 43.91 ? 37  TYR A CB    1 
ATOM   260  C  CG    . TYR A 1 54  ? 1.894   -9.892  17.428  1.00 44.02 ? 37  TYR A CG    1 
ATOM   261  C  CD1   . TYR A 1 54  ? 2.207   -10.358 16.145  1.00 44.28 ? 37  TYR A CD1   1 
ATOM   262  C  CD2   . TYR A 1 54  ? 0.757   -10.402 18.060  1.00 43.76 ? 37  TYR A CD2   1 
ATOM   263  C  CE1   . TYR A 1 54  ? 1.405   -11.288 15.506  1.00 44.08 ? 37  TYR A CE1   1 
ATOM   264  C  CE2   . TYR A 1 54  ? -0.053  -11.328 17.440  1.00 44.03 ? 37  TYR A CE2   1 
ATOM   265  C  CZ    . TYR A 1 54  ? 0.269   -11.778 16.157  1.00 44.76 ? 37  TYR A CZ    1 
ATOM   266  O  OH    . TYR A 1 54  ? -0.541  -12.729 15.525  1.00 44.68 ? 37  TYR A OH    1 
ATOM   267  N  N     . ILE A 1 55  ? 0.769   -6.806  16.294  1.00 44.11 ? 38  ILE A N     1 
ATOM   268  C  CA    . ILE A 1 55  ? -0.653  -6.570  15.926  1.00 43.88 ? 38  ILE A CA    1 
ATOM   269  C  C     . ILE A 1 55  ? -1.276  -7.817  15.302  1.00 43.68 ? 38  ILE A C     1 
ATOM   270  O  O     . ILE A 1 55  ? -0.931  -8.214  14.185  1.00 43.34 ? 38  ILE A O     1 
ATOM   271  C  CB    . ILE A 1 55  ? -0.840  -5.360  14.933  1.00 43.89 ? 38  ILE A CB    1 
ATOM   272  C  CG1   . ILE A 1 55  ? -0.383  -4.054  15.584  1.00 44.15 ? 38  ILE A CG1   1 
ATOM   273  C  CG2   . ILE A 1 55  ? -2.281  -5.260  14.456  1.00 43.83 ? 38  ILE A CG2   1 
ATOM   274  C  CD1   . ILE A 1 55  ? -0.531  -4.036  17.132  1.00 45.80 ? 38  ILE A CD1   1 
ATOM   275  N  N     . SER A 1 56  ? -2.168  -8.432  16.080  1.00 43.65 ? 39  SER A N     1 
ATOM   276  C  CA    . SER A 1 56  ? -3.044  -9.516  15.635  1.00 43.14 ? 39  SER A CA    1 
ATOM   277  C  C     . SER A 1 56  ? -4.038  -8.937  14.626  1.00 42.79 ? 39  SER A C     1 
ATOM   278  O  O     . SER A 1 56  ? -4.270  -9.514  13.571  1.00 42.42 ? 39  SER A O     1 
ATOM   279  C  CB    . SER A 1 56  ? -3.790  -10.077 16.852  1.00 43.10 ? 39  SER A CB    1 
ATOM   280  O  OG    . SER A 1 56  ? -4.690  -11.109 16.516  1.00 43.63 ? 39  SER A OG    1 
ATOM   281  N  N     . THR A 1 57  ? -4.589  -7.763  14.971  1.00 42.56 ? 40  THR A N     1 
ATOM   282  C  CA    . THR A 1 57  ? -5.661  -7.091  14.210  1.00 41.85 ? 40  THR A CA    1 
ATOM   283  C  C     . THR A 1 57  ? -5.722  -5.635  14.624  1.00 41.43 ? 40  THR A C     1 
ATOM   284  O  O     . THR A 1 57  ? -5.399  -5.317  15.764  1.00 41.31 ? 40  THR A O     1 
ATOM   285  C  CB    . THR A 1 57  ? -7.060  -7.724  14.529  1.00 41.71 ? 40  THR A CB    1 
ATOM   286  O  OG1   . THR A 1 57  ? -8.077  -7.094  13.754  1.00 40.13 ? 40  THR A OG1   1 
ATOM   287  C  CG2   . THR A 1 57  ? -7.411  -7.571  16.028  1.00 42.07 ? 40  THR A CG2   1 
ATOM   288  N  N     . ILE A 1 58  ? -6.165  -4.759  13.714  1.00 41.14 ? 41  ILE A N     1 
ATOM   289  C  CA    . ILE A 1 58  ? -6.358  -3.317  14.028  1.00 40.67 ? 41  ILE A CA    1 
ATOM   290  C  C     . ILE A 1 58  ? -7.669  -2.992  14.799  1.00 40.21 ? 41  ILE A C     1 
ATOM   291  O  O     . ILE A 1 58  ? -8.003  -1.837  14.942  1.00 40.41 ? 41  ILE A O     1 
ATOM   292  C  CB    . ILE A 1 58  ? -6.263  -2.402  12.736  1.00 40.76 ? 41  ILE A CB    1 
ATOM   293  C  CG1   . ILE A 1 58  ? -7.417  -2.708  11.755  1.00 40.58 ? 41  ILE A CG1   1 
ATOM   294  C  CG2   . ILE A 1 58  ? -4.853  -2.532  12.067  1.00 40.28 ? 41  ILE A CG2   1 
ATOM   295  C  CD1   . ILE A 1 58  ? -7.444  -1.839  10.541  1.00 40.31 ? 41  ILE A CD1   1 
ATOM   296  N  N     . GLY A 1 59  ? -8.408  -4.006  15.267  1.00 39.94 ? 42  GLY A N     1 
ATOM   297  C  CA    . GLY A 1 59  ? -9.601  -3.813  16.160  1.00 39.96 ? 42  GLY A CA    1 
ATOM   298  C  C     . GLY A 1 59  ? -10.896 -3.243  15.568  1.00 39.92 ? 42  GLY A C     1 
ATOM   299  O  O     . GLY A 1 59  ? -11.968 -3.152  16.248  1.00 39.62 ? 42  GLY A O     1 
ATOM   300  N  N     . VAL A 1 60  ? -10.808 -2.863  14.303  1.00 40.15 ? 43  VAL A N     1 
ATOM   301  C  CA    . VAL A 1 60  ? -11.865 -2.156  13.633  1.00 40.14 ? 43  VAL A CA    1 
ATOM   302  C  C     . VAL A 1 60  ? -11.884 -2.627  12.196  1.00 40.37 ? 43  VAL A C     1 
ATOM   303  O  O     . VAL A 1 60  ? -10.849 -2.968  11.641  1.00 40.07 ? 43  VAL A O     1 
ATOM   304  C  CB    . VAL A 1 60  ? -11.666 -0.614  13.759  1.00 39.70 ? 43  VAL A CB    1 
ATOM   305  C  CG1   . VAL A 1 60  ? -12.221 -0.135  15.087  1.00 39.33 ? 43  VAL A CG1   1 
ATOM   306  C  CG2   . VAL A 1 60  ? -10.197 -0.247  13.646  1.00 38.09 ? 43  VAL A CG2   1 
ATOM   307  N  N     . ASP A 1 61  ? -13.082 -2.671  11.617  1.00 41.03 ? 44  ASP A N     1 
ATOM   308  C  CA    . ASP A 1 61  ? -13.289 -3.172  10.257  1.00 41.39 ? 44  ASP A CA    1 
ATOM   309  C  C     . ASP A 1 61  ? -12.445 -2.419  9.210   1.00 41.80 ? 44  ASP A C     1 
ATOM   310  O  O     . ASP A 1 61  ? -12.004 -2.997  8.204   1.00 41.84 ? 44  ASP A O     1 
ATOM   311  C  CB    . ASP A 1 61  ? -14.781 -3.088  9.910   1.00 41.35 ? 44  ASP A CB    1 
ATOM   312  C  CG    . ASP A 1 61  ? -15.631 -4.015  10.775  1.00 42.94 ? 44  ASP A CG    1 
ATOM   313  O  OD1   . ASP A 1 61  ? -15.037 -4.922  11.418  1.00 43.44 ? 44  ASP A OD1   1 
ATOM   314  O  OD2   . ASP A 1 61  ? -16.892 -3.853  10.815  1.00 45.01 ? 44  ASP A OD2   1 
ATOM   315  N  N     . PHE A 1 62  ? -12.215 -1.131  9.455   1.00 42.16 ? 45  PHE A N     1 
ATOM   316  C  CA    . PHE A 1 62  ? -11.513 -0.293  8.502   1.00 42.10 ? 45  PHE A CA    1 
ATOM   317  C  C     . PHE A 1 62  ? -11.135 1.050   9.116   1.00 42.62 ? 45  PHE A C     1 
ATOM   318  O  O     . PHE A 1 62  ? -11.512 1.394   10.242  1.00 42.22 ? 45  PHE A O     1 
ATOM   319  C  CB    . PHE A 1 62  ? -12.396 -0.061  7.291   1.00 41.92 ? 45  PHE A CB    1 
ATOM   320  C  CG    . PHE A 1 62  ? -13.726 0.435   7.637   1.00 41.62 ? 45  PHE A CG    1 
ATOM   321  C  CD1   . PHE A 1 62  ? -13.937 1.774   7.848   1.00 42.03 ? 45  PHE A CD1   1 
ATOM   322  C  CD2   . PHE A 1 62  ? -14.775 -0.439  7.799   1.00 41.92 ? 45  PHE A CD2   1 
ATOM   323  C  CE1   . PHE A 1 62  ? -15.189 2.240   8.194   1.00 42.69 ? 45  PHE A CE1   1 
ATOM   324  C  CE2   . PHE A 1 62  ? -16.019 0.008   8.141   1.00 42.31 ? 45  PHE A CE2   1 
ATOM   325  C  CZ    . PHE A 1 62  ? -16.235 1.353   8.339   1.00 42.71 ? 45  PHE A CZ    1 
ATOM   326  N  N     . LYS A 1 63  ? -10.367 1.802   8.360   1.00 43.47 ? 46  LYS A N     1 
ATOM   327  C  CA    . LYS A 1 63  ? -9.990  3.127   8.765   1.00 44.20 ? 46  LYS A CA    1 
ATOM   328  C  C     . LYS A 1 63  ? -10.522 4.099   7.732   1.00 44.31 ? 46  LYS A C     1 
ATOM   329  O  O     . LYS A 1 63  ? -10.664 3.756   6.572   1.00 43.84 ? 46  LYS A O     1 
ATOM   330  C  CB    . LYS A 1 63  ? -8.462  3.237   8.900   1.00 43.88 ? 46  LYS A CB    1 
ATOM   331  C  CG    . LYS A 1 63  ? -7.851  2.320   10.008  1.00 43.43 ? 46  LYS A CG    1 
ATOM   332  C  CD    . LYS A 1 63  ? -8.490  2.570   11.376  1.00 42.52 ? 46  LYS A CD    1 
ATOM   333  C  CE    . LYS A 1 63  ? -7.483  2.423   12.526  1.00 42.76 ? 46  LYS A CE    1 
ATOM   334  N  NZ    . LYS A 1 63  ? -8.000  3.065   13.807  1.00 41.64 ? 46  LYS A NZ    1 
ATOM   335  N  N     . ILE A 1 64  ? -10.868 5.295   8.201   1.00 45.32 ? 47  ILE A N     1 
ATOM   336  C  CA    . ILE A 1 64  ? -11.304 6.405   7.356   1.00 45.87 ? 47  ILE A CA    1 
ATOM   337  C  C     . ILE A 1 64  ? -10.267 7.531   7.479   1.00 46.35 ? 47  ILE A C     1 
ATOM   338  O  O     . ILE A 1 64  ? -9.814  7.845   8.583   1.00 46.08 ? 47  ILE A O     1 
ATOM   339  C  CB    . ILE A 1 64  ? -12.732 6.946   7.743   1.00 45.71 ? 47  ILE A CB    1 
ATOM   340  C  CG1   . ILE A 1 64  ? -13.839 6.072   7.106   1.00 45.99 ? 47  ILE A CG1   1 
ATOM   341  C  CG2   . ILE A 1 64  ? -12.883 8.396   7.295   1.00 45.43 ? 47  ILE A CG2   1 
ATOM   342  C  CD1   . ILE A 1 64  ? -15.360 6.531   7.392   1.00 46.21 ? 47  ILE A CD1   1 
ATOM   343  N  N     . ARG A 1 65  ? -9.865  8.114   6.342   1.00 47.24 ? 48  ARG A N     1 
ATOM   344  C  CA    . ARG A 1 65  ? -9.010  9.293   6.385   1.00 47.34 ? 48  ARG A CA    1 
ATOM   345  C  C     . ARG A 1 65  ? -9.236  10.253  5.244   1.00 47.19 ? 48  ARG A C     1 
ATOM   346  O  O     . ARG A 1 65  ? -9.361  9.836   4.103   1.00 47.28 ? 48  ARG A O     1 
ATOM   347  C  CB    . ARG A 1 65  ? -7.535  8.915   6.418   1.00 47.56 ? 48  ARG A CB    1 
ATOM   348  C  CG    . ARG A 1 65  ? -6.691  10.125  6.861   1.00 48.02 ? 48  ARG A CG    1 
ATOM   349  C  CD    . ARG A 1 65  ? -5.287  9.923   6.600   1.00 48.95 ? 48  ARG A CD    1 
ATOM   350  N  NE    . ARG A 1 65  ? -4.715  11.098  5.958   1.00 50.20 ? 48  ARG A NE    1 
ATOM   351  C  CZ    . ARG A 1 65  ? -3.678  11.777  6.410   1.00 49.99 ? 48  ARG A CZ    1 
ATOM   352  N  NH1   . ARG A 1 65  ? -3.060  11.406  7.521   1.00 50.43 ? 48  ARG A NH1   1 
ATOM   353  N  NH2   . ARG A 1 65  ? -3.244  12.822  5.726   1.00 50.63 ? 48  ARG A NH2   1 
ATOM   354  N  N     . THR A 1 66  ? -9.264  11.547  5.573   1.00 47.13 ? 49  THR A N     1 
ATOM   355  C  CA    . THR A 1 66  ? -9.430  12.596  4.585   1.00 47.22 ? 49  THR A CA    1 
ATOM   356  C  C     . THR A 1 66  ? -8.064  13.227  4.210   1.00 47.46 ? 49  THR A C     1 
ATOM   357  O  O     . THR A 1 66  ? -7.137  13.321  5.025   1.00 47.73 ? 49  THR A O     1 
ATOM   358  C  CB    . THR A 1 66  ? -10.442 13.667  5.056   1.00 46.99 ? 49  THR A CB    1 
ATOM   359  O  OG1   . THR A 1 66  ? -11.676 13.029  5.406   1.00 47.18 ? 49  THR A OG1   1 
ATOM   360  C  CG2   . THR A 1 66  ? -10.717 14.656  3.961   1.00 46.76 ? 49  THR A CG2   1 
ATOM   361  N  N     . ILE A 1 67  ? -7.961  13.610  2.941   1.00 47.66 ? 50  ILE A N     1 
ATOM   362  C  CA    . ILE A 1 67  ? -6.790  14.229  2.378   1.00 47.37 ? 50  ILE A CA    1 
ATOM   363  C  C     . ILE A 1 67  ? -7.274  15.282  1.388   1.00 47.87 ? 50  ILE A C     1 
ATOM   364  O  O     . ILE A 1 67  ? -8.409  15.213  0.935   1.00 47.87 ? 50  ILE A O     1 
ATOM   365  C  CB    . ILE A 1 67  ? -5.932  13.207  1.653   1.00 47.00 ? 50  ILE A CB    1 
ATOM   366  C  CG1   . ILE A 1 67  ? -6.731  12.524  0.524   1.00 46.61 ? 50  ILE A CG1   1 
ATOM   367  C  CG2   . ILE A 1 67  ? -5.425  12.194  2.641   1.00 46.18 ? 50  ILE A CG2   1 
ATOM   368  C  CD1   . ILE A 1 67  ? -5.876  11.804  -0.522  1.00 46.14 ? 50  ILE A CD1   1 
ATOM   369  N  N     . GLU A 1 68  ? -6.430  16.270  1.092   1.00 48.49 ? 51  GLU A N     1 
ATOM   370  C  CA    . GLU A 1 68  ? -6.708  17.262  0.049   1.00 48.73 ? 51  GLU A CA    1 
ATOM   371  C  C     . GLU A 1 68  ? -5.800  16.855  -1.083  1.00 48.77 ? 51  GLU A C     1 
ATOM   372  O  O     . GLU A 1 68  ? -4.749  16.304  -0.825  1.00 48.80 ? 51  GLU A O     1 
ATOM   373  C  CB    . GLU A 1 68  ? -6.359  18.667  0.531   1.00 49.10 ? 51  GLU A CB    1 
ATOM   374  C  CG    . GLU A 1 68  ? -7.110  19.130  1.803   1.00 50.81 ? 51  GLU A CG    1 
ATOM   375  C  CD    . GLU A 1 68  ? -8.418  19.916  1.495   1.00 53.82 ? 51  GLU A CD    1 
ATOM   376  O  OE1   . GLU A 1 68  ? -9.508  19.275  1.521   1.00 54.89 ? 51  GLU A OE1   1 
ATOM   377  O  OE2   . GLU A 1 68  ? -8.352  21.167  1.225   1.00 54.04 ? 51  GLU A OE2   1 
ATOM   378  N  N     . LEU A 1 69  ? -6.191  17.090  -2.330  1.00 49.09 ? 52  LEU A N     1 
ATOM   379  C  CA    . LEU A 1 69  ? -5.366  16.675  -3.486  1.00 49.21 ? 52  LEU A CA    1 
ATOM   380  C  C     . LEU A 1 69  ? -5.823  17.387  -4.743  1.00 49.28 ? 52  LEU A C     1 
ATOM   381  O  O     . LEU A 1 69  ? -6.976  17.243  -5.161  1.00 49.20 ? 52  LEU A O     1 
ATOM   382  C  CB    . LEU A 1 69  ? -5.469  15.153  -3.700  1.00 49.48 ? 52  LEU A CB    1 
ATOM   383  C  CG    . LEU A 1 69  ? -4.550  14.432  -4.713  1.00 49.48 ? 52  LEU A CG    1 
ATOM   384  C  CD1   . LEU A 1 69  ? -3.060  14.460  -4.309  1.00 49.07 ? 52  LEU A CD1   1 
ATOM   385  C  CD2   . LEU A 1 69  ? -5.013  12.970  -4.876  1.00 49.58 ? 52  LEU A CD2   1 
ATOM   386  N  N     . ASP A 1 70  ? -4.923  18.174  -5.337  1.00 49.32 ? 53  ASP A N     1 
ATOM   387  C  CA    . ASP A 1 70  ? -5.226  18.921  -6.578  1.00 49.09 ? 53  ASP A CA    1 
ATOM   388  C  C     . ASP A 1 70  ? -6.528  19.728  -6.471  1.00 48.48 ? 53  ASP A C     1 
ATOM   389  O  O     . ASP A 1 70  ? -7.292  19.876  -7.437  1.00 48.06 ? 53  ASP A O     1 
ATOM   390  C  CB    . ASP A 1 70  ? -5.225  17.963  -7.804  1.00 49.65 ? 53  ASP A CB    1 
ATOM   391  C  CG    . ASP A 1 70  ? -3.793  17.750  -8.394  1.00 50.92 ? 53  ASP A CG    1 
ATOM   392  O  OD1   . ASP A 1 70  ? -3.295  16.579  -8.389  1.00 50.68 ? 53  ASP A OD1   1 
ATOM   393  O  OD2   . ASP A 1 70  ? -3.171  18.775  -8.840  1.00 52.34 ? 53  ASP A OD2   1 
ATOM   394  N  N     . GLY A 1 71  ? -6.747  20.264  -5.277  1.00 48.05 ? 54  GLY A N     1 
ATOM   395  C  CA    . GLY A 1 71  ? -7.912  21.080  -4.991  1.00 47.86 ? 54  GLY A CA    1 
ATOM   396  C  C     . GLY A 1 71  ? -9.087  20.250  -4.536  1.00 47.49 ? 54  GLY A C     1 
ATOM   397  O  O     . GLY A 1 71  ? -10.149 20.796  -4.216  1.00 47.33 ? 54  GLY A O     1 
ATOM   398  N  N     . LYS A 1 72  ? -8.900  18.929  -4.492  1.00 47.01 ? 55  LYS A N     1 
ATOM   399  C  CA    . LYS A 1 72  ? -10.010 18.026  -4.229  1.00 46.76 ? 55  LYS A CA    1 
ATOM   400  C  C     . LYS A 1 72  ? -9.900  17.450  -2.861  1.00 46.23 ? 55  LYS A C     1 
ATOM   401  O  O     . LYS A 1 72  ? -8.843  16.969  -2.479  1.00 46.33 ? 55  LYS A O     1 
ATOM   402  C  CB    . LYS A 1 72  ? -10.047 16.885  -5.242  1.00 46.37 ? 55  LYS A CB    1 
ATOM   403  C  CG    . LYS A 1 72  ? -9.986  17.339  -6.668  1.00 46.31 ? 55  LYS A CG    1 
ATOM   404  C  CD    . LYS A 1 72  ? -11.290 17.963  -7.145  1.00 46.20 ? 55  LYS A CD    1 
ATOM   405  C  CE    . LYS A 1 72  ? -11.050 18.734  -8.420  1.00 46.04 ? 55  LYS A CE    1 
ATOM   406  N  NZ    . LYS A 1 72  ? -9.905  18.153  -9.184  1.00 45.47 ? 55  LYS A NZ    1 
ATOM   407  N  N     . THR A 1 73  ? -10.999 17.512  -2.114  1.00 45.74 ? 56  THR A N     1 
ATOM   408  C  CA    . THR A 1 73  ? -11.082 16.863  -0.832  1.00 45.38 ? 56  THR A CA    1 
ATOM   409  C  C     . THR A 1 73  ? -11.509 15.417  -1.116  1.00 45.14 ? 56  THR A C     1 
ATOM   410  O  O     . THR A 1 73  ? -12.451 15.175  -1.880  1.00 44.88 ? 56  THR A O     1 
ATOM   411  C  CB    . THR A 1 73  ? -12.090 17.568  0.089   1.00 45.39 ? 56  THR A CB    1 
ATOM   412  O  OG1   . THR A 1 73  ? -11.848 18.981  0.085   1.00 44.99 ? 56  THR A OG1   1 
ATOM   413  C  CG2   . THR A 1 73  ? -11.973 17.038  1.519   1.00 45.64 ? 56  THR A CG2   1 
ATOM   414  N  N     . ILE A 1 74  ? -10.800 14.462  -0.532  1.00 45.04 ? 57  ILE A N     1 
ATOM   415  C  CA    . ILE A 1 74  ? -11.058 13.050  -0.801  1.00 45.21 ? 57  ILE A CA    1 
ATOM   416  C  C     . ILE A 1 74  ? -11.033 12.209  0.462   1.00 45.03 ? 57  ILE A C     1 
ATOM   417  O  O     . ILE A 1 74  ? -10.040 12.154  1.128   1.00 44.51 ? 57  ILE A O     1 
ATOM   418  C  CB    . ILE A 1 74  ? -10.013 12.458  -1.783  1.00 45.06 ? 57  ILE A CB    1 
ATOM   419  C  CG1   . ILE A 1 74  ? -9.871  13.361  -3.009  1.00 44.43 ? 57  ILE A CG1   1 
ATOM   420  C  CG2   . ILE A 1 74  ? -10.386 10.988  -2.161  1.00 45.03 ? 57  ILE A CG2   1 
ATOM   421  C  CD1   . ILE A 1 74  ? -8.823  12.906  -3.999  1.00 44.71 ? 57  ILE A CD1   1 
ATOM   422  N  N     . LYS A 1 75  ? -12.149 11.559  0.768   1.00 45.66 ? 58  LYS A N     1 
ATOM   423  C  CA    . LYS A 1 75  ? -12.231 10.648  1.890   1.00 45.90 ? 58  LYS A CA    1 
ATOM   424  C  C     . LYS A 1 75  ? -11.664 9.310   1.430   1.00 45.88 ? 58  LYS A C     1 
ATOM   425  O  O     . LYS A 1 75  ? -11.808 8.917   0.256   1.00 46.18 ? 58  LYS A O     1 
ATOM   426  C  CB    . LYS A 1 75  ? -13.695 10.512  2.360   1.00 46.11 ? 58  LYS A CB    1 
ATOM   427  C  CG    . LYS A 1 75  ? -13.867 10.012  3.815   1.00 46.86 ? 58  LYS A CG    1 
ATOM   428  C  CD    . LYS A 1 75  ? -15.169 10.586  4.529   1.00 47.30 ? 58  LYS A CD    1 
ATOM   429  C  CE    . LYS A 1 75  ? -15.153 10.273  6.107   1.00 49.33 ? 58  LYS A CE    1 
ATOM   430  N  NZ    . LYS A 1 75  ? -16.079 11.122  7.052   1.00 49.47 ? 58  LYS A NZ    1 
ATOM   431  N  N     . LEU A 1 76  ? -10.969 8.624   2.320   1.00 45.83 ? 59  LEU A N     1 
ATOM   432  C  CA    . LEU A 1 76  ? -10.442 7.291   1.991   1.00 45.73 ? 59  LEU A CA    1 
ATOM   433  C  C     . LEU A 1 76  ? -11.056 6.314   2.968   1.00 45.97 ? 59  LEU A C     1 
ATOM   434  O  O     . LEU A 1 76  ? -11.293 6.655   4.141   1.00 45.98 ? 59  LEU A O     1 
ATOM   435  C  CB    . LEU A 1 76  ? -8.897  7.233   2.060   1.00 45.40 ? 59  LEU A CB    1 
ATOM   436  C  CG    . LEU A 1 76  ? -8.102  8.202   1.140   1.00 44.10 ? 59  LEU A CG    1 
ATOM   437  C  CD1   . LEU A 1 76  ? -6.656  8.239   1.535   1.00 41.67 ? 59  LEU A CD1   1 
ATOM   438  C  CD2   . LEU A 1 76  ? -8.241  7.859   -0.356  1.00 42.18 ? 59  LEU A CD2   1 
ATOM   439  N  N     . GLN A 1 77  ? -11.365 5.127   2.479   1.00 45.93 ? 60  GLN A N     1 
ATOM   440  C  CA    . GLN A 1 77  ? -11.810 4.064   3.339   1.00 46.06 ? 60  GLN A CA    1 
ATOM   441  C  C     . GLN A 1 77  ? -10.873 2.880   3.085   1.00 45.49 ? 60  GLN A C     1 
ATOM   442  O  O     . GLN A 1 77  ? -10.845 2.327   1.994   1.00 45.33 ? 60  GLN A O     1 
ATOM   443  C  CB    . GLN A 1 77  ? -13.262 3.728   3.032   1.00 46.38 ? 60  GLN A CB    1 
ATOM   444  C  CG    . GLN A 1 77  ? -13.952 2.903   4.106   1.00 46.81 ? 60  GLN A CG    1 
ATOM   445  C  CD    . GLN A 1 77  ? -15.398 2.599   3.741   1.00 48.11 ? 60  GLN A CD    1 
ATOM   446  O  OE1   . GLN A 1 77  ? -15.858 2.915   2.618   1.00 50.95 ? 60  GLN A OE1   1 
ATOM   447  N  NE2   . GLN A 1 77  ? -16.134 1.970   4.681   1.00 50.26 ? 60  GLN A NE2   1 
ATOM   448  N  N     . ILE A 1 78  ? -10.094 2.510   4.097   1.00 45.21 ? 61  ILE A N     1 
ATOM   449  C  CA    . ILE A 1 78  ? -8.969  1.556   3.922   1.00 45.11 ? 61  ILE A CA    1 
ATOM   450  C  C     . ILE A 1 78  ? -9.124  0.232   4.750   1.00 45.21 ? 61  ILE A C     1 
ATOM   451  O  O     . ILE A 1 78  ? -9.404  0.280   5.960   1.00 45.15 ? 61  ILE A O     1 
ATOM   452  C  CB    . ILE A 1 78  ? -7.597  2.277   4.276   1.00 44.96 ? 61  ILE A CB    1 
ATOM   453  C  CG1   . ILE A 1 78  ? -7.499  3.653   3.558   1.00 43.75 ? 61  ILE A CG1   1 
ATOM   454  C  CG2   . ILE A 1 78  ? -6.423  1.375   3.945   1.00 44.33 ? 61  ILE A CG2   1 
ATOM   455  C  CD1   . ILE A 1 78  ? -6.772  4.702   4.312   1.00 44.00 ? 61  ILE A CD1   1 
ATOM   456  N  N     . TRP A 1 79  ? -8.936  -0.928  4.084   1.00 45.26 ? 62  TRP A N     1 
ATOM   457  C  CA    . TRP A 1 79  ? -9.011  -2.273  4.733   1.00 45.17 ? 62  TRP A CA    1 
ATOM   458  C  C     . TRP A 1 79  ? -7.631  -2.929  4.907   1.00 45.10 ? 62  TRP A C     1 
ATOM   459  O  O     . TRP A 1 79  ? -6.705  -2.595  4.193   1.00 44.85 ? 62  TRP A O     1 
ATOM   460  C  CB    . TRP A 1 79  ? -9.918  -3.208  3.919   1.00 45.28 ? 62  TRP A CB    1 
ATOM   461  C  CG    . TRP A 1 79  ? -11.379 -3.027  4.204   1.00 45.34 ? 62  TRP A CG    1 
ATOM   462  C  CD1   . TRP A 1 79  ? -12.150 -3.781  5.050   1.00 45.85 ? 62  TRP A CD1   1 
ATOM   463  C  CD2   . TRP A 1 79  ? -12.246 -2.019  3.669   1.00 45.14 ? 62  TRP A CD2   1 
ATOM   464  N  NE1   . TRP A 1 79  ? -13.441 -3.309  5.071   1.00 45.98 ? 62  TRP A NE1   1 
ATOM   465  C  CE2   . TRP A 1 79  ? -13.531 -2.227  4.232   1.00 45.77 ? 62  TRP A CE2   1 
ATOM   466  C  CE3   . TRP A 1 79  ? -12.069 -0.968  2.775   1.00 45.31 ? 62  TRP A CE3   1 
ATOM   467  C  CZ2   . TRP A 1 79  ? -14.635 -1.417  3.918   1.00 45.70 ? 62  TRP A CZ2   1 
ATOM   468  C  CZ3   . TRP A 1 79  ? -13.173 -0.169  2.460   1.00 45.89 ? 62  TRP A CZ3   1 
ATOM   469  C  CH2   . TRP A 1 79  ? -14.437 -0.402  3.030   1.00 45.64 ? 62  TRP A CH2   1 
ATOM   470  N  N     . ASP A 1 80  ? -7.526  -3.884  5.842   1.00 45.37 ? 63  ASP A N     1 
ATOM   471  C  CA    . ASP A 1 80  ? -6.256  -4.562  6.175   1.00 45.30 ? 63  ASP A CA    1 
ATOM   472  C  C     . ASP A 1 80  ? -6.510  -5.975  6.678   1.00 45.68 ? 63  ASP A C     1 
ATOM   473  O  O     . ASP A 1 80  ? -7.372  -6.692  6.164   1.00 46.42 ? 63  ASP A O     1 
ATOM   474  C  CB    . ASP A 1 80  ? -5.505  -3.758  7.241   1.00 45.22 ? 63  ASP A CB    1 
ATOM   475  C  CG    . ASP A 1 80  ? -4.342  -4.529  7.863   1.00 45.37 ? 63  ASP A CG    1 
ATOM   476  O  OD1   . ASP A 1 80  ? -3.762  -5.377  7.176   1.00 47.08 ? 63  ASP A OD1   1 
ATOM   477  O  OD2   . ASP A 1 80  ? -3.994  -4.280  9.045   1.00 45.36 ? 63  ASP A OD2   1 
ATOM   478  N  N     . TYR A 1 95  ? -12.674 -6.396  -2.167  1.00 49.73 ? 78  TYR A N     1 
ATOM   479  C  CA    . TYR A 1 95  ? -11.914 -6.712  -3.386  1.00 49.70 ? 78  TYR A CA    1 
ATOM   480  C  C     . TYR A 1 95  ? -12.585 -6.119  -4.643  1.00 49.36 ? 78  TYR A C     1 
ATOM   481  O  O     . TYR A 1 95  ? -11.956 -5.385  -5.418  1.00 49.21 ? 78  TYR A O     1 
ATOM   482  C  CB    . TYR A 1 95  ? -11.763 -8.248  -3.542  1.00 50.45 ? 78  TYR A CB    1 
ATOM   483  C  CG    . TYR A 1 95  ? -10.345 -8.853  -3.259  1.00 51.14 ? 78  TYR A CG    1 
ATOM   484  C  CD1   . TYR A 1 95  ? -9.155  -8.279  -3.804  1.00 51.64 ? 78  TYR A CD1   1 
ATOM   485  C  CD2   . TYR A 1 95  ? -10.205 -10.044 -2.499  1.00 52.07 ? 78  TYR A CD2   1 
ATOM   486  C  CE1   . TYR A 1 95  ? -7.844  -8.869  -3.551  1.00 51.06 ? 78  TYR A CE1   1 
ATOM   487  C  CE2   . TYR A 1 95  ? -8.907  -10.635 -2.245  1.00 51.65 ? 78  TYR A CE2   1 
ATOM   488  C  CZ    . TYR A 1 95  ? -7.747  -10.040 -2.773  1.00 51.11 ? 78  TYR A CZ    1 
ATOM   489  O  OH    . TYR A 1 95  ? -6.522  -10.631 -2.518  1.00 50.73 ? 78  TYR A OH    1 
ATOM   490  N  N     . ARG A 1 96  ? -13.869 -6.445  -4.835  1.00 48.91 ? 79  ARG A N     1 
ATOM   491  C  CA    . ARG A 1 96  ? -14.631 -5.950  -5.997  1.00 48.40 ? 79  ARG A CA    1 
ATOM   492  C  C     . ARG A 1 96  ? -15.016 -4.451  -5.918  1.00 47.75 ? 79  ARG A C     1 
ATOM   493  O  O     . ARG A 1 96  ? -15.210 -3.781  -6.959  1.00 47.89 ? 79  ARG A O     1 
ATOM   494  C  CB    . ARG A 1 96  ? -15.888 -6.785  -6.224  1.00 48.43 ? 79  ARG A CB    1 
ATOM   495  C  CG    . ARG A 1 96  ? -16.483 -6.493  -7.572  1.00 48.94 ? 79  ARG A CG    1 
ATOM   496  C  CD    . ARG A 1 96  ? -17.467 -7.515  -8.016  1.00 49.52 ? 79  ARG A CD    1 
ATOM   497  N  NE    . ARG A 1 96  ? -17.785 -7.333  -9.435  1.00 49.88 ? 79  ARG A NE    1 
ATOM   498  C  CZ    . ARG A 1 96  ? -18.800 -7.937  -10.060 1.00 51.25 ? 79  ARG A CZ    1 
ATOM   499  N  NH1   . ARG A 1 96  ? -19.614 -8.778  -9.399  1.00 51.13 ? 79  ARG A NH1   1 
ATOM   500  N  NH2   . ARG A 1 96  ? -19.009 -7.700  -11.359 1.00 51.63 ? 79  ARG A NH2   1 
ATOM   501  N  N     . GLY A 1 97  ? -15.130 -3.943  -4.692  1.00 46.76 ? 80  GLY A N     1 
ATOM   502  C  CA    . GLY A 1 97  ? -15.503 -2.579  -4.450  1.00 45.75 ? 80  GLY A CA    1 
ATOM   503  C  C     . GLY A 1 97  ? -14.325 -1.699  -4.166  1.00 45.04 ? 80  GLY A C     1 
ATOM   504  O  O     . GLY A 1 97  ? -14.513 -0.561  -3.784  1.00 45.20 ? 80  GLY A O     1 
ATOM   505  N  N     . ALA A 1 98  ? -13.102 -2.199  -4.338  1.00 44.28 ? 81  ALA A N     1 
ATOM   506  C  CA    . ALA A 1 98  ? -11.930 -1.349  -4.145  1.00 43.78 ? 81  ALA A CA    1 
ATOM   507  C  C     . ALA A 1 98  ? -11.617 -0.588  -5.441  1.00 43.38 ? 81  ALA A C     1 
ATOM   508  O  O     . ALA A 1 98  ? -11.765 -1.120  -6.564  1.00 42.93 ? 81  ALA A O     1 
ATOM   509  C  CB    . ALA A 1 98  ? -10.738 -2.146  -3.692  1.00 43.66 ? 81  ALA A CB    1 
ATOM   510  N  N     . HIS A 1 99  ? -11.229 0.679   -5.267  1.00 42.97 ? 82  HIS A N     1 
ATOM   511  C  CA    . HIS A 1 99  ? -10.839 1.547   -6.379  1.00 42.66 ? 82  HIS A CA    1 
ATOM   512  C  C     . HIS A 1 99  ? -9.398  1.255   -6.707  1.00 42.55 ? 82  HIS A C     1 
ATOM   513  O  O     . HIS A 1 99  ? -8.993  1.246   -7.865  1.00 42.30 ? 82  HIS A O     1 
ATOM   514  C  CB    . HIS A 1 99  ? -10.993 3.022   -6.008  1.00 42.02 ? 82  HIS A CB    1 
ATOM   515  C  CG    . HIS A 1 99  ? -12.411 3.447   -5.795  1.00 40.74 ? 82  HIS A CG    1 
ATOM   516  N  ND1   . HIS A 1 99  ? -13.073 4.289   -6.659  1.00 39.09 ? 82  HIS A ND1   1 
ATOM   517  C  CD2   . HIS A 1 99  ? -13.297 3.138   -4.822  1.00 39.04 ? 82  HIS A CD2   1 
ATOM   518  C  CE1   . HIS A 1 99  ? -14.304 4.488   -6.223  1.00 38.49 ? 82  HIS A CE1   1 
ATOM   519  N  NE2   . HIS A 1 99  ? -14.461 3.806   -5.104  1.00 38.32 ? 82  HIS A NE2   1 
ATOM   520  N  N     . GLY A 1 100 ? -8.627  1.020   -5.651  1.00 42.82 ? 83  GLY A N     1 
ATOM   521  C  CA    . GLY A 1 100 ? -7.214  0.683   -5.757  1.00 42.76 ? 83  GLY A CA    1 
ATOM   522  C  C     . GLY A 1 100 ? -6.811  -0.267  -4.639  1.00 42.78 ? 83  GLY A C     1 
ATOM   523  O  O     . GLY A 1 100 ? -7.354  -0.214  -3.528  1.00 43.07 ? 83  GLY A O     1 
ATOM   524  N  N     . ILE A 1 101 ? -5.869  -1.147  -4.944  1.00 42.54 ? 84  ILE A N     1 
ATOM   525  C  CA    . ILE A 1 101 ? -5.342  -2.100  -3.975  1.00 42.40 ? 84  ILE A CA    1 
ATOM   526  C  C     . ILE A 1 101 ? -3.833  -1.853  -3.856  1.00 42.18 ? 84  ILE A C     1 
ATOM   527  O  O     . ILE A 1 101 ? -3.173  -1.556  -4.855  1.00 42.16 ? 84  ILE A O     1 
ATOM   528  C  CB    . ILE A 1 101 ? -5.671  -3.561  -4.422  1.00 42.34 ? 84  ILE A CB    1 
ATOM   529  C  CG1   . ILE A 1 101 ? -7.151  -3.847  -4.162  1.00 42.06 ? 84  ILE A CG1   1 
ATOM   530  C  CG2   . ILE A 1 101 ? -4.808  -4.565  -3.695  1.00 42.08 ? 84  ILE A CG2   1 
ATOM   531  C  CD1   . ILE A 1 101 ? -7.793  -4.744  -5.157  1.00 42.09 ? 84  ILE A CD1   1 
ATOM   532  N  N     . ILE A 1 102 ? -3.301  -1.920  -2.645  1.00 41.90 ? 85  ILE A N     1 
ATOM   533  C  CA    . ILE A 1 102 ? -1.874  -1.710  -2.443  1.00 42.02 ? 85  ILE A CA    1 
ATOM   534  C  C     . ILE A 1 102 ? -1.266  -3.025  -2.051  1.00 42.25 ? 85  ILE A C     1 
ATOM   535  O  O     . ILE A 1 102 ? -1.741  -3.684  -1.094  1.00 42.25 ? 85  ILE A O     1 
ATOM   536  C  CB    . ILE A 1 102 ? -1.583  -0.690  -1.353  1.00 42.16 ? 85  ILE A CB    1 
ATOM   537  C  CG1   . ILE A 1 102 ? -2.305  0.636   -1.657  1.00 42.07 ? 85  ILE A CG1   1 
ATOM   538  C  CG2   . ILE A 1 102 ? -0.083  -0.457  -1.254  1.00 41.98 ? 85  ILE A CG2   1 
ATOM   539  C  CD1   . ILE A 1 102 ? -2.002  1.730   -0.680  1.00 41.84 ? 85  ILE A CD1   1 
ATOM   540  N  N     . VAL A 1 103 ? -0.237  -3.436  -2.801  1.00 42.16 ? 86  VAL A N     1 
ATOM   541  C  CA    . VAL A 1 103 ? 0.376   -4.742  -2.603  1.00 42.09 ? 86  VAL A CA    1 
ATOM   542  C  C     . VAL A 1 103 ? 1.698   -4.498  -1.933  1.00 42.20 ? 86  VAL A C     1 
ATOM   543  O  O     . VAL A 1 103 ? 2.639   -4.021  -2.544  1.00 42.55 ? 86  VAL A O     1 
ATOM   544  C  CB    . VAL A 1 103 ? 0.565   -5.544  -3.932  1.00 41.85 ? 86  VAL A CB    1 
ATOM   545  C  CG1   . VAL A 1 103 ? 1.146   -6.925  -3.644  1.00 41.85 ? 86  VAL A CG1   1 
ATOM   546  C  CG2   . VAL A 1 103 ? -0.747  -5.700  -4.680  1.00 41.68 ? 86  VAL A CG2   1 
ATOM   547  N  N     . VAL A 1 104 ? 1.749   -4.812  -0.649  1.00 42.56 ? 87  VAL A N     1 
ATOM   548  C  CA    . VAL A 1 104 ? 2.934   -4.570  0.158   1.00 42.30 ? 87  VAL A CA    1 
ATOM   549  C  C     . VAL A 1 104 ? 3.829   -5.817  0.198   1.00 42.39 ? 87  VAL A C     1 
ATOM   550  O  O     . VAL A 1 104 ? 3.352   -6.978  0.089   1.00 41.96 ? 87  VAL A O     1 
ATOM   551  C  CB    . VAL A 1 104 ? 2.567   -4.148  1.633   1.00 42.28 ? 87  VAL A CB    1 
ATOM   552  C  CG1   . VAL A 1 104 ? 3.787   -3.599  2.351   1.00 41.81 ? 87  VAL A CG1   1 
ATOM   553  C  CG2   . VAL A 1 104 ? 1.421   -3.120  1.642   1.00 41.67 ? 87  VAL A CG2   1 
ATOM   554  N  N     . TYR A 1 105 ? 5.130   -5.546  0.321   1.00 42.32 ? 88  TYR A N     1 
ATOM   555  C  CA    . TYR A 1 105 ? 6.138   -6.562  0.573   1.00 42.03 ? 88  TYR A CA    1 
ATOM   556  C  C     . TYR A 1 105 ? 7.232   -5.886  1.445   1.00 41.72 ? 88  TYR A C     1 
ATOM   557  O  O     . TYR A 1 105 ? 7.132   -4.698  1.763   1.00 41.55 ? 88  TYR A O     1 
ATOM   558  C  CB    . TYR A 1 105 ? 6.675   -7.156  -0.740  1.00 42.10 ? 88  TYR A CB    1 
ATOM   559  C  CG    . TYR A 1 105 ? 7.643   -6.291  -1.441  1.00 42.19 ? 88  TYR A CG    1 
ATOM   560  C  CD1   . TYR A 1 105 ? 9.019   -6.485  -1.280  1.00 42.48 ? 88  TYR A CD1   1 
ATOM   561  C  CD2   . TYR A 1 105 ? 7.207   -5.256  -2.259  1.00 43.35 ? 88  TYR A CD2   1 
ATOM   562  C  CE1   . TYR A 1 105 ? 9.945   -5.673  -1.926  1.00 42.77 ? 88  TYR A CE1   1 
ATOM   563  C  CE2   . TYR A 1 105 ? 8.130   -4.414  -2.919  1.00 43.41 ? 88  TYR A CE2   1 
ATOM   564  C  CZ    . TYR A 1 105 ? 9.501   -4.636  -2.750  1.00 43.03 ? 88  TYR A CZ    1 
ATOM   565  O  OH    . TYR A 1 105 ? 10.412  -3.829  -3.393  1.00 42.72 ? 88  TYR A OH    1 
ATOM   566  N  N     . ASP A 1 106 ? 8.249   -6.647  1.823   1.00 41.46 ? 89  ASP A N     1 
ATOM   567  C  CA    . ASP A 1 106 ? 9.255   -6.213  2.791   1.00 41.53 ? 89  ASP A CA    1 
ATOM   568  C  C     . ASP A 1 106 ? 10.625  -6.281  2.154   1.00 41.31 ? 89  ASP A C     1 
ATOM   569  O  O     . ASP A 1 106 ? 11.050  -7.325  1.695   1.00 41.18 ? 89  ASP A O     1 
ATOM   570  C  CB    . ASP A 1 106 ? 9.154   -7.124  4.035   1.00 41.55 ? 89  ASP A CB    1 
ATOM   571  C  CG    . ASP A 1 106 ? 10.255  -6.902  5.037   1.00 41.07 ? 89  ASP A CG    1 
ATOM   572  O  OD1   . ASP A 1 106 ? 11.215  -6.192  4.725   1.00 41.53 ? 89  ASP A OD1   1 
ATOM   573  O  OD2   . ASP A 1 106 ? 10.158  -7.457  6.145   1.00 39.47 ? 89  ASP A OD2   1 
ATOM   574  N  N     . VAL A 1 107 ? 11.327  -5.157  2.139   1.00 41.81 ? 90  VAL A N     1 
ATOM   575  C  CA    . VAL A 1 107 ? 12.643  -5.068  1.452   1.00 42.12 ? 90  VAL A CA    1 
ATOM   576  C  C     . VAL A 1 107 ? 13.707  -6.053  2.037   1.00 42.17 ? 90  VAL A C     1 
ATOM   577  O  O     . VAL A 1 107 ? 14.681  -6.404  1.344   1.00 41.59 ? 90  VAL A O     1 
ATOM   578  C  CB    . VAL A 1 107 ? 13.196  -3.573  1.442   1.00 42.11 ? 90  VAL A CB    1 
ATOM   579  C  CG1   . VAL A 1 107 ? 12.137  -2.603  0.899   1.00 42.07 ? 90  VAL A CG1   1 
ATOM   580  C  CG2   . VAL A 1 107 ? 13.689  -3.136  2.850   1.00 41.67 ? 90  VAL A CG2   1 
ATOM   581  N  N     . THR A 1 108 ? 13.481  -6.477  3.303   1.00 42.42 ? 91  THR A N     1 
ATOM   582  C  CA    . THR A 1 108 ? 14.356  -7.408  4.048   1.00 42.63 ? 91  THR A CA    1 
ATOM   583  C  C     . THR A 1 108 ? 13.905  -8.878  3.920   1.00 43.08 ? 91  THR A C     1 
ATOM   584  O  O     . THR A 1 108 ? 14.603  -9.806  4.413   1.00 43.23 ? 91  THR A O     1 
ATOM   585  C  CB    . THR A 1 108 ? 14.449  -7.040  5.591   1.00 42.34 ? 91  THR A CB    1 
ATOM   586  O  OG1   . THR A 1 108 ? 13.356  -7.622  6.324   1.00 41.39 ? 91  THR A OG1   1 
ATOM   587  C  CG2   . THR A 1 108 ? 14.485  -5.529  5.794   1.00 41.98 ? 91  THR A CG2   1 
ATOM   588  N  N     . ASP A 1 109 ? 12.753  -9.091  3.272   1.00 43.28 ? 92  ASP A N     1 
ATOM   589  C  CA    . ASP A 1 109 ? 12.232  -10.432 3.069   1.00 43.63 ? 92  ASP A CA    1 
ATOM   590  C  C     . ASP A 1 109 ? 11.981  -10.675 1.578   1.00 43.57 ? 92  ASP A C     1 
ATOM   591  O  O     . ASP A 1 109 ? 11.024  -10.198 1.006   1.00 43.66 ? 92  ASP A O     1 
ATOM   592  C  CB    . ASP A 1 109 ? 10.956  -10.649 3.898   1.00 44.03 ? 92  ASP A CB    1 
ATOM   593  C  CG    . ASP A 1 109 ? 10.818  -12.093 4.409   1.00 45.08 ? 92  ASP A CG    1 
ATOM   594  O  OD1   . ASP A 1 109 ? 11.533  -12.990 3.880   1.00 45.26 ? 92  ASP A OD1   1 
ATOM   595  O  OD2   . ASP A 1 109 ? 10.001  -12.313 5.367   1.00 46.43 ? 92  ASP A OD2   1 
ATOM   596  N  N     . GLN A 1 110 ? 12.877  -11.426 0.967   1.00 43.83 ? 93  GLN A N     1 
ATOM   597  C  CA    . GLN A 1 110 ? 12.824  -11.736 -0.451  1.00 43.83 ? 93  GLN A CA    1 
ATOM   598  C  C     . GLN A 1 110 ? 11.674  -12.661 -0.759  1.00 43.76 ? 93  GLN A C     1 
ATOM   599  O  O     . GLN A 1 110 ? 11.157  -12.672 -1.868  1.00 43.51 ? 93  GLN A O     1 
ATOM   600  C  CB    . GLN A 1 110 ? 14.145  -12.398 -0.842  1.00 44.14 ? 93  GLN A CB    1 
ATOM   601  C  CG    . GLN A 1 110 ? 14.202  -12.992 -2.244  1.00 44.25 ? 93  GLN A CG    1 
ATOM   602  C  CD    . GLN A 1 110 ? 14.189  -11.950 -3.331  1.00 43.34 ? 93  GLN A CD    1 
ATOM   603  O  OE1   . GLN A 1 110 ? 15.149  -11.184 -3.490  1.00 42.58 ? 93  GLN A OE1   1 
ATOM   604  N  NE2   . GLN A 1 110 ? 13.104  -11.924 -4.106  1.00 42.74 ? 93  GLN A NE2   1 
ATOM   605  N  N     . GLU A 1 111 ? 11.296  -13.446 0.241   1.00 44.15 ? 94  GLU A N     1 
ATOM   606  C  CA    . GLU A 1 111 ? 10.136  -14.332 0.179   1.00 44.14 ? 94  GLU A CA    1 
ATOM   607  C  C     . GLU A 1 111 ? 8.848   -13.530 -0.085  1.00 43.95 ? 94  GLU A C     1 
ATOM   608  O  O     . GLU A 1 111 ? 8.068   -13.841 -0.987  1.00 43.47 ? 94  GLU A O     1 
ATOM   609  C  CB    . GLU A 1 111 ? 10.058  -15.131 1.507   1.00 44.50 ? 94  GLU A CB    1 
ATOM   610  C  CG    . GLU A 1 111 ? 8.751   -15.889 1.808   1.00 44.99 ? 94  GLU A CG    1 
ATOM   611  C  CD    . GLU A 1 111 ? 8.434   -16.926 0.772   1.00 47.33 ? 94  GLU A CD    1 
ATOM   612  O  OE1   . GLU A 1 111 ? 8.851   -16.726 -0.394  1.00 47.94 ? 94  GLU A OE1   1 
ATOM   613  O  OE2   . GLU A 1 111 ? 7.765   -17.946 1.119   1.00 48.73 ? 94  GLU A OE2   1 
ATOM   614  N  N     . SER A 1 112 ? 8.635   -12.488 0.693   1.00 43.89 ? 95  SER A N     1 
ATOM   615  C  CA    . SER A 1 112 ? 7.470   -11.648 0.483   1.00 44.19 ? 95  SER A CA    1 
ATOM   616  C  C     . SER A 1 112 ? 7.469   -10.958 -0.898  1.00 44.37 ? 95  SER A C     1 
ATOM   617  O  O     . SER A 1 112 ? 6.398   -10.679 -1.457  1.00 44.23 ? 95  SER A O     1 
ATOM   618  C  CB    . SER A 1 112 ? 7.359   -10.594 1.594   1.00 44.04 ? 95  SER A CB    1 
ATOM   619  O  OG    . SER A 1 112 ? 8.499   -9.782  1.617   1.00 43.40 ? 95  SER A OG    1 
ATOM   620  N  N     . PHE A 1 113 ? 8.646   -10.668 -1.448  1.00 44.65 ? 96  PHE A N     1 
ATOM   621  C  CA    . PHE A 1 113 ? 8.687   -10.023 -2.748  1.00 44.65 ? 96  PHE A CA    1 
ATOM   622  C  C     . PHE A 1 113 ? 8.247   -10.964 -3.831  1.00 44.85 ? 96  PHE A C     1 
ATOM   623  O  O     . PHE A 1 113 ? 7.457   -10.600 -4.706  1.00 45.11 ? 96  PHE A O     1 
ATOM   624  C  CB    . PHE A 1 113 ? 10.065  -9.526  -3.105  1.00 44.95 ? 96  PHE A CB    1 
ATOM   625  C  CG    . PHE A 1 113 ? 10.130  -8.884  -4.486  1.00 45.03 ? 96  PHE A CG    1 
ATOM   626  C  CD1   . PHE A 1 113 ? 9.392   -7.726  -4.766  1.00 45.05 ? 96  PHE A CD1   1 
ATOM   627  C  CD2   . PHE A 1 113 ? 10.907  -9.430  -5.489  1.00 44.50 ? 96  PHE A CD2   1 
ATOM   628  C  CE1   . PHE A 1 113 ? 9.440   -7.139  -6.009  1.00 44.75 ? 96  PHE A CE1   1 
ATOM   629  C  CE2   . PHE A 1 113 ? 10.955  -8.843  -6.734  1.00 44.65 ? 96  PHE A CE2   1 
ATOM   630  C  CZ    . PHE A 1 113 ? 10.226  -7.693  -6.994  1.00 45.02 ? 96  PHE A CZ    1 
ATOM   631  N  N     . ASN A 1 114 ? 8.762   -12.176 -3.807  1.00 44.71 ? 97  ASN A N     1 
ATOM   632  C  CA    . ASN A 1 114 ? 8.347   -13.128 -4.805  1.00 44.88 ? 97  ASN A CA    1 
ATOM   633  C  C     . ASN A 1 114 ? 6.827   -13.330 -4.781  1.00 44.95 ? 97  ASN A C     1 
ATOM   634  O  O     . ASN A 1 114 ? 6.188   -13.365 -5.822  1.00 44.87 ? 97  ASN A O     1 
ATOM   635  C  CB    . ASN A 1 114 ? 9.107   -14.435 -4.641  1.00 44.85 ? 97  ASN A CB    1 
ATOM   636  C  CG    . ASN A 1 114 ? 10.581  -14.270 -4.928  1.00 45.31 ? 97  ASN A CG    1 
ATOM   637  O  OD1   . ASN A 1 114 ? 11.002  -13.298 -5.572  1.00 45.01 ? 97  ASN A OD1   1 
ATOM   638  N  ND2   . ASN A 1 114 ? 11.380  -15.207 -4.451  1.00 46.39 ? 97  ASN A ND2   1 
ATOM   639  N  N     . ASN A 1 115 ? 6.238   -13.405 -3.593  1.00 45.25 ? 98  ASN A N     1 
ATOM   640  C  CA    . ASN A 1 115 ? 4.793   -13.628 -3.499  1.00 45.38 ? 98  ASN A CA    1 
ATOM   641  C  C     . ASN A 1 115 ? 3.906   -12.509 -4.045  1.00 45.47 ? 98  ASN A C     1 
ATOM   642  O  O     . ASN A 1 115 ? 2.695   -12.691 -4.151  1.00 45.78 ? 98  ASN A O     1 
ATOM   643  C  CB    . ASN A 1 115 ? 4.400   -13.934 -2.064  1.00 45.54 ? 98  ASN A CB    1 
ATOM   644  C  CG    . ASN A 1 115 ? 4.905   -15.260 -1.620  1.00 46.15 ? 98  ASN A CG    1 
ATOM   645  O  OD1   . ASN A 1 115 ? 4.722   -16.274 -2.309  1.00 46.17 ? 98  ASN A OD1   1 
ATOM   646  N  ND2   . ASN A 1 115 ? 5.560   -15.282 -0.461  1.00 47.95 ? 98  ASN A ND2   1 
ATOM   647  N  N     . VAL A 1 116 ? 4.483   -11.356 -4.378  1.00 45.47 ? 99  VAL A N     1 
ATOM   648  C  CA    . VAL A 1 116 ? 3.705   -10.296 -5.015  1.00 45.44 ? 99  VAL A CA    1 
ATOM   649  C  C     . VAL A 1 116 ? 3.046   -10.875 -6.288  1.00 45.49 ? 99  VAL A C     1 
ATOM   650  O  O     . VAL A 1 116 ? 1.880   -10.605 -6.584  1.00 45.63 ? 99  VAL A O     1 
ATOM   651  C  CB    . VAL A 1 116 ? 4.574   -9.017  -5.287  1.00 45.29 ? 99  VAL A CB    1 
ATOM   652  C  CG1   . VAL A 1 116 ? 3.992   -8.179  -6.387  1.00 45.09 ? 99  VAL A CG1   1 
ATOM   653  C  CG2   . VAL A 1 116 ? 4.708   -8.189  -4.004  1.00 44.99 ? 99  VAL A CG2   1 
ATOM   654  N  N     . LYS A 1 117 ? 3.779   -11.714 -6.997  1.00 45.56 ? 100 LYS A N     1 
ATOM   655  C  CA    . LYS A 1 117 ? 3.259   -12.357 -8.190  1.00 45.72 ? 100 LYS A CA    1 
ATOM   656  C  C     . LYS A 1 117 ? 1.860   -12.981 -7.963  1.00 45.78 ? 100 LYS A C     1 
ATOM   657  O  O     . LYS A 1 117 ? 0.945   -12.787 -8.772  1.00 45.77 ? 100 LYS A O     1 
ATOM   658  C  CB    . LYS A 1 117 ? 4.274   -13.387 -8.658  1.00 45.64 ? 100 LYS A CB    1 
ATOM   659  C  CG    . LYS A 1 117 ? 3.830   -14.315 -9.763  1.00 46.06 ? 100 LYS A CG    1 
ATOM   660  C  CD    . LYS A 1 117 ? 5.039   -15.137 -10.266 1.00 46.30 ? 100 LYS A CD    1 
ATOM   661  C  CE    . LYS A 1 117 ? 4.628   -16.423 -10.981 1.00 46.86 ? 100 LYS A CE    1 
ATOM   662  N  NZ    . LYS A 1 117 ? 4.309   -17.521 -10.027 1.00 47.94 ? 100 LYS A NZ    1 
ATOM   663  N  N     . GLN A 1 118 ? 1.696   -13.717 -6.862  1.00 45.94 ? 101 GLN A N     1 
ATOM   664  C  CA    . GLN A 1 118 ? 0.403   -14.357 -6.537  1.00 45.90 ? 101 GLN A CA    1 
ATOM   665  C  C     . GLN A 1 118 ? -0.629  -13.315 -6.189  1.00 45.89 ? 101 GLN A C     1 
ATOM   666  O  O     . GLN A 1 118 ? -1.779  -13.367 -6.652  1.00 45.81 ? 101 GLN A O     1 
ATOM   667  C  CB    . GLN A 1 118 ? 0.533   -15.329 -5.355  1.00 45.92 ? 101 GLN A CB    1 
ATOM   668  C  CG    . GLN A 1 118 ? 0.946   -16.724 -5.738  1.00 46.53 ? 101 GLN A CG    1 
ATOM   669  C  CD    . GLN A 1 118 ? 2.331   -16.783 -6.353  1.00 47.31 ? 101 GLN A CD    1 
ATOM   670  O  OE1   . GLN A 1 118 ? 3.252   -16.103 -5.895  1.00 47.12 ? 101 GLN A OE1   1 
ATOM   671  N  NE2   . GLN A 1 118 ? 2.491   -17.611 -7.398  1.00 48.01 ? 101 GLN A NE2   1 
ATOM   672  N  N     . TRP A 1 119 ? -0.204  -12.357 -5.369  1.00 45.90 ? 102 TRP A N     1 
ATOM   673  C  CA    . TRP A 1 119 ? -1.081  -11.328 -4.866  1.00 45.74 ? 102 TRP A CA    1 
ATOM   674  C  C     . TRP A 1 119 ? -1.714  -10.495 -5.973  1.00 45.47 ? 102 TRP A C     1 
ATOM   675  O  O     . TRP A 1 119 ? -2.722  -9.885  -5.738  1.00 45.53 ? 102 TRP A O     1 
ATOM   676  C  CB    . TRP A 1 119 ? -0.331  -10.421 -3.899  1.00 46.08 ? 102 TRP A CB    1 
ATOM   677  C  CG    . TRP A 1 119 ? 0.061   -11.046 -2.529  1.00 46.42 ? 102 TRP A CG    1 
ATOM   678  C  CD1   . TRP A 1 119 ? 1.328   -11.195 -2.027  1.00 46.60 ? 102 TRP A CD1   1 
ATOM   679  C  CD2   . TRP A 1 119 ? -0.827  -11.547 -1.507  1.00 46.35 ? 102 TRP A CD2   1 
ATOM   680  N  NE1   . TRP A 1 119 ? 1.286   -11.761 -0.773  1.00 46.29 ? 102 TRP A NE1   1 
ATOM   681  C  CE2   . TRP A 1 119 ? -0.021  -11.989 -0.431  1.00 46.44 ? 102 TRP A CE2   1 
ATOM   682  C  CE3   . TRP A 1 119 ? -2.213  -11.675 -1.405  1.00 46.16 ? 102 TRP A CE3   1 
ATOM   683  C  CZ2   . TRP A 1 119 ? -0.565  -12.550 0.731   1.00 46.62 ? 102 TRP A CZ2   1 
ATOM   684  C  CZ3   . TRP A 1 119 ? -2.747  -12.227 -0.253  1.00 46.31 ? 102 TRP A CZ3   1 
ATOM   685  C  CH2   . TRP A 1 119 ? -1.927  -12.657 0.800   1.00 46.28 ? 102 TRP A CH2   1 
ATOM   686  N  N     . LEU A 1 120 ? -1.127  -10.476 -7.170  1.00 45.54 ? 103 LEU A N     1 
ATOM   687  C  CA    . LEU A 1 120 ? -1.724  -9.779  -8.338  1.00 45.81 ? 103 LEU A CA    1 
ATOM   688  C  C     . LEU A 1 120 ? -2.735  -10.658 -9.118  1.00 46.16 ? 103 LEU A C     1 
ATOM   689  O  O     . LEU A 1 120 ? -3.678  -10.143 -9.744  1.00 45.93 ? 103 LEU A O     1 
ATOM   690  C  CB    . LEU A 1 120 ? -0.627  -9.329  -9.290  1.00 45.45 ? 103 LEU A CB    1 
ATOM   691  C  CG    . LEU A 1 120 ? 0.418   -8.368  -8.733  1.00 44.77 ? 103 LEU A CG    1 
ATOM   692  C  CD1   . LEU A 1 120 ? 1.659   -8.370  -9.609  1.00 44.00 ? 103 LEU A CD1   1 
ATOM   693  C  CD2   . LEU A 1 120 ? -0.162  -6.974  -8.613  1.00 43.84 ? 103 LEU A CD2   1 
ATOM   694  N  N     . GLN A 1 121 ? -2.522  -11.977 -9.093  1.00 46.74 ? 104 GLN A N     1 
ATOM   695  C  CA    . GLN A 1 121 ? -3.441  -12.927 -9.732  1.00 47.40 ? 104 GLN A CA    1 
ATOM   696  C  C     . GLN A 1 121 ? -4.741  -12.941 -8.983  1.00 47.86 ? 104 GLN A C     1 
ATOM   697  O  O     . GLN A 1 121 ? -5.796  -13.196 -9.551  1.00 47.90 ? 104 GLN A O     1 
ATOM   698  C  CB    . GLN A 1 121 ? -2.871  -14.333 -9.711  1.00 47.31 ? 104 GLN A CB    1 
ATOM   699  C  CG    . GLN A 1 121 ? -1.574  -14.495 -10.463 1.00 47.63 ? 104 GLN A CG    1 
ATOM   700  C  CD    . GLN A 1 121 ? -0.986  -15.880 -10.286 1.00 47.48 ? 104 GLN A CD    1 
ATOM   701  O  OE1   . GLN A 1 121 ? -1.670  -16.798 -9.840  1.00 47.03 ? 104 GLN A OE1   1 
ATOM   702  N  NE2   . GLN A 1 121 ? 0.288   -16.036 -10.634 1.00 47.42 ? 104 GLN A NE2   1 
ATOM   703  N  N     . GLU A 1 122 ? -4.632  -12.716 -7.683  1.00 48.65 ? 105 GLU A N     1 
ATOM   704  C  CA    . GLU A 1 122 ? -5.776  -12.517 -6.806  1.00 49.46 ? 105 GLU A CA    1 
ATOM   705  C  C     . GLU A 1 122 ? -6.582  -11.298 -7.232  1.00 49.54 ? 105 GLU A C     1 
ATOM   706  O  O     . GLU A 1 122 ? -7.805  -11.340 -7.345  1.00 49.20 ? 105 GLU A O     1 
ATOM   707  C  CB    . GLU A 1 122 ? -5.278  -12.273 -5.375  1.00 50.23 ? 105 GLU A CB    1 
ATOM   708  C  CG    . GLU A 1 122 ? -4.661  -13.493 -4.679  1.00 52.00 ? 105 GLU A CG    1 
ATOM   709  C  CD    . GLU A 1 122 ? -5.690  -14.328 -3.952  1.00 54.46 ? 105 GLU A CD    1 
ATOM   710  O  OE1   . GLU A 1 122 ? -5.279  -15.212 -3.153  1.00 56.87 ? 105 GLU A OE1   1 
ATOM   711  O  OE2   . GLU A 1 122 ? -6.907  -14.098 -4.172  1.00 56.14 ? 105 GLU A OE2   1 
ATOM   712  N  N     . ILE A 1 123 ? -5.871  -10.197 -7.428  1.00 50.00 ? 106 ILE A N     1 
ATOM   713  C  CA    . ILE A 1 123 ? -6.477  -8.964  -7.876  1.00 50.22 ? 106 ILE A CA    1 
ATOM   714  C  C     . ILE A 1 123 ? -7.169  -9.199  -9.224  1.00 50.62 ? 106 ILE A C     1 
ATOM   715  O  O     . ILE A 1 123 ? -8.280  -8.723  -9.428  1.00 51.10 ? 106 ILE A O     1 
ATOM   716  C  CB    . ILE A 1 123 ? -5.439  -7.809  -7.970  1.00 50.21 ? 106 ILE A CB    1 
ATOM   717  C  CG1   . ILE A 1 123 ? -4.860  -7.502  -6.574  1.00 50.25 ? 106 ILE A CG1   1 
ATOM   718  C  CG2   . ILE A 1 123 ? -6.079  -6.556  -8.565  1.00 50.08 ? 106 ILE A CG2   1 
ATOM   719  C  CD1   . ILE A 1 123 ? -3.775  -6.420  -6.543  1.00 49.82 ? 106 ILE A CD1   1 
ATOM   720  N  N     . ASP A 1 124 ? -6.543  -9.950  -10.130 1.00 50.75 ? 107 ASP A N     1 
ATOM   721  C  CA    . ASP A 1 124 ? -7.187  -10.227 -11.415 1.00 50.78 ? 107 ASP A CA    1 
ATOM   722  C  C     . ASP A 1 124 ? -8.461  -11.074 -11.251 1.00 50.67 ? 107 ASP A C     1 
ATOM   723  O  O     . ASP A 1 124 ? -9.434  -10.880 -11.973 1.00 50.72 ? 107 ASP A O     1 
ATOM   724  C  CB    . ASP A 1 124 ? -6.205  -10.874 -12.393 1.00 51.12 ? 107 ASP A CB    1 
ATOM   725  C  CG    . ASP A 1 124 ? -5.121  -9.884  -12.871 1.00 52.58 ? 107 ASP A CG    1 
ATOM   726  O  OD1   . ASP A 1 124 ? -4.580  -10.092 -14.013 1.00 53.37 ? 107 ASP A OD1   1 
ATOM   727  O  OD2   . ASP A 1 124 ? -4.838  -8.893  -12.107 1.00 52.39 ? 107 ASP A OD2   1 
ATOM   728  N  N     . ARG A 1 125 ? -8.459  -11.987 -10.282 1.00 50.48 ? 108 ARG A N     1 
ATOM   729  C  CA    . ARG A 1 125 ? -9.621  -12.843 -10.028 1.00 50.30 ? 108 ARG A CA    1 
ATOM   730  C  C     . ARG A 1 125 ? -10.749 -12.096 -9.298  1.00 50.05 ? 108 ARG A C     1 
ATOM   731  O  O     . ARG A 1 125 ? -11.865 -12.053 -9.790  1.00 49.90 ? 108 ARG A O     1 
ATOM   732  C  CB    . ARG A 1 125 ? -9.209  -14.081 -9.228  1.00 50.23 ? 108 ARG A CB    1 
ATOM   733  C  CG    . ARG A 1 125 ? -10.345 -15.065 -8.967  1.00 50.39 ? 108 ARG A CG    1 
ATOM   734  C  CD    . ARG A 1 125 ? -9.806  -16.413 -8.453  1.00 50.53 ? 108 ARG A CD    1 
ATOM   735  N  NE    . ARG A 1 125 ? -10.821 -17.480 -8.430  1.00 50.76 ? 108 ARG A NE    1 
ATOM   736  C  CZ    . ARG A 1 125 ? -10.603 -18.724 -7.989  1.00 50.59 ? 108 ARG A CZ    1 
ATOM   737  N  NH1   . ARG A 1 125 ? -9.409  -19.063 -7.509  1.00 50.85 ? 108 ARG A NH1   1 
ATOM   738  N  NH2   . ARG A 1 125 ? -11.581 -19.628 -8.017  1.00 49.83 ? 108 ARG A NH2   1 
ATOM   739  N  N     . TYR A 1 126 ? -10.446 -11.509 -8.134  1.00 50.04 ? 109 TYR A N     1 
ATOM   740  C  CA    . TYR A 1 126 ? -11.459 -10.799 -7.302  1.00 49.91 ? 109 TYR A CA    1 
ATOM   741  C  C     . TYR A 1 126 ? -11.288 -9.266  -7.264  1.00 49.88 ? 109 TYR A C     1 
ATOM   742  O  O     . TYR A 1 126 ? -10.960 -8.701  -6.220  1.00 50.12 ? 109 TYR A O     1 
ATOM   743  C  CB    . TYR A 1 126 ? -11.402 -11.308 -5.860  1.00 50.10 ? 109 TYR A CB    1 
ATOM   744  C  CG    . TYR A 1 126 ? -11.236 -12.792 -5.744  1.00 50.51 ? 109 TYR A CG    1 
ATOM   745  C  CD1   . TYR A 1 126 ? -9.990  -13.355 -5.452  1.00 50.74 ? 109 TYR A CD1   1 
ATOM   746  C  CD2   . TYR A 1 126 ? -12.316 -13.645 -5.934  1.00 50.38 ? 109 TYR A CD2   1 
ATOM   747  C  CE1   . TYR A 1 126 ? -9.836  -14.737 -5.344  1.00 50.39 ? 109 TYR A CE1   1 
ATOM   748  C  CE2   . TYR A 1 126 ? -12.173 -15.017 -5.830  1.00 50.61 ? 109 TYR A CE2   1 
ATOM   749  C  CZ    . TYR A 1 126 ? -10.935 -15.559 -5.530  1.00 50.61 ? 109 TYR A CZ    1 
ATOM   750  O  OH    . TYR A 1 126 ? -10.806 -16.934 -5.427  1.00 50.94 ? 109 TYR A OH    1 
ATOM   751  N  N     . ALA A 1 127 ? -11.494 -8.578  -8.379  1.00 49.47 ? 110 ALA A N     1 
ATOM   752  C  CA    . ALA A 1 127 ? -11.424 -7.119  -8.341  1.00 49.16 ? 110 ALA A CA    1 
ATOM   753  C  C     . ALA A 1 127 ? -11.823 -6.518  -9.652  1.00 49.02 ? 110 ALA A C     1 
ATOM   754  O  O     . ALA A 1 127 ? -11.491 -7.052  -10.708 1.00 49.05 ? 110 ALA A O     1 
ATOM   755  C  CB    . ALA A 1 127 ? -10.031 -6.653  -7.959  1.00 48.98 ? 110 ALA A CB    1 
ATOM   756  N  N     . SER A 1 128 ? -12.552 -5.404  -9.577  1.00 48.77 ? 111 SER A N     1 
ATOM   757  C  CA    . SER A 1 128 ? -12.867 -4.602  -10.748 1.00 48.31 ? 111 SER A CA    1 
ATOM   758  C  C     . SER A 1 128 ? -11.678 -4.652  -11.711 1.00 47.72 ? 111 SER A C     1 
ATOM   759  O  O     . SER A 1 128 ? -10.519 -4.515  -11.303 1.00 47.68 ? 111 SER A O     1 
ATOM   760  C  CB    . SER A 1 128 ? -13.166 -3.178  -10.306 1.00 48.64 ? 111 SER A CB    1 
ATOM   761  O  OG    . SER A 1 128 ? -14.200 -3.189  -9.310  1.00 49.49 ? 111 SER A OG    1 
ATOM   762  N  N     . GLU A 1 129 ? -11.963 -4.864  -12.986 1.00 47.07 ? 112 GLU A N     1 
ATOM   763  C  CA    . GLU A 1 129 ? -10.909 -5.207  -13.940 1.00 46.61 ? 112 GLU A CA    1 
ATOM   764  C  C     . GLU A 1 129 ? -9.792  -4.181  -14.107 1.00 45.81 ? 112 GLU A C     1 
ATOM   765  O  O     . GLU A 1 129 ? -8.671  -4.562  -14.467 1.00 45.61 ? 112 GLU A O     1 
ATOM   766  C  CB    . GLU A 1 129 ? -11.487 -5.632  -15.318 1.00 46.83 ? 112 GLU A CB    1 
ATOM   767  C  CG    . GLU A 1 129 ? -12.379 -4.631  -16.037 1.00 47.23 ? 112 GLU A CG    1 
ATOM   768  C  CD    . GLU A 1 129 ? -12.359 -4.854  -17.548 1.00 47.42 ? 112 GLU A CD    1 
ATOM   769  O  OE1   . GLU A 1 129 ? -11.316 -4.529  -18.182 1.00 48.18 ? 112 GLU A OE1   1 
ATOM   770  O  OE2   . GLU A 1 129 ? -13.370 -5.354  -18.101 1.00 48.54 ? 112 GLU A OE2   1 
ATOM   771  N  N     . ASN A 1 130 ? -10.074 -2.905  -13.842 1.00 44.86 ? 113 ASN A N     1 
ATOM   772  C  CA    . ASN A 1 130 ? -9.033  -1.876  -13.943 1.00 44.28 ? 113 ASN A CA    1 
ATOM   773  C  C     . ASN A 1 130 ? -8.673  -1.244  -12.602 1.00 43.42 ? 113 ASN A C     1 
ATOM   774  O  O     . ASN A 1 130 ? -8.148  -0.146  -12.537 1.00 42.63 ? 113 ASN A O     1 
ATOM   775  C  CB    . ASN A 1 130 ? -9.439  -0.835  -14.973 1.00 44.09 ? 113 ASN A CB    1 
ATOM   776  C  CG    . ASN A 1 130 ? -9.512  -1.422  -16.374 1.00 44.42 ? 113 ASN A CG    1 
ATOM   777  O  OD1   . ASN A 1 130 ? -8.498  -1.837  -16.955 1.00 43.54 ? 113 ASN A OD1   1 
ATOM   778  N  ND2   . ASN A 1 130 ? -10.710 -1.482  -16.913 1.00 45.40 ? 113 ASN A ND2   1 
ATOM   779  N  N     . VAL A 1 131 ? -8.923  -1.986  -11.536 1.00 43.06 ? 114 VAL A N     1 
ATOM   780  C  CA    . VAL A 1 131 ? -8.643  -1.520  -10.193 1.00 43.13 ? 114 VAL A CA    1 
ATOM   781  C  C     . VAL A 1 131 ? -7.196  -1.069  -10.109 1.00 42.90 ? 114 VAL A C     1 
ATOM   782  O  O     . VAL A 1 131 ? -6.308  -1.751  -10.571 1.00 43.00 ? 114 VAL A O     1 
ATOM   783  C  CB    . VAL A 1 131 ? -8.898  -2.633  -9.151  1.00 42.96 ? 114 VAL A CB    1 
ATOM   784  C  CG1   . VAL A 1 131 ? -7.954  -3.802  -9.379  1.00 42.80 ? 114 VAL A CG1   1 
ATOM   785  C  CG2   . VAL A 1 131 ? -8.754  -2.093  -7.743  1.00 42.92 ? 114 VAL A CG2   1 
ATOM   786  N  N     . ASN A 1 132 ? -6.961  0.086   -9.520  1.00 42.75 ? 115 ASN A N     1 
ATOM   787  C  CA    . ASN A 1 132 ? -5.621  0.617   -9.457  1.00 42.76 ? 115 ASN A CA    1 
ATOM   788  C  C     . ASN A 1 132 ? -4.733  -0.161  -8.540  1.00 43.29 ? 115 ASN A C     1 
ATOM   789  O  O     . ASN A 1 132 ? -5.200  -0.725  -7.547  1.00 44.18 ? 115 ASN A O     1 
ATOM   790  C  CB    . ASN A 1 132 ? -5.632  2.056   -9.020  1.00 42.37 ? 115 ASN A CB    1 
ATOM   791  C  CG    . ASN A 1 132 ? -6.013  2.970   -10.119 1.00 41.14 ? 115 ASN A CG    1 
ATOM   792  O  OD1   . ASN A 1 132 ? -7.118  3.460   -10.138 1.00 39.40 ? 115 ASN A OD1   1 
ATOM   793  N  ND2   . ASN A 1 132 ? -5.100  3.196   -11.070 1.00 38.81 ? 115 ASN A ND2   1 
ATOM   794  N  N     . LYS A 1 133 ? -3.434  -0.172  -8.866  1.00 43.37 ? 116 LYS A N     1 
ATOM   795  C  CA    . LYS A 1 133 ? -2.451  -0.945  -8.129  1.00 42.86 ? 116 LYS A CA    1 
ATOM   796  C  C     . LYS A 1 133 ? -1.225  -0.117  -7.796  1.00 42.84 ? 116 LYS A C     1 
ATOM   797  O  O     . LYS A 1 133 ? -0.810  0.715   -8.578  1.00 42.86 ? 116 LYS A O     1 
ATOM   798  C  CB    . LYS A 1 133 ? -2.056  -2.169  -8.950  1.00 42.85 ? 116 LYS A CB    1 
ATOM   799  C  CG    . LYS A 1 133 ? -3.198  -3.131  -9.141  1.00 42.38 ? 116 LYS A CG    1 
ATOM   800  C  CD    . LYS A 1 133 ? -2.790  -4.436  -9.821  1.00 42.20 ? 116 LYS A CD    1 
ATOM   801  C  CE    . LYS A 1 133 ? -3.034  -4.404  -11.311 1.00 41.91 ? 116 LYS A CE    1 
ATOM   802  N  NZ    . LYS A 1 133 ? -3.392  -5.763  -11.808 1.00 41.72 ? 116 LYS A NZ    1 
ATOM   803  N  N     . LEU A 1 134 ? -0.672  -0.343  -6.610  1.00 42.79 ? 117 LEU A N     1 
ATOM   804  C  CA    . LEU A 1 134 ? 0.588   0.265   -6.209  1.00 42.73 ? 117 LEU A CA    1 
ATOM   805  C  C     . LEU A 1 134 ? 1.394   -0.795  -5.487  1.00 42.67 ? 117 LEU A C     1 
ATOM   806  O  O     . LEU A 1 134 ? 0.851   -1.538  -4.675  1.00 42.56 ? 117 LEU A O     1 
ATOM   807  C  CB    . LEU A 1 134 ? 0.341   1.447   -5.284  1.00 42.71 ? 117 LEU A CB    1 
ATOM   808  C  CG    . LEU A 1 134 ? 1.577   2.084   -4.651  1.00 42.58 ? 117 LEU A CG    1 
ATOM   809  C  CD1   . LEU A 1 134 ? 2.437   2.711   -5.704  1.00 42.70 ? 117 LEU A CD1   1 
ATOM   810  C  CD2   . LEU A 1 134 ? 1.154   3.118   -3.642  1.00 42.39 ? 117 LEU A CD2   1 
ATOM   811  N  N     . LEU A 1 135 ? 2.686   -0.865  -5.784  1.00 42.90 ? 118 LEU A N     1 
ATOM   812  C  CA    . LEU A 1 135 ? 3.593   -1.800  -5.104  1.00 42.95 ? 118 LEU A CA    1 
ATOM   813  C  C     . LEU A 1 135 ? 4.377   -1.062  -4.035  1.00 43.17 ? 118 LEU A C     1 
ATOM   814  O  O     . LEU A 1 135 ? 4.957   0.005   -4.295  1.00 43.21 ? 118 LEU A O     1 
ATOM   815  C  CB    . LEU A 1 135 ? 4.560   -2.413  -6.103  1.00 42.90 ? 118 LEU A CB    1 
ATOM   816  C  CG    . LEU A 1 135 ? 5.610   -3.383  -5.566  1.00 42.69 ? 118 LEU A CG    1 
ATOM   817  C  CD1   . LEU A 1 135 ? 4.986   -4.579  -4.839  1.00 40.28 ? 118 LEU A CD1   1 
ATOM   818  C  CD2   . LEU A 1 135 ? 6.493   -3.829  -6.728  1.00 42.38 ? 118 LEU A CD2   1 
ATOM   819  N  N     . VAL A 1 136 ? 4.408   -1.627  -2.838  1.00 43.39 ? 119 VAL A N     1 
ATOM   820  C  CA    . VAL A 1 136 ? 5.113   -0.999  -1.733  1.00 43.76 ? 119 VAL A CA    1 
ATOM   821  C  C     . VAL A 1 136 ? 6.133   -1.946  -1.054  1.00 44.16 ? 119 VAL A C     1 
ATOM   822  O  O     . VAL A 1 136 ? 5.803   -3.067  -0.660  1.00 44.81 ? 119 VAL A O     1 
ATOM   823  C  CB    . VAL A 1 136 ? 4.112   -0.438  -0.710  1.00 43.74 ? 119 VAL A CB    1 
ATOM   824  C  CG1   . VAL A 1 136 ? 4.829   0.120   0.539   1.00 44.37 ? 119 VAL A CG1   1 
ATOM   825  C  CG2   . VAL A 1 136 ? 3.283   0.640   -1.359  1.00 43.71 ? 119 VAL A CG2   1 
ATOM   826  N  N     . GLY A 1 137 ? 7.377   -1.494  -0.950  1.00 44.26 ? 120 GLY A N     1 
ATOM   827  C  CA    . GLY A 1 137 ? 8.411   -2.234  -0.243  1.00 44.14 ? 120 GLY A CA    1 
ATOM   828  C  C     . GLY A 1 137 ? 8.570   -1.577  1.101   1.00 44.23 ? 120 GLY A C     1 
ATOM   829  O  O     . GLY A 1 137 ? 9.306   -0.591  1.247   1.00 44.66 ? 120 GLY A O     1 
ATOM   830  N  N     . ASN A 1 138 ? 7.851   -2.092  2.084   1.00 44.13 ? 121 ASN A N     1 
ATOM   831  C  CA    . ASN A 1 138 ? 7.899   -1.536  3.425   1.00 44.03 ? 121 ASN A CA    1 
ATOM   832  C  C     . ASN A 1 138 ? 9.265   -1.817  4.078   1.00 43.98 ? 121 ASN A C     1 
ATOM   833  O  O     . ASN A 1 138 ? 10.055  -2.654  3.590   1.00 43.80 ? 121 ASN A O     1 
ATOM   834  C  CB    . ASN A 1 138 ? 6.756   -2.116  4.274   1.00 43.86 ? 121 ASN A CB    1 
ATOM   835  C  CG    . ASN A 1 138 ? 6.580   -1.392  5.605   1.00 44.11 ? 121 ASN A CG    1 
ATOM   836  O  OD1   . ASN A 1 138 ? 6.763   -0.170  5.686   1.00 43.72 ? 121 ASN A OD1   1 
ATOM   837  N  ND2   . ASN A 1 138 ? 6.215   -2.146  6.662   1.00 44.16 ? 121 ASN A ND2   1 
ATOM   838  N  N     . LYS A 1 139 ? 9.539   -1.102  5.170   1.00 43.88 ? 122 LYS A N     1 
ATOM   839  C  CA    . LYS A 1 139 ? 10.779  -1.269  5.944   1.00 43.78 ? 122 LYS A CA    1 
ATOM   840  C  C     . LYS A 1 139 ? 12.018  -0.800  5.157   1.00 43.51 ? 122 LYS A C     1 
ATOM   841  O  O     . LYS A 1 139 ? 13.081  -1.400  5.235   1.00 43.24 ? 122 LYS A O     1 
ATOM   842  C  CB    . LYS A 1 139 ? 10.941  -2.733  6.429   1.00 43.65 ? 122 LYS A CB    1 
ATOM   843  C  CG    . LYS A 1 139 ? 9.848   -3.188  7.420   1.00 43.55 ? 122 LYS A CG    1 
ATOM   844  C  CD    . LYS A 1 139 ? 9.837   -4.713  7.595   1.00 43.41 ? 122 LYS A CD    1 
ATOM   845  C  CE    . LYS A 1 139 ? 9.004   -5.162  8.791   1.00 42.69 ? 122 LYS A CE    1 
ATOM   846  N  NZ    . LYS A 1 139 ? 8.821   -6.622  8.811   1.00 40.79 ? 122 LYS A NZ    1 
ATOM   847  N  N     . CYS A 1 140 ? 11.889  0.284   4.413   1.00 43.22 ? 123 CYS A N     1 
ATOM   848  C  CA    . CYS A 1 140 ? 13.025  0.752   3.690   1.00 43.58 ? 123 CYS A CA    1 
ATOM   849  C  C     . CYS A 1 140 ? 14.162  1.132   4.690   1.00 43.41 ? 123 CYS A C     1 
ATOM   850  O  O     . CYS A 1 140 ? 15.351  1.183   4.325   1.00 43.01 ? 123 CYS A O     1 
ATOM   851  C  CB    . CYS A 1 140 ? 12.639  1.901   2.753   1.00 43.62 ? 123 CYS A CB    1 
ATOM   852  S  SG    . CYS A 1 140 ? 12.000  3.365   3.525   1.00 45.27 ? 123 CYS A SG    1 
ATOM   853  N  N     . ASP A 1 141 ? 13.792  1.339   5.954   1.00 43.22 ? 124 ASP A N     1 
ATOM   854  C  CA    . ASP A 1 141 ? 14.750  1.749   6.974   1.00 43.33 ? 124 ASP A CA    1 
ATOM   855  C  C     . ASP A 1 141 ? 15.780  0.671   7.384   1.00 43.55 ? 124 ASP A C     1 
ATOM   856  O  O     . ASP A 1 141 ? 16.888  0.990   7.846   1.00 43.94 ? 124 ASP A O     1 
ATOM   857  C  CB    . ASP A 1 141 ? 14.005  2.286   8.196   1.00 43.22 ? 124 ASP A CB    1 
ATOM   858  C  CG    . ASP A 1 141 ? 12.996  1.317   8.735   1.00 43.12 ? 124 ASP A CG    1 
ATOM   859  O  OD1   . ASP A 1 141 ? 12.002  1.043   8.042   1.00 41.53 ? 124 ASP A OD1   1 
ATOM   860  O  OD2   . ASP A 1 141 ? 13.200  0.830   9.866   1.00 43.88 ? 124 ASP A OD2   1 
ATOM   861  N  N     . LEU A 1 142 ? 15.444  -0.593  7.195   1.00 43.64 ? 125 LEU A N     1 
ATOM   862  C  CA    . LEU A 1 142 ? 16.353  -1.690  7.556   1.00 43.69 ? 125 LEU A CA    1 
ATOM   863  C  C     . LEU A 1 142 ? 17.378  -1.996  6.395   1.00 43.97 ? 125 LEU A C     1 
ATOM   864  O  O     . LEU A 1 142 ? 17.419  -3.097  5.833   1.00 44.00 ? 125 LEU A O     1 
ATOM   865  C  CB    . LEU A 1 142 ? 15.516  -2.929  7.960   1.00 43.43 ? 125 LEU A CB    1 
ATOM   866  C  CG    . LEU A 1 142 ? 14.482  -2.722  9.099   1.00 42.49 ? 125 LEU A CG    1 
ATOM   867  C  CD1   . LEU A 1 142 ? 13.496  -3.852  9.113   1.00 41.57 ? 125 LEU A CD1   1 
ATOM   868  C  CD2   . LEU A 1 142 ? 15.110  -2.560  10.478  1.00 40.52 ? 125 LEU A CD2   1 
ATOM   869  N  N     . THR A 1 143 ? 18.201  -0.996  6.078   1.00 44.21 ? 126 THR A N     1 
ATOM   870  C  CA    . THR A 1 143 ? 19.188  -1.052  4.961   1.00 44.14 ? 126 THR A CA    1 
ATOM   871  C  C     . THR A 1 143 ? 20.272  -2.136  5.086   1.00 43.99 ? 126 THR A C     1 
ATOM   872  O  O     . THR A 1 143 ? 20.805  -2.640  4.076   1.00 43.44 ? 126 THR A O     1 
ATOM   873  C  CB    . THR A 1 143 ? 19.926  0.308   4.836   1.00 44.24 ? 126 THR A CB    1 
ATOM   874  O  OG1   . THR A 1 143 ? 20.585  0.621   6.071   1.00 44.14 ? 126 THR A OG1   1 
ATOM   875  C  CG2   . THR A 1 143 ? 18.941  1.425   4.474   1.00 44.03 ? 126 THR A CG2   1 
ATOM   876  N  N     . THR A 1 144 ? 20.614  -2.470  6.323   1.00 44.15 ? 127 THR A N     1 
ATOM   877  C  CA    . THR A 1 144 ? 21.599  -3.501  6.565   1.00 44.36 ? 127 THR A CA    1 
ATOM   878  C  C     . THR A 1 144 ? 20.977  -4.801  6.194   1.00 44.44 ? 127 THR A C     1 
ATOM   879  O  O     . THR A 1 144 ? 21.669  -5.727  5.757   1.00 44.87 ? 127 THR A O     1 
ATOM   880  C  CB    . THR A 1 144 ? 22.067  -3.552  8.044   1.00 44.33 ? 127 THR A CB    1 
ATOM   881  O  OG1   . THR A 1 144 ? 22.756  -2.330  8.371   1.00 44.19 ? 127 THR A OG1   1 
ATOM   882  C  CG2   . THR A 1 144 ? 23.015  -4.766  8.291   1.00 44.27 ? 127 THR A CG2   1 
ATOM   883  N  N     . LYS A 1 145 ? 19.657  -4.864  6.336   1.00 44.49 ? 128 LYS A N     1 
ATOM   884  C  CA    . LYS A 1 145 ? 18.924  -6.097  6.112   1.00 44.50 ? 128 LYS A CA    1 
ATOM   885  C  C     . LYS A 1 145 ? 18.316  -6.170  4.701   1.00 44.46 ? 128 LYS A C     1 
ATOM   886  O  O     . LYS A 1 145 ? 17.858  -7.241  4.275   1.00 44.90 ? 128 LYS A O     1 
ATOM   887  C  CB    . LYS A 1 145 ? 17.833  -6.270  7.181   1.00 44.65 ? 128 LYS A CB    1 
ATOM   888  C  CG    . LYS A 1 145 ? 18.362  -6.333  8.626   1.00 44.90 ? 128 LYS A CG    1 
ATOM   889  C  CD    . LYS A 1 145 ? 18.569  -4.944  9.212   1.00 45.92 ? 128 LYS A CD    1 
ATOM   890  C  CE    . LYS A 1 145 ? 18.956  -4.989  10.676  1.00 45.84 ? 128 LYS A CE    1 
ATOM   891  N  NZ    . LYS A 1 145 ? 17.808  -5.367  11.551  1.00 46.19 ? 128 LYS A NZ    1 
ATOM   892  N  N     . LYS A 1 146 ? 18.347  -5.050  3.973   1.00 44.10 ? 129 LYS A N     1 
ATOM   893  C  CA    . LYS A 1 146 ? 17.708  -4.957  2.643   1.00 43.73 ? 129 LYS A CA    1 
ATOM   894  C  C     . LYS A 1 146 ? 18.295  -5.959  1.644   1.00 43.53 ? 129 LYS A C     1 
ATOM   895  O  O     . LYS A 1 146 ? 19.471  -5.910  1.324   1.00 43.59 ? 129 LYS A O     1 
ATOM   896  C  CB    . LYS A 1 146 ? 17.805  -3.527  2.107   1.00 43.47 ? 129 LYS A CB    1 
ATOM   897  C  CG    . LYS A 1 146 ? 16.938  -3.261  0.892   1.00 43.47 ? 129 LYS A CG    1 
ATOM   898  C  CD    . LYS A 1 146 ? 16.558  -1.771  0.783   1.00 43.11 ? 129 LYS A CD    1 
ATOM   899  C  CE    . LYS A 1 146 ? 16.051  -1.419  -0.607  1.00 42.51 ? 129 LYS A CE    1 
ATOM   900  N  NZ    . LYS A 1 146 ? 15.888  0.039   -0.784  1.00 41.79 ? 129 LYS A NZ    1 
ATOM   901  N  N     . VAL A 1 147 ? 17.450  -6.877  1.189   1.00 43.41 ? 130 VAL A N     1 
ATOM   902  C  CA    . VAL A 1 147 ? 17.840  -7.909  0.251   1.00 43.12 ? 130 VAL A CA    1 
ATOM   903  C  C     . VAL A 1 147 ? 17.129  -7.702  -1.098  1.00 43.39 ? 130 VAL A C     1 
ATOM   904  O  O     . VAL A 1 147 ? 17.618  -8.186  -2.128  1.00 43.81 ? 130 VAL A O     1 
ATOM   905  C  CB    . VAL A 1 147 ? 17.502  -9.302  0.785   1.00 43.09 ? 130 VAL A CB    1 
ATOM   906  C  CG1   . VAL A 1 147 ? 18.110  -9.505  2.191   1.00 42.88 ? 130 VAL A CG1   1 
ATOM   907  C  CG2   . VAL A 1 147 ? 16.000  -9.512  0.802   1.00 42.27 ? 130 VAL A CG2   1 
ATOM   908  N  N     . VAL A 1 148 ? 15.990  -6.984  -1.104  1.00 43.19 ? 131 VAL A N     1 
ATOM   909  C  CA    . VAL A 1 148 ? 15.257  -6.699  -2.356  1.00 42.63 ? 131 VAL A CA    1 
ATOM   910  C  C     . VAL A 1 148 ? 15.714  -5.363  -2.935  1.00 42.73 ? 131 VAL A C     1 
ATOM   911  O  O     . VAL A 1 148 ? 15.244  -4.293  -2.517  1.00 43.11 ? 131 VAL A O     1 
ATOM   912  C  CB    . VAL A 1 148 ? 13.700  -6.663  -2.162  1.00 42.55 ? 131 VAL A CB    1 
ATOM   913  C  CG1   . VAL A 1 148 ? 13.002  -6.389  -3.496  1.00 41.34 ? 131 VAL A CG1   1 
ATOM   914  C  CG2   . VAL A 1 148 ? 13.186  -7.966  -1.538  1.00 41.80 ? 131 VAL A CG2   1 
ATOM   915  N  N     . ASP A 1 149 ? 16.632  -5.418  -3.899  1.00 42.43 ? 132 ASP A N     1 
ATOM   916  C  CA    . ASP A 1 149 ? 17.137  -4.199  -4.533  1.00 42.01 ? 132 ASP A CA    1 
ATOM   917  C  C     . ASP A 1 149 ? 16.008  -3.342  -5.065  1.00 41.44 ? 132 ASP A C     1 
ATOM   918  O  O     . ASP A 1 149 ? 15.173  -3.799  -5.841  1.00 40.84 ? 132 ASP A O     1 
ATOM   919  C  CB    . ASP A 1 149 ? 18.145  -4.525  -5.669  1.00 42.23 ? 132 ASP A CB    1 
ATOM   920  C  CG    . ASP A 1 149 ? 19.488  -5.033  -5.131  1.00 42.86 ? 132 ASP A CG    1 
ATOM   921  O  OD1   . ASP A 1 149 ? 19.564  -5.202  -3.893  1.00 45.03 ? 132 ASP A OD1   1 
ATOM   922  O  OD2   . ASP A 1 149 ? 20.453  -5.262  -5.921  1.00 41.68 ? 132 ASP A OD2   1 
ATOM   923  N  N     . TYR A 1 150 ? 15.995  -2.086  -4.625  1.00 41.25 ? 133 TYR A N     1 
ATOM   924  C  CA    . TYR A 1 150 ? 15.063  -1.076  -5.142  1.00 41.34 ? 133 TYR A CA    1 
ATOM   925  C  C     . TYR A 1 150 ? 14.929  -1.151  -6.647  1.00 41.20 ? 133 TYR A C     1 
ATOM   926  O  O     . TYR A 1 150 ? 13.823  -1.159  -7.198  1.00 40.68 ? 133 TYR A O     1 
ATOM   927  C  CB    . TYR A 1 150 ? 15.568  0.338   -4.802  1.00 41.04 ? 133 TYR A CB    1 
ATOM   928  C  CG    . TYR A 1 150 ? 14.775  1.412   -5.495  1.00 40.58 ? 133 TYR A CG    1 
ATOM   929  C  CD1   . TYR A 1 150 ? 13.657  1.959   -4.903  1.00 40.34 ? 133 TYR A CD1   1 
ATOM   930  C  CD2   . TYR A 1 150 ? 15.123  1.848   -6.752  1.00 40.40 ? 133 TYR A CD2   1 
ATOM   931  C  CE1   . TYR A 1 150 ? 12.919  2.930   -5.531  1.00 40.63 ? 133 TYR A CE1   1 
ATOM   932  C  CE2   . TYR A 1 150 ? 14.384  2.805   -7.400  1.00 40.56 ? 133 TYR A CE2   1 
ATOM   933  C  CZ    . TYR A 1 150 ? 13.286  3.344   -6.784  1.00 40.70 ? 133 TYR A CZ    1 
ATOM   934  O  OH    . TYR A 1 150 ? 12.559  4.306   -7.421  1.00 40.84 ? 133 TYR A OH    1 
ATOM   935  N  N     . THR A 1 151 ? 16.084  -1.182  -7.304  1.00 41.39 ? 134 THR A N     1 
ATOM   936  C  CA    . THR A 1 151 ? 16.153  -1.077  -8.752  1.00 41.67 ? 134 THR A CA    1 
ATOM   937  C  C     . THR A 1 151 ? 15.419  -2.255  -9.421  1.00 41.72 ? 134 THR A C     1 
ATOM   938  O  O     . THR A 1 151 ? 14.794  -2.107  -10.492 1.00 41.40 ? 134 THR A O     1 
ATOM   939  C  CB    . THR A 1 151 ? 17.633  -1.013  -9.232  1.00 41.50 ? 134 THR A CB    1 
ATOM   940  O  OG1   . THR A 1 151 ? 18.243  -2.285  -9.016  1.00 42.25 ? 134 THR A OG1   1 
ATOM   941  C  CG2   . THR A 1 151 ? 18.426  0.077   -8.465  1.00 41.06 ? 134 THR A CG2   1 
ATOM   942  N  N     . THR A 1 152 ? 15.479  -3.418  -8.775  1.00 42.04 ? 135 THR A N     1 
ATOM   943  C  CA    . THR A 1 152 ? 14.902  -4.636  -9.359  1.00 41.95 ? 135 THR A CA    1 
ATOM   944  C  C     . THR A 1 152 ? 13.398  -4.750  -9.040  1.00 41.98 ? 135 THR A C     1 
ATOM   945  O  O     . THR A 1 152 ? 12.647  -5.352  -9.805  1.00 41.96 ? 135 THR A O     1 
ATOM   946  C  CB    . THR A 1 152 ? 15.751  -5.917  -9.008  1.00 42.11 ? 135 THR A CB    1 
ATOM   947  O  OG1   . THR A 1 152 ? 16.213  -5.844  -7.653  1.00 41.75 ? 135 THR A OG1   1 
ATOM   948  C  CG2   . THR A 1 152 ? 17.006  -6.044  -9.996  1.00 40.90 ? 135 THR A CG2   1 
ATOM   949  N  N     . ALA A 1 153 ? 12.966  -4.140  -7.934  1.00 41.92 ? 136 ALA A N     1 
ATOM   950  C  CA    . ALA A 1 153 ? 11.545  -4.024  -7.641  1.00 41.85 ? 136 ALA A CA    1 
ATOM   951  C  C     . ALA A 1 153 ? 10.951  -2.985  -8.577  1.00 41.81 ? 136 ALA A C     1 
ATOM   952  O  O     . ALA A 1 153 ? 9.875   -3.159  -9.092  1.00 41.78 ? 136 ALA A O     1 
ATOM   953  C  CB    . ALA A 1 153 ? 11.327  -3.619  -6.202  1.00 41.55 ? 136 ALA A CB    1 
ATOM   954  N  N     . LYS A 1 154 ? 11.667  -1.895  -8.798  1.00 42.17 ? 137 LYS A N     1 
ATOM   955  C  CA    . LYS A 1 154 ? 11.168  -0.832  -9.659  1.00 42.26 ? 137 LYS A CA    1 
ATOM   956  C  C     . LYS A 1 154 ? 10.990  -1.341  -11.066 1.00 42.27 ? 137 LYS A C     1 
ATOM   957  O  O     . LYS A 1 154 ? 9.994   -1.060  -11.723 1.00 42.16 ? 137 LYS A O     1 
ATOM   958  C  CB    . LYS A 1 154 ? 12.146  0.343   -9.653  1.00 42.48 ? 137 LYS A CB    1 
ATOM   959  C  CG    . LYS A 1 154 ? 11.915  1.390   -10.747 1.00 42.75 ? 137 LYS A CG    1 
ATOM   960  C  CD    . LYS A 1 154 ? 10.548  2.093   -10.618 1.00 43.73 ? 137 LYS A CD    1 
ATOM   961  C  CE    . LYS A 1 154 ? 10.455  3.312   -11.584 1.00 43.90 ? 137 LYS A CE    1 
ATOM   962  N  NZ    . LYS A 1 154 ? 9.145   4.025   -11.471 1.00 44.55 ? 137 LYS A NZ    1 
ATOM   963  N  N     . GLU A 1 155 ? 11.974  -2.105  -11.516 1.00 42.69 ? 138 GLU A N     1 
ATOM   964  C  CA    . GLU A 1 155 ? 12.020  -2.615  -12.877 1.00 42.45 ? 138 GLU A CA    1 
ATOM   965  C  C     . GLU A 1 155 ? 10.822  -3.527  -13.132 1.00 42.09 ? 138 GLU A C     1 
ATOM   966  O  O     . GLU A 1 155 ? 10.254  -3.574  -14.224 1.00 41.51 ? 138 GLU A O     1 
ATOM   967  C  CB    . GLU A 1 155 ? 13.351  -3.323  -13.061 1.00 42.61 ? 138 GLU A CB    1 
ATOM   968  C  CG    . GLU A 1 155 ? 13.623  -3.783  -14.455 1.00 43.83 ? 138 GLU A CG    1 
ATOM   969  C  CD    . GLU A 1 155 ? 13.262  -5.242  -14.663 1.00 46.31 ? 138 GLU A CD    1 
ATOM   970  O  OE1   . GLU A 1 155 ? 12.300  -5.733  -13.990 1.00 48.30 ? 138 GLU A OE1   1 
ATOM   971  O  OE2   . GLU A 1 155 ? 13.948  -5.895  -15.498 1.00 46.52 ? 138 GLU A OE2   1 
ATOM   972  N  N     . PHE A 1 156 ? 10.444  -4.215  -12.069 1.00 42.13 ? 139 PHE A N     1 
ATOM   973  C  CA    . PHE A 1 156 ? 9.257   -5.061  -12.000 1.00 42.14 ? 139 PHE A CA    1 
ATOM   974  C  C     . PHE A 1 156 ? 7.940   -4.278  -12.084 1.00 42.09 ? 139 PHE A C     1 
ATOM   975  O  O     . PHE A 1 156 ? 7.114   -4.551  -12.949 1.00 42.62 ? 139 PHE A O     1 
ATOM   976  C  CB    . PHE A 1 156 ? 9.315   -5.814  -10.677 1.00 42.40 ? 139 PHE A CB    1 
ATOM   977  C  CG    . PHE A 1 156 ? 8.194   -6.737  -10.447 1.00 42.28 ? 139 PHE A CG    1 
ATOM   978  C  CD1   . PHE A 1 156 ? 7.833   -7.673  -11.406 1.00 43.10 ? 139 PHE A CD1   1 
ATOM   979  C  CD2   . PHE A 1 156 ? 7.534   -6.730  -9.239  1.00 43.05 ? 139 PHE A CD2   1 
ATOM   980  C  CE1   . PHE A 1 156 ? 6.798   -8.573  -11.177 1.00 43.09 ? 139 PHE A CE1   1 
ATOM   981  C  CE2   . PHE A 1 156 ? 6.494   -7.626  -8.994  1.00 43.85 ? 139 PHE A CE2   1 
ATOM   982  C  CZ    . PHE A 1 156 ? 6.129   -8.554  -9.969  1.00 43.24 ? 139 PHE A CZ    1 
ATOM   983  N  N     . ALA A 1 157 ? 7.738   -3.314  -11.179 1.00 41.73 ? 140 ALA A N     1 
ATOM   984  C  CA    . ALA A 1 157 ? 6.513   -2.479  -11.190 1.00 41.32 ? 140 ALA A CA    1 
ATOM   985  C  C     . ALA A 1 157 ? 6.358   -1.781  -12.538 1.00 40.71 ? 140 ALA A C     1 
ATOM   986  O  O     . ALA A 1 157 ? 5.258   -1.616  -13.039 1.00 41.06 ? 140 ALA A O     1 
ATOM   987  C  CB    . ALA A 1 157 ? 6.544   -1.462  -10.068 1.00 40.94 ? 140 ALA A CB    1 
ATOM   988  N  N     . ASP A 1 158 ? 7.470   -1.375  -13.122 1.00 40.01 ? 141 ASP A N     1 
ATOM   989  C  CA    . ASP A 1 158 ? 7.424   -0.754  -14.402 1.00 39.42 ? 141 ASP A CA    1 
ATOM   990  C  C     . ASP A 1 158 ? 6.933   -1.762  -15.381 1.00 38.85 ? 141 ASP A C     1 
ATOM   991  O  O     . ASP A 1 158 ? 5.970   -1.519  -16.088 1.00 38.60 ? 141 ASP A O     1 
ATOM   992  C  CB    . ASP A 1 158 ? 8.800   -0.231  -14.788 1.00 39.49 ? 141 ASP A CB    1 
ATOM   993  C  CG    . ASP A 1 158 ? 9.090   1.124   -14.171 1.00 39.80 ? 141 ASP A CG    1 
ATOM   994  O  OD1   . ASP A 1 158 ? 10.134  1.721   -14.492 1.00 40.90 ? 141 ASP A OD1   1 
ATOM   995  O  OD2   . ASP A 1 158 ? 8.267   1.599   -13.363 1.00 39.66 ? 141 ASP A OD2   1 
ATOM   996  N  N     . SER A 1 159 ? 7.572   -2.920  -15.396 1.00 38.47 ? 142 SER A N     1 
ATOM   997  C  CA    . SER A 1 159 ? 7.170   -3.985  -16.299 1.00 38.26 ? 142 SER A CA    1 
ATOM   998  C  C     . SER A 1 159 ? 5.649   -4.216  -16.260 1.00 38.38 ? 142 SER A C     1 
ATOM   999  O  O     . SER A 1 159 ? 5.039   -4.522  -17.284 1.00 38.45 ? 142 SER A O     1 
ATOM   1000 C  CB    . SER A 1 159 ? 7.908   -5.278  -15.965 1.00 38.00 ? 142 SER A CB    1 
ATOM   1001 O  OG    . SER A 1 159 ? 7.352   -5.901  -14.827 1.00 37.51 ? 142 SER A OG    1 
ATOM   1002 N  N     . LEU A 1 160 ? 5.045   -4.066  -15.080 1.00 38.42 ? 143 LEU A N     1 
ATOM   1003 C  CA    . LEU A 1 160 ? 3.602   -4.225  -14.924 1.00 38.64 ? 143 LEU A CA    1 
ATOM   1004 C  C     . LEU A 1 160 ? 2.831   -2.908  -15.145 1.00 38.88 ? 143 LEU A C     1 
ATOM   1005 O  O     . LEU A 1 160 ? 1.609   -2.911  -15.252 1.00 38.94 ? 143 LEU A O     1 
ATOM   1006 C  CB    . LEU A 1 160 ? 3.280   -4.808  -13.536 1.00 38.45 ? 143 LEU A CB    1 
ATOM   1007 C  CG    . LEU A 1 160 ? 3.908   -6.188  -13.225 1.00 37.81 ? 143 LEU A CG    1 
ATOM   1008 C  CD1   . LEU A 1 160 ? 3.731   -6.591  -11.753 1.00 36.53 ? 143 LEU A CD1   1 
ATOM   1009 C  CD2   . LEU A 1 160 ? 3.330   -7.244  -14.140 1.00 37.12 ? 143 LEU A CD2   1 
ATOM   1010 N  N     . GLY A 1 161 ? 3.545   -1.795  -15.221 1.00 39.30 ? 144 GLY A N     1 
ATOM   1011 C  CA    . GLY A 1 161 ? 2.916   -0.498  -15.442 1.00 39.65 ? 144 GLY A CA    1 
ATOM   1012 C  C     . GLY A 1 161 ? 2.360   0.064   -14.158 1.00 39.99 ? 144 GLY A C     1 
ATOM   1013 O  O     . GLY A 1 161 ? 1.420   0.852   -14.167 1.00 40.16 ? 144 GLY A O     1 
ATOM   1014 N  N     . ILE A 1 162 ? 2.965   -0.334  -13.046 1.00 40.70 ? 145 ILE A N     1 
ATOM   1015 C  CA    . ILE A 1 162 ? 2.505   0.051   -11.706 1.00 40.92 ? 145 ILE A CA    1 
ATOM   1016 C  C     . ILE A 1 162 ? 3.421   1.084   -11.081 1.00 40.97 ? 145 ILE A C     1 
ATOM   1017 O  O     . ILE A 1 162 ? 4.639   1.082   -11.345 1.00 40.88 ? 145 ILE A O     1 
ATOM   1018 C  CB    . ILE A 1 162 ? 2.510   -1.168  -10.770 1.00 40.86 ? 145 ILE A CB    1 
ATOM   1019 C  CG1   . ILE A 1 162 ? 1.525   -2.180  -11.235 1.00 40.75 ? 145 ILE A CG1   1 
ATOM   1020 C  CG2   . ILE A 1 162 ? 2.120   -0.794  -9.353  1.00 41.11 ? 145 ILE A CG2   1 
ATOM   1021 C  CD1   . ILE A 1 162 ? 1.420   -3.283  -10.275 1.00 41.49 ? 145 ILE A CD1   1 
ATOM   1022 N  N     . PRO A 1 163 ? 2.851   1.977   -10.255 1.00 41.11 ? 146 PRO A N     1 
ATOM   1023 C  CA    . PRO A 1 163 ? 3.702   2.853   -9.462  1.00 41.43 ? 146 PRO A CA    1 
ATOM   1024 C  C     . PRO A 1 163 ? 4.321   2.041   -8.333  1.00 41.77 ? 146 PRO A C     1 
ATOM   1025 O  O     . PRO A 1 163 ? 3.714   1.048   -7.878  1.00 41.90 ? 146 PRO A O     1 
ATOM   1026 C  CB    . PRO A 1 163 ? 2.752   3.935   -8.933  1.00 41.01 ? 146 PRO A CB    1 
ATOM   1027 C  CG    . PRO A 1 163 ? 1.402   3.354   -9.023  1.00 41.53 ? 146 PRO A CG    1 
ATOM   1028 C  CD    . PRO A 1 163 ? 1.422   2.233   -10.038 1.00 41.27 ? 146 PRO A CD    1 
ATOM   1029 N  N     . PHE A 1 164 ? 5.526   2.455   -7.911  1.00 41.98 ? 147 PHE A N     1 
ATOM   1030 C  CA    . PHE A 1 164 ? 6.297   1.769   -6.886  1.00 41.96 ? 147 PHE A CA    1 
ATOM   1031 C  C     . PHE A 1 164 ? 6.916   2.744   -5.901  1.00 42.20 ? 147 PHE A C     1 
ATOM   1032 O  O     . PHE A 1 164 ? 7.608   3.683   -6.305  1.00 42.11 ? 147 PHE A O     1 
ATOM   1033 C  CB    . PHE A 1 164 ? 7.405   0.956   -7.537  1.00 41.77 ? 147 PHE A CB    1 
ATOM   1034 C  CG    . PHE A 1 164 ? 8.480   0.518   -6.578  1.00 41.63 ? 147 PHE A CG    1 
ATOM   1035 C  CD1   . PHE A 1 164 ? 8.190   -0.350  -5.545  1.00 41.02 ? 147 PHE A CD1   1 
ATOM   1036 C  CD2   . PHE A 1 164 ? 9.767   0.963   -6.717  1.00 40.31 ? 147 PHE A CD2   1 
ATOM   1037 C  CE1   . PHE A 1 164 ? 9.166   -0.757  -4.682  1.00 40.98 ? 147 PHE A CE1   1 
ATOM   1038 C  CE2   . PHE A 1 164 ? 10.722  0.557   -5.857  1.00 41.04 ? 147 PHE A CE2   1 
ATOM   1039 C  CZ    . PHE A 1 164 ? 10.421  -0.316  -4.837  1.00 40.69 ? 147 PHE A CZ    1 
ATOM   1040 N  N     . LEU A 1 165 ? 6.668   2.509   -4.609  1.00 42.54 ? 148 LEU A N     1 
ATOM   1041 C  CA    . LEU A 1 165 ? 7.237   3.332   -3.541  1.00 42.64 ? 148 LEU A CA    1 
ATOM   1042 C  C     . LEU A 1 165 ? 7.822   2.475   -2.415  1.00 42.56 ? 148 LEU A C     1 
ATOM   1043 O  O     . LEU A 1 165 ? 7.258   1.442   -2.063  1.00 42.34 ? 148 LEU A O     1 
ATOM   1044 C  CB    . LEU A 1 165 ? 6.170   4.246   -2.933  1.00 42.75 ? 148 LEU A CB    1 
ATOM   1045 C  CG    . LEU A 1 165 ? 5.826   5.500   -3.711  1.00 44.01 ? 148 LEU A CG    1 
ATOM   1046 C  CD1   . LEU A 1 165 ? 4.513   5.362   -4.543  1.00 44.55 ? 148 LEU A CD1   1 
ATOM   1047 C  CD2   . LEU A 1 165 ? 5.721   6.671   -2.718  1.00 45.97 ? 148 LEU A CD2   1 
ATOM   1048 N  N     . GLU A 1 166 ? 8.935   2.938   -1.842  1.00 42.56 ? 149 GLU A N     1 
ATOM   1049 C  CA    . GLU A 1 166 ? 9.513   2.328   -0.644  1.00 42.48 ? 149 GLU A CA    1 
ATOM   1050 C  C     . GLU A 1 166 ? 9.101   3.115   0.588   1.00 42.66 ? 149 GLU A C     1 
ATOM   1051 O  O     . GLU A 1 166 ? 9.113   4.350   0.579   1.00 42.91 ? 149 GLU A O     1 
ATOM   1052 C  CB    . GLU A 1 166 ? 11.014  2.275   -0.759  1.00 42.23 ? 149 GLU A CB    1 
ATOM   1053 C  CG    . GLU A 1 166 ? 11.468  1.230   -1.738  1.00 42.11 ? 149 GLU A CG    1 
ATOM   1054 C  CD    . GLU A 1 166 ? 12.943  1.059   -1.727  1.00 41.88 ? 149 GLU A CD    1 
ATOM   1055 O  OE1   . GLU A 1 166 ? 13.633  2.087   -1.562  1.00 42.26 ? 149 GLU A OE1   1 
ATOM   1056 O  OE2   . GLU A 1 166 ? 13.422  -0.091  -1.886  1.00 40.04 ? 149 GLU A OE2   1 
ATOM   1057 N  N     . THR A 1 167 ? 8.722   2.409   1.645   1.00 42.73 ? 150 THR A N     1 
ATOM   1058 C  CA    . THR A 1 167 ? 8.173   3.073   2.807   1.00 42.83 ? 150 THR A CA    1 
ATOM   1059 C  C     . THR A 1 167 ? 8.774   2.607   4.137   1.00 43.29 ? 150 THR A C     1 
ATOM   1060 O  O     . THR A 1 167 ? 9.474   1.606   4.230   1.00 43.94 ? 150 THR A O     1 
ATOM   1061 C  CB    . THR A 1 167 ? 6.648   2.869   2.865   1.00 42.78 ? 150 THR A CB    1 
ATOM   1062 O  OG1   . THR A 1 167 ? 6.369   1.491   3.083   1.00 42.51 ? 150 THR A OG1   1 
ATOM   1063 C  CG2   . THR A 1 167 ? 5.995   3.302   1.562   1.00 42.08 ? 150 THR A CG2   1 
ATOM   1064 N  N     . SER A 1 168 ? 8.497   3.370   5.165   1.00 43.45 ? 151 SER A N     1 
ATOM   1065 C  CA    . SER A 1 168 ? 8.889   3.024   6.490   1.00 43.32 ? 151 SER A CA    1 
ATOM   1066 C  C     . SER A 1 168 ? 7.731   3.449   7.401   1.00 43.72 ? 151 SER A C     1 
ATOM   1067 O  O     . SER A 1 168 ? 7.543   4.646   7.667   1.00 43.66 ? 151 SER A O     1 
ATOM   1068 C  CB    . SER A 1 168 ? 10.175  3.751   6.873   1.00 43.21 ? 151 SER A CB    1 
ATOM   1069 O  OG    . SER A 1 168 ? 10.582  3.412   8.183   1.00 42.85 ? 151 SER A OG    1 
ATOM   1070 N  N     . ALA A 1 169 ? 6.921   2.471   7.840   1.00 43.92 ? 152 ALA A N     1 
ATOM   1071 C  CA    . ALA A 1 169 ? 5.880   2.733   8.842   1.00 43.56 ? 152 ALA A CA    1 
ATOM   1072 C  C     . ALA A 1 169 ? 6.542   3.198   10.136  1.00 43.76 ? 152 ALA A C     1 
ATOM   1073 O  O     . ALA A 1 169 ? 5.969   4.008   10.862  1.00 44.26 ? 152 ALA A O     1 
ATOM   1074 C  CB    . ALA A 1 169 ? 5.057   1.515   9.091   1.00 43.56 ? 152 ALA A CB    1 
ATOM   1075 N  N     . LYS A 1 170 ? 7.760   2.694   10.408  1.00 43.49 ? 153 LYS A N     1 
ATOM   1076 C  CA    . LYS A 1 170 ? 8.516   3.040   11.623  1.00 42.98 ? 153 LYS A CA    1 
ATOM   1077 C  C     . LYS A 1 170 ? 8.939   4.497   11.613  1.00 42.60 ? 153 LYS A C     1 
ATOM   1078 O  O     . LYS A 1 170 ? 8.590   5.234   12.512  1.00 42.38 ? 153 LYS A O     1 
ATOM   1079 C  CB    . LYS A 1 170 ? 9.747   2.127   11.782  1.00 43.06 ? 153 LYS A CB    1 
ATOM   1080 C  CG    . LYS A 1 170 ? 10.639  2.441   13.007  1.00 42.79 ? 153 LYS A CG    1 
ATOM   1081 C  CD    . LYS A 1 170 ? 11.764  1.444   13.125  1.00 42.60 ? 153 LYS A CD    1 
ATOM   1082 C  CE    . LYS A 1 170 ? 12.843  1.921   14.048  1.00 42.02 ? 153 LYS A CE    1 
ATOM   1083 N  NZ    . LYS A 1 170 ? 13.923  0.903   14.178  1.00 42.27 ? 153 LYS A NZ    1 
ATOM   1084 N  N     . ASN A 1 171 ? 9.679   4.911   10.596  1.00 42.23 ? 154 ASN A N     1 
ATOM   1085 C  CA    . ASN A 1 171 ? 10.167  6.278   10.548  1.00 42.21 ? 154 ASN A CA    1 
ATOM   1086 C  C     . ASN A 1 171 ? 9.178   7.266   9.969   1.00 42.38 ? 154 ASN A C     1 
ATOM   1087 O  O     . ASN A 1 171 ? 9.398   8.491   10.035  1.00 42.65 ? 154 ASN A O     1 
ATOM   1088 C  CB    . ASN A 1 171 ? 11.476  6.332   9.780   1.00 42.09 ? 154 ASN A CB    1 
ATOM   1089 C  CG    . ASN A 1 171 ? 12.605  5.723   10.555  1.00 41.08 ? 154 ASN A CG    1 
ATOM   1090 O  OD1   . ASN A 1 171 ? 12.438  5.387   11.704  1.00 38.49 ? 154 ASN A OD1   1 
ATOM   1091 N  ND2   . ASN A 1 171 ? 13.763  5.582   9.928   1.00 41.92 ? 154 ASN A ND2   1 
ATOM   1092 N  N     . ALA A 1 172 ? 8.071   6.745   9.436   1.00 42.66 ? 155 ALA A N     1 
ATOM   1093 C  CA    . ALA A 1 172 ? 7.035   7.569   8.788   1.00 42.56 ? 155 ALA A CA    1 
ATOM   1094 C  C     . ALA A 1 172 ? 7.589   8.133   7.474   1.00 42.59 ? 155 ALA A C     1 
ATOM   1095 O  O     . ALA A 1 172 ? 7.536   9.313   7.239   1.00 43.28 ? 155 ALA A O     1 
ATOM   1096 C  CB    . ALA A 1 172 ? 6.569   8.696   9.724   1.00 42.00 ? 155 ALA A CB    1 
ATOM   1097 N  N     . THR A 1 173 ? 8.130   7.271   6.626   1.00 42.53 ? 156 THR A N     1 
ATOM   1098 C  CA    . THR A 1 173 ? 8.769   7.714   5.405   1.00 42.51 ? 156 THR A CA    1 
ATOM   1099 C  C     . THR A 1 173 ? 7.999   7.201   4.203   1.00 42.41 ? 156 THR A C     1 
ATOM   1100 O  O     . THR A 1 173 ? 7.759   6.015   4.079   1.00 42.45 ? 156 THR A O     1 
ATOM   1101 C  CB    . THR A 1 173 ? 10.275  7.266   5.348   1.00 42.62 ? 156 THR A CB    1 
ATOM   1102 O  OG1   . THR A 1 173 ? 11.014  7.972   6.354   1.00 41.66 ? 156 THR A OG1   1 
ATOM   1103 C  CG2   . THR A 1 173 ? 10.895  7.540   3.951   1.00 42.61 ? 156 THR A CG2   1 
ATOM   1104 N  N     . ASN A 1 174 ? 7.616   8.132   3.334   1.00 42.59 ? 157 ASN A N     1 
ATOM   1105 C  CA    . ASN A 1 174 ? 6.825   7.871   2.146   1.00 42.74 ? 157 ASN A CA    1 
ATOM   1106 C  C     . ASN A 1 174 ? 5.405   7.379   2.409   1.00 42.66 ? 157 ASN A C     1 
ATOM   1107 O  O     . ASN A 1 174 ? 4.670   7.133   1.470   1.00 42.78 ? 157 ASN A O     1 
ATOM   1108 C  CB    . ASN A 1 174 ? 7.550   6.891   1.214   1.00 42.76 ? 157 ASN A CB    1 
ATOM   1109 C  CG    . ASN A 1 174 ? 8.515   7.584   0.272   1.00 43.37 ? 157 ASN A CG    1 
ATOM   1110 O  OD1   . ASN A 1 174 ? 8.874   8.752   0.464   1.00 43.22 ? 157 ASN A OD1   1 
ATOM   1111 N  ND2   . ASN A 1 174 ? 8.950   6.855   -0.761  1.00 44.63 ? 157 ASN A ND2   1 
ATOM   1112 N  N     . VAL A 1 175 ? 5.003   7.256   3.667   1.00 42.78 ? 158 VAL A N     1 
ATOM   1113 C  CA    . VAL A 1 175 ? 3.719   6.619   3.974   1.00 43.07 ? 158 VAL A CA    1 
ATOM   1114 C  C     . VAL A 1 175 ? 2.591   7.415   3.374   1.00 43.66 ? 158 VAL A C     1 
ATOM   1115 O  O     . VAL A 1 175 ? 1.657   6.869   2.821   1.00 43.74 ? 158 VAL A O     1 
ATOM   1116 C  CB    . VAL A 1 175 ? 3.497   6.426   5.503   1.00 42.97 ? 158 VAL A CB    1 
ATOM   1117 C  CG1   . VAL A 1 175 ? 2.064   6.034   5.797   1.00 42.21 ? 158 VAL A CG1   1 
ATOM   1118 C  CG2   . VAL A 1 175 ? 4.456   5.389   6.032   1.00 41.90 ? 158 VAL A CG2   1 
ATOM   1119 N  N     . GLU A 1 176 ? 2.697   8.713   3.444   1.00 44.54 ? 159 GLU A N     1 
ATOM   1120 C  CA    . GLU A 1 176 ? 1.672   9.526   2.893   1.00 45.44 ? 159 GLU A CA    1 
ATOM   1121 C  C     . GLU A 1 176 ? 1.870   9.684   1.400   1.00 45.31 ? 159 GLU A C     1 
ATOM   1122 O  O     . GLU A 1 176 ? 0.894   9.682   0.667   1.00 45.30 ? 159 GLU A O     1 
ATOM   1123 C  CB    . GLU A 1 176 ? 1.633   10.860  3.595   1.00 45.83 ? 159 GLU A CB    1 
ATOM   1124 C  CG    . GLU A 1 176 ? 0.222   11.345  3.772   1.00 49.17 ? 159 GLU A CG    1 
ATOM   1125 C  CD    . GLU A 1 176 ? -0.044  11.847  5.187   1.00 52.93 ? 159 GLU A CD    1 
ATOM   1126 O  OE1   . GLU A 1 176 ? -0.498  11.024  6.057   1.00 55.35 ? 159 GLU A OE1   1 
ATOM   1127 O  OE2   . GLU A 1 176 ? 0.232   13.052  5.428   1.00 54.83 ? 159 GLU A OE2   1 
ATOM   1128 N  N     . GLN A 1 177 ? 3.120   9.818   0.932   1.00 45.47 ? 160 GLN A N     1 
ATOM   1129 C  CA    . GLN A 1 177 ? 3.355   9.824   -0.510  1.00 45.74 ? 160 GLN A CA    1 
ATOM   1130 C  C     . GLN A 1 177 ? 2.582   8.636   -1.118  1.00 45.28 ? 160 GLN A C     1 
ATOM   1131 O  O     . GLN A 1 177 ? 1.882   8.816   -2.100  1.00 45.55 ? 160 GLN A O     1 
ATOM   1132 C  CB    . GLN A 1 177 ? 4.864   9.781   -0.882  1.00 46.05 ? 160 GLN A CB    1 
ATOM   1133 C  CG    . GLN A 1 177 ? 5.507   11.193  -1.286  1.00 47.24 ? 160 GLN A CG    1 
ATOM   1134 C  CD    . GLN A 1 177 ? 7.140   11.183  -1.519  1.00 48.64 ? 160 GLN A CD    1 
ATOM   1135 O  OE1   . GLN A 1 177 ? 7.796   10.104  -1.579  1.00 52.73 ? 160 GLN A OE1   1 
ATOM   1136 N  NE2   . GLN A 1 177 ? 7.750   12.415  -1.643  1.00 50.26 ? 160 GLN A NE2   1 
ATOM   1137 N  N     . SER A 1 178 ? 2.662   7.453   -0.493  1.00 44.59 ? 161 SER A N     1 
ATOM   1138 C  CA    . SER A 1 178 ? 2.014   6.204   -1.001  1.00 44.45 ? 161 SER A CA    1 
ATOM   1139 C  C     . SER A 1 178 ? 0.512   6.242   -1.248  1.00 44.03 ? 161 SER A C     1 
ATOM   1140 O  O     . SER A 1 178 ? 0.027   5.796   -2.299  1.00 43.67 ? 161 SER A O     1 
ATOM   1141 C  CB    . SER A 1 178 ? 2.252   5.045   -0.028  1.00 44.32 ? 161 SER A CB    1 
ATOM   1142 O  OG    . SER A 1 178 ? 3.623   4.729   0.066   1.00 46.02 ? 161 SER A OG    1 
ATOM   1143 N  N     . PHE A 1 179 ? -0.228  6.695   -0.240  1.00 43.78 ? 162 PHE A N     1 
ATOM   1144 C  CA    . PHE A 1 179 ? -1.671  6.767   -0.319  1.00 43.69 ? 162 PHE A CA    1 
ATOM   1145 C  C     . PHE A 1 179 ? -2.069  7.892   -1.265  1.00 43.74 ? 162 PHE A C     1 
ATOM   1146 O  O     . PHE A 1 179 ? -3.002  7.751   -2.059  1.00 43.75 ? 162 PHE A O     1 
ATOM   1147 C  CB    . PHE A 1 179 ? -2.258  6.946   1.078   1.00 43.27 ? 162 PHE A CB    1 
ATOM   1148 C  CG    . PHE A 1 179 ? -2.172  5.698   1.925   1.00 43.47 ? 162 PHE A CG    1 
ATOM   1149 C  CD1   . PHE A 1 179 ? -1.192  5.561   2.905   1.00 43.60 ? 162 PHE A CD1   1 
ATOM   1150 C  CD2   . PHE A 1 179 ? -3.060  4.627   1.717   1.00 43.14 ? 162 PHE A CD2   1 
ATOM   1151 C  CE1   . PHE A 1 179 ? -1.113  4.387   3.691   1.00 42.97 ? 162 PHE A CE1   1 
ATOM   1152 C  CE2   . PHE A 1 179 ? -2.976  3.468   2.496   1.00 43.11 ? 162 PHE A CE2   1 
ATOM   1153 C  CZ    . PHE A 1 179 ? -2.000  3.360   3.489   1.00 42.57 ? 162 PHE A CZ    1 
ATOM   1154 N  N     . MET A 1 180 ? -1.315  8.989   -1.193  1.00 43.84 ? 163 MET A N     1 
ATOM   1155 C  CA    . MET A 1 180 ? -1.457  10.126  -2.106  1.00 43.89 ? 163 MET A CA    1 
ATOM   1156 C  C     . MET A 1 180 ? -1.270  9.699   -3.556  1.00 43.48 ? 163 MET A C     1 
ATOM   1157 O  O     . MET A 1 180 ? -2.030  10.100  -4.426  1.00 43.45 ? 163 MET A O     1 
ATOM   1158 C  CB    . MET A 1 180 ? -0.392  11.166  -1.781  1.00 44.20 ? 163 MET A CB    1 
ATOM   1159 C  CG    . MET A 1 180 ? -0.532  11.783  -0.421  1.00 45.61 ? 163 MET A CG    1 
ATOM   1160 S  SD    . MET A 1 180 ? -1.790  13.014  -0.463  1.00 48.08 ? 163 MET A SD    1 
ATOM   1161 C  CE    . MET A 1 180 ? -0.926  14.333  -1.364  1.00 47.11 ? 163 MET A CE    1 
ATOM   1162 N  N     . THR A 1 181 ? -0.221  8.920   -3.800  1.00 43.05 ? 164 THR A N     1 
ATOM   1163 C  CA    . THR A 1 181 ? 0.073   8.382   -5.120  1.00 43.15 ? 164 THR A CA    1 
ATOM   1164 C  C     . THR A 1 181 ? -1.084  7.478   -5.580  1.00 43.17 ? 164 THR A C     1 
ATOM   1165 O  O     . THR A 1 181 ? -1.450  7.468   -6.778  1.00 43.25 ? 164 THR A O     1 
ATOM   1166 C  CB    . THR A 1 181 ? 1.403   7.546   -5.120  1.00 42.95 ? 164 THR A CB    1 
ATOM   1167 O  OG1   . THR A 1 181 ? 2.483   8.367   -4.691  1.00 43.03 ? 164 THR A OG1   1 
ATOM   1168 C  CG2   . THR A 1 181 ? 1.721   6.982   -6.512  1.00 42.49 ? 164 THR A CG2   1 
ATOM   1169 N  N     . MET A 1 182 ? -1.663  6.729   -4.636  1.00 43.08 ? 165 MET A N     1 
ATOM   1170 C  CA    . MET A 1 182 ? -2.805  5.864   -4.955  1.00 42.81 ? 165 MET A CA    1 
ATOM   1171 C  C     . MET A 1 182 ? -4.066  6.703   -5.353  1.00 42.44 ? 165 MET A C     1 
ATOM   1172 O  O     . MET A 1 182 ? -4.641  6.495   -6.433  1.00 41.95 ? 165 MET A O     1 
ATOM   1173 C  CB    . MET A 1 182 ? -3.077  4.882   -3.810  1.00 42.85 ? 165 MET A CB    1 
ATOM   1174 C  CG    . MET A 1 182 ? -4.302  3.978   -4.039  1.00 43.32 ? 165 MET A CG    1 
ATOM   1175 S  SD    . MET A 1 182 ? -4.294  3.122   -5.612  1.00 43.90 ? 165 MET A SD    1 
ATOM   1176 C  CE    . MET A 1 182 ? -3.572  1.534   -5.106  1.00 45.76 ? 165 MET A CE    1 
ATOM   1177 N  N     . ALA A 1 183 ? -4.467  7.650   -4.497  1.00 42.20 ? 166 ALA A N     1 
ATOM   1178 C  CA    . ALA A 1 183 ? -5.519  8.611   -4.860  1.00 42.06 ? 166 ALA A CA    1 
ATOM   1179 C  C     . ALA A 1 183 ? -5.246  9.126   -6.277  1.00 42.06 ? 166 ALA A C     1 
ATOM   1180 O  O     . ALA A 1 183 ? -6.093  9.006   -7.167  1.00 42.67 ? 166 ALA A O     1 
ATOM   1181 C  CB    . ALA A 1 183 ? -5.534  9.758   -3.891  1.00 41.79 ? 166 ALA A CB    1 
ATOM   1182 N  N     . ALA A 1 184 ? -4.048  9.679   -6.479  1.00 41.53 ? 167 ALA A N     1 
ATOM   1183 C  CA    . ALA A 1 184 ? -3.639  10.234  -7.773  1.00 41.28 ? 167 ALA A CA    1 
ATOM   1184 C  C     . ALA A 1 184 ? -3.957  9.303   -8.930  1.00 40.90 ? 167 ALA A C     1 
ATOM   1185 O  O     . ALA A 1 184 ? -4.481  9.731   -9.945  1.00 40.70 ? 167 ALA A O     1 
ATOM   1186 C  CB    . ALA A 1 184 ? -2.145  10.549  -7.762  1.00 40.87 ? 167 ALA A CB    1 
ATOM   1187 N  N     . GLU A 1 185 ? -3.643  8.028   -8.763  1.00 40.82 ? 168 GLU A N     1 
ATOM   1188 C  CA    . GLU A 1 185 ? -3.801  7.085   -9.832  1.00 41.00 ? 168 GLU A CA    1 
ATOM   1189 C  C     . GLU A 1 185 ? -5.282  6.775   -10.105 1.00 40.69 ? 168 GLU A C     1 
ATOM   1190 O  O     . GLU A 1 185 ? -5.681  6.580   -11.249 1.00 40.46 ? 168 GLU A O     1 
ATOM   1191 C  CB    . GLU A 1 185 ? -3.028  5.811   -9.530  1.00 41.25 ? 168 GLU A CB    1 
ATOM   1192 C  CG    . GLU A 1 185 ? -2.342  5.275   -10.763 1.00 43.99 ? 168 GLU A CG    1 
ATOM   1193 C  CD    . GLU A 1 185 ? -1.290  6.256   -11.261 1.00 46.71 ? 168 GLU A CD    1 
ATOM   1194 O  OE1   . GLU A 1 185 ? -0.412  6.560   -10.439 1.00 51.06 ? 168 GLU A OE1   1 
ATOM   1195 O  OE2   . GLU A 1 185 ? -1.339  6.746   -12.428 1.00 46.80 ? 168 GLU A OE2   1 
ATOM   1196 N  N     . ILE A 1 186 ? -6.083  6.748   -9.042  1.00 40.75 ? 169 ILE A N     1 
ATOM   1197 C  CA    . ILE A 1 186 ? -7.519  6.474   -9.131  1.00 40.60 ? 169 ILE A CA    1 
ATOM   1198 C  C     . ILE A 1 186 ? -8.237  7.656   -9.781  1.00 40.97 ? 169 ILE A C     1 
ATOM   1199 O  O     . ILE A 1 186 ? -9.030  7.484   -10.721 1.00 41.10 ? 169 ILE A O     1 
ATOM   1200 C  CB    . ILE A 1 186 ? -8.125  6.237   -7.738  1.00 40.45 ? 169 ILE A CB    1 
ATOM   1201 C  CG1   . ILE A 1 186 ? -7.487  5.030   -7.058  1.00 40.21 ? 169 ILE A CG1   1 
ATOM   1202 C  CG2   . ILE A 1 186 ? -9.594  5.990   -7.850  1.00 40.56 ? 169 ILE A CG2   1 
ATOM   1203 C  CD1   . ILE A 1 186 ? -8.072  4.731   -5.684  1.00 40.05 ? 169 ILE A CD1   1 
ATOM   1204 N  N     . LYS A 1 187 ? -7.940  8.858   -9.270  1.00 41.02 ? 170 LYS A N     1 
ATOM   1205 C  CA    . LYS A 1 187 ? -8.485  10.103  -9.790  1.00 40.64 ? 170 LYS A CA    1 
ATOM   1206 C  C     . LYS A 1 187 ? -8.085  10.268  -11.230 1.00 40.45 ? 170 LYS A C     1 
ATOM   1207 O  O     . LYS A 1 187 ? -8.789  10.916  -11.986 1.00 40.77 ? 170 LYS A O     1 
ATOM   1208 C  CB    . LYS A 1 187 ? -7.953  11.275  -8.977  1.00 40.76 ? 170 LYS A CB    1 
ATOM   1209 C  CG    . LYS A 1 187 ? -8.510  12.653  -9.358  1.00 40.94 ? 170 LYS A CG    1 
ATOM   1210 C  CD    . LYS A 1 187 ? -8.110  13.675  -8.289  1.00 41.10 ? 170 LYS A CD    1 
ATOM   1211 C  CE    . LYS A 1 187 ? -8.303  15.107  -8.744  1.00 42.17 ? 170 LYS A CE    1 
ATOM   1212 N  NZ    . LYS A 1 187 ? -7.371  15.552  -9.861  1.00 44.04 ? 170 LYS A NZ    1 
ATOM   1213 N  N     . LYS A 1 188 ? -6.941  9.695   -11.605 1.00 40.09 ? 171 LYS A N     1 
ATOM   1214 C  CA    . LYS A 1 188 ? -6.486  9.706   -12.994 1.00 39.99 ? 171 LYS A CA    1 
ATOM   1215 C  C     . LYS A 1 188 ? -7.415  8.886   -13.960 1.00 39.58 ? 171 LYS A C     1 
ATOM   1216 O  O     . LYS A 1 188 ? -7.766  9.376   -15.018 1.00 38.97 ? 171 LYS A O     1 
ATOM   1217 C  CB    . LYS A 1 188 ? -5.055  9.210   -13.069 1.00 39.95 ? 171 LYS A CB    1 
ATOM   1218 C  CG    . LYS A 1 188 ? -4.360  9.499   -14.370 1.00 40.17 ? 171 LYS A CG    1 
ATOM   1219 C  CD    . LYS A 1 188 ? -2.950  8.930   -14.333 1.00 40.76 ? 171 LYS A CD    1 
ATOM   1220 C  CE    . LYS A 1 188 ? -2.301  8.806   -15.728 1.00 41.58 ? 171 LYS A CE    1 
ATOM   1221 N  NZ    . LYS A 1 188 ? -1.110  7.868   -15.676 1.00 42.82 ? 171 LYS A NZ    1 
ATOM   1222 N  N     . ARG A 1 189 ? -7.818  7.662   -13.576 1.00 39.63 ? 172 ARG A N     1 
ATOM   1223 C  CA    . ARG A 1 189 ? -8.803  6.845   -14.382 1.00 39.43 ? 172 ARG A CA    1 
ATOM   1224 C  C     . ARG A 1 189 ? -10.185 7.464   -14.490 1.00 38.96 ? 172 ARG A C     1 
ATOM   1225 O  O     . ARG A 1 189 ? -10.982 7.048   -15.335 1.00 39.42 ? 172 ARG A O     1 
ATOM   1226 C  CB    . ARG A 1 189 ? -9.042  5.482   -13.772 1.00 39.32 ? 172 ARG A CB    1 
ATOM   1227 C  CG    . ARG A 1 189 ? -8.093  4.433   -14.113 1.00 39.56 ? 172 ARG A CG    1 
ATOM   1228 C  CD    . ARG A 1 189 ? -8.156  3.382   -13.011 1.00 41.29 ? 172 ARG A CD    1 
ATOM   1229 N  NE    . ARG A 1 189 ? -9.410  2.598   -12.983 1.00 43.50 ? 172 ARG A NE    1 
ATOM   1230 C  CZ    . ARG A 1 189 ? -10.052 2.175   -11.862 1.00 43.86 ? 172 ARG A CZ    1 
ATOM   1231 N  NH1   . ARG A 1 189 ? -9.621  2.475   -10.643 1.00 43.30 ? 172 ARG A NH1   1 
ATOM   1232 N  NH2   . ARG A 1 189 ? -11.166 1.455   -11.967 1.00 44.29 ? 172 ARG A NH2   1 
ATOM   1233 N  N     . MET A 1 190 ? -10.493 8.416   -13.616 1.00 38.38 ? 173 MET A N     1 
ATOM   1234 C  CA    . MET A 1 190 ? -11.787 9.082   -13.635 1.00 37.76 ? 173 MET A CA    1 
ATOM   1235 C  C     . MET A 1 190 ? -11.638 10.472  -14.304 1.00 37.43 ? 173 MET A C     1 
ATOM   1236 O  O     . MET A 1 190 ? -10.893 10.651  -15.326 1.00 36.83 ? 173 MET A O     1 
ATOM   1237 C  CB    . MET A 1 190 ? -12.317 9.163   -12.186 1.00 37.69 ? 173 MET A CB    1 
ATOM   1238 C  CG    . MET A 1 190 ? -12.150 7.772   -11.371 1.00 37.08 ? 173 MET A CG    1 
ATOM   1239 S  SD    . MET A 1 190 ? -12.871 7.693   -9.648  1.00 35.90 ? 173 MET A SD    1 
ATOM   1240 C  CE    . MET A 1 190 ? -12.491 6.057   -9.159  1.00 36.26 ? 173 MET A CE    1 
HETATM 1241 MG MG    . MG  B 2 .   ? -1.190  -7.116  10.263  1.00 44.40 ? 202 MG  A MG    1 
HETATM 1242 P  PB    . GDP C 3 .   ? 1.307   -7.261  8.589   1.00 58.56 ? 201 GDP A PB    1 
HETATM 1243 O  O1B   . GDP C 3 .   ? 0.990   -8.477  9.440   1.00 61.53 ? 201 GDP A O1B   1 
HETATM 1244 O  O2B   . GDP C 3 .   ? 1.661   -7.659  7.157   1.00 56.31 ? 201 GDP A O2B   1 
HETATM 1245 O  O3B   . GDP C 3 .   ? 0.071   -6.381  8.583   1.00 59.45 ? 201 GDP A O3B   1 
HETATM 1246 O  O3A   . GDP C 3 .   ? 2.608   -6.597  9.268   1.00 56.95 ? 201 GDP A O3A   1 
HETATM 1247 P  PA    . GDP C 3 .   ? 2.539   -5.706  10.576  1.00 55.67 ? 201 GDP A PA    1 
HETATM 1248 O  O1A   . GDP C 3 .   ? 1.718   -6.350  11.660  1.00 55.52 ? 201 GDP A O1A   1 
HETATM 1249 O  O2A   . GDP C 3 .   ? 1.966   -4.361  10.239  1.00 57.82 ? 201 GDP A O2A   1 
HETATM 1250 O  "O5'" . GDP C 3 .   ? 4.079   -5.451  10.976  1.00 56.79 ? 201 GDP A "O5'" 1 
HETATM 1251 C  "C5'" . GDP C 3 .   ? 5.008   -6.513  11.047  1.00 59.15 ? 201 GDP A "C5'" 1 
HETATM 1252 C  "C4'" . GDP C 3 .   ? 6.097   -6.230  12.085  1.00 61.79 ? 201 GDP A "C4'" 1 
HETATM 1253 O  "O4'" . GDP C 3 .   ? 7.184   -5.568  11.427  1.00 62.74 ? 201 GDP A "O4'" 1 
HETATM 1254 C  "C3'" . GDP C 3 .   ? 5.657   -5.367  13.304  1.00 63.43 ? 201 GDP A "C3'" 1 
HETATM 1255 O  "O3'" . GDP C 3 .   ? 5.697   -6.072  14.574  1.00 62.24 ? 201 GDP A "O3'" 1 
HETATM 1256 C  "C2'" . GDP C 3 .   ? 6.587   -4.153  13.310  1.00 64.97 ? 201 GDP A "C2'" 1 
HETATM 1257 O  "O2'" . GDP C 3 .   ? 7.317   -3.983  14.546  1.00 66.74 ? 201 GDP A "O2'" 1 
HETATM 1258 C  "C1'" . GDP C 3 .   ? 7.530   -4.355  12.128  1.00 65.67 ? 201 GDP A "C1'" 1 
HETATM 1259 N  N9    . GDP C 3 .   ? 7.408   -3.227  11.170  1.00 66.23 ? 201 GDP A N9    1 
HETATM 1260 C  C8    . GDP C 3 .   ? 6.303   -2.856  10.486  1.00 66.38 ? 201 GDP A C8    1 
HETATM 1261 N  N7    . GDP C 3 .   ? 6.579   -1.799  9.689   1.00 66.24 ? 201 GDP A N7    1 
HETATM 1262 C  C5    . GDP C 3 .   ? 7.873   -1.511  9.872   1.00 66.02 ? 201 GDP A C5    1 
HETATM 1263 C  C6    . GDP C 3 .   ? 8.802   -0.528  9.349   1.00 66.08 ? 201 GDP A C6    1 
HETATM 1264 O  O6    . GDP C 3 .   ? 8.385   0.283   8.523   1.00 66.32 ? 201 GDP A O6    1 
HETATM 1265 N  N1    . GDP C 3 .   ? 10.076  -0.530  9.766   1.00 66.45 ? 201 GDP A N1    1 
HETATM 1266 C  C2    . GDP C 3 .   ? 10.513  -1.431  10.665  1.00 66.18 ? 201 GDP A C2    1 
HETATM 1267 N  N2    . GDP C 3 .   ? 11.790  -1.432  11.079  1.00 66.20 ? 201 GDP A N2    1 
HETATM 1268 N  N3    . GDP C 3 .   ? 9.701   -2.363  11.180  1.00 66.43 ? 201 GDP A N3    1 
HETATM 1269 C  C4    . GDP C 3 .   ? 8.406   -2.442  10.826  1.00 66.19 ? 201 GDP A C4    1 
HETATM 1270 X  UNK   . UNX D 4 .   ? 9.718   -11.727 7.382   0.01 2.00  ? 401 UNX A UNK   1 
HETATM 1271 X  UNK   . UNX E 4 .   ? -13.877 -2.704  17.054  0.02 2.00  ? 402 UNX A UNK   1 
HETATM 1272 O  O     . HOH F 5 .   ? -0.435  -6.860  11.936  1.00 44.62 ? 301 HOH A O     1 
HETATM 1273 O  O     . HOH F 5 .   ? -2.730  -7.015  8.865   1.00 39.15 ? 302 HOH A O     1 
HETATM 1274 O  O     . HOH F 5 .   ? 2.225   2.428   12.829  1.00 44.90 ? 303 HOH A O     1 
HETATM 1275 O  O     . HOH F 5 .   ? -11.383 2.209   -15.606 1.00 36.46 ? 305 HOH A O     1 
HETATM 1276 O  O     . HOH F 5 .   ? -1.362  -9.268  9.420   1.00 43.58 ? 306 HOH A O     1 
# 
loop_
_pdbx_poly_seq_scheme.asym_id 
_pdbx_poly_seq_scheme.entity_id 
_pdbx_poly_seq_scheme.seq_id 
_pdbx_poly_seq_scheme.mon_id 
_pdbx_poly_seq_scheme.ndb_seq_num 
_pdbx_poly_seq_scheme.pdb_seq_num 
_pdbx_poly_seq_scheme.auth_seq_num 
_pdbx_poly_seq_scheme.pdb_mon_id 
_pdbx_poly_seq_scheme.auth_mon_id 
_pdbx_poly_seq_scheme.pdb_strand_id 
_pdbx_poly_seq_scheme.pdb_ins_code 
_pdbx_poly_seq_scheme.hetero 
A 1 1   MET 1   -16 ?   ?   ?   A . n 
A 1 2   GLY 2   -15 ?   ?   ?   A . n 
A 1 3   SER 3   -14 ?   ?   ?   A . n 
A 1 4   SER 4   -13 ?   ?   ?   A . n 
A 1 5   HIS 5   -12 ?   ?   ?   A . n 
A 1 6   HIS 6   -11 ?   ?   ?   A . n 
A 1 7   HIS 7   -10 ?   ?   ?   A . n 
A 1 8   HIS 8   -9  ?   ?   ?   A . n 
A 1 9   HIS 9   -8  ?   ?   ?   A . n 
A 1 10  HIS 10  -7  ?   ?   ?   A . n 
A 1 11  SER 11  -6  ?   ?   ?   A . n 
A 1 12  SER 12  -5  ?   ?   ?   A . n 
A 1 13  GLY 13  -4  ?   ?   ?   A . n 
A 1 14  LEU 14  -3  ?   ?   ?   A . n 
A 1 15  VAL 15  -2  ?   ?   ?   A . n 
A 1 16  PRO 16  -1  ?   ?   ?   A . n 
A 1 17  ARG 17  0   ?   ?   ?   A . n 
A 1 18  GLY 18  1   ?   ?   ?   A . n 
A 1 19  SER 19  2   ?   ?   ?   A . n 
A 1 20  PRO 20  3   ?   ?   ?   A . n 
A 1 21  GLU 21  4   ?   ?   ?   A . n 
A 1 22  TYR 22  5   5   TYR TYR A . n 
A 1 23  ASP 23  6   6   ASP ASP A . n 
A 1 24  TYR 24  7   7   TYR TYR A . n 
A 1 25  LEU 25  8   8   LEU LEU A . n 
A 1 26  PHE 26  9   9   PHE PHE A . n 
A 1 27  LYS 27  10  10  LYS LYS A . n 
A 1 28  LEU 28  11  11  LEU LEU A . n 
A 1 29  LEU 29  12  12  LEU LEU A . n 
A 1 30  LEU 30  13  13  LEU LEU A . n 
A 1 31  ILE 31  14  14  ILE ILE A . n 
A 1 32  GLY 32  15  15  GLY GLY A . n 
A 1 33  ASP 33  16  16  ASP ASP A . n 
A 1 34  SER 34  17  17  SER SER A . n 
A 1 35  GLY 35  18  18  GLY GLY A . n 
A 1 36  VAL 36  19  19  VAL VAL A . n 
A 1 37  GLY 37  20  20  GLY GLY A . n 
A 1 38  LYS 38  21  21  LYS LYS A . n 
A 1 39  SER 39  22  22  SER SER A . n 
A 1 40  CYS 40  23  23  CYS CYS A . n 
A 1 41  LEU 41  24  24  LEU LEU A . n 
A 1 42  LEU 42  25  25  LEU LEU A . n 
A 1 43  LEU 43  26  26  LEU LEU A . n 
A 1 44  ARG 44  27  27  ARG ARG A . n 
A 1 45  PHE 45  28  28  PHE PHE A . n 
A 1 46  ALA 46  29  29  ALA ALA A . n 
A 1 47  ASP 47  30  30  ASP ASP A . n 
A 1 48  ASP 48  31  31  ASP ASP A . n 
A 1 49  THR 49  32  32  THR THR A . n 
A 1 50  TYR 50  33  33  TYR TYR A . n 
A 1 51  THR 51  34  34  THR THR A . n 
A 1 52  GLU 52  35  35  GLU GLU A . n 
A 1 53  SER 53  36  36  SER SER A . n 
A 1 54  TYR 54  37  37  TYR TYR A . n 
A 1 55  ILE 55  38  38  ILE ILE A . n 
A 1 56  SER 56  39  39  SER SER A . n 
A 1 57  THR 57  40  40  THR THR A . n 
A 1 58  ILE 58  41  41  ILE ILE A . n 
A 1 59  GLY 59  42  42  GLY GLY A . n 
A 1 60  VAL 60  43  43  VAL VAL A . n 
A 1 61  ASP 61  44  44  ASP ASP A . n 
A 1 62  PHE 62  45  45  PHE PHE A . n 
A 1 63  LYS 63  46  46  LYS LYS A . n 
A 1 64  ILE 64  47  47  ILE ILE A . n 
A 1 65  ARG 65  48  48  ARG ARG A . n 
A 1 66  THR 66  49  49  THR THR A . n 
A 1 67  ILE 67  50  50  ILE ILE A . n 
A 1 68  GLU 68  51  51  GLU GLU A . n 
A 1 69  LEU 69  52  52  LEU LEU A . n 
A 1 70  ASP 70  53  53  ASP ASP A . n 
A 1 71  GLY 71  54  54  GLY GLY A . n 
A 1 72  LYS 72  55  55  LYS LYS A . n 
A 1 73  THR 73  56  56  THR THR A . n 
A 1 74  ILE 74  57  57  ILE ILE A . n 
A 1 75  LYS 75  58  58  LYS LYS A . n 
A 1 76  LEU 76  59  59  LEU LEU A . n 
A 1 77  GLN 77  60  60  GLN GLN A . n 
A 1 78  ILE 78  61  61  ILE ILE A . n 
A 1 79  TRP 79  62  62  TRP TRP A . n 
A 1 80  ASP 80  63  63  ASP ASP A . n 
A 1 81  THR 81  64  ?   ?   ?   A . n 
A 1 82  ALA 82  65  ?   ?   ?   A . n 
A 1 83  GLY 83  66  ?   ?   ?   A . n 
A 1 84  GLN 84  67  ?   ?   ?   A . n 
A 1 85  GLU 85  68  ?   ?   ?   A . n 
A 1 86  ARG 86  69  ?   ?   ?   A . n 
A 1 87  PHE 87  70  ?   ?   ?   A . n 
A 1 88  ARG 88  71  ?   ?   ?   A . n 
A 1 89  THR 89  72  ?   ?   ?   A . n 
A 1 90  ILE 90  73  ?   ?   ?   A . n 
A 1 91  THR 91  74  ?   ?   ?   A . n 
A 1 92  SER 92  75  ?   ?   ?   A . n 
A 1 93  SER 93  76  ?   ?   ?   A . n 
A 1 94  TYR 94  77  ?   ?   ?   A . n 
A 1 95  TYR 95  78  78  TYR TYR A . n 
A 1 96  ARG 96  79  79  ARG ARG A . n 
A 1 97  GLY 97  80  80  GLY GLY A . n 
A 1 98  ALA 98  81  81  ALA ALA A . n 
A 1 99  HIS 99  82  82  HIS HIS A . n 
A 1 100 GLY 100 83  83  GLY GLY A . n 
A 1 101 ILE 101 84  84  ILE ILE A . n 
A 1 102 ILE 102 85  85  ILE ILE A . n 
A 1 103 VAL 103 86  86  VAL VAL A . n 
A 1 104 VAL 104 87  87  VAL VAL A . n 
A 1 105 TYR 105 88  88  TYR TYR A . n 
A 1 106 ASP 106 89  89  ASP ASP A . n 
A 1 107 VAL 107 90  90  VAL VAL A . n 
A 1 108 THR 108 91  91  THR THR A . n 
A 1 109 ASP 109 92  92  ASP ASP A . n 
A 1 110 GLN 110 93  93  GLN GLN A . n 
A 1 111 GLU 111 94  94  GLU GLU A . n 
A 1 112 SER 112 95  95  SER SER A . n 
A 1 113 PHE 113 96  96  PHE PHE A . n 
A 1 114 ASN 114 97  97  ASN ASN A . n 
A 1 115 ASN 115 98  98  ASN ASN A . n 
A 1 116 VAL 116 99  99  VAL VAL A . n 
A 1 117 LYS 117 100 100 LYS LYS A . n 
A 1 118 GLN 118 101 101 GLN GLN A . n 
A 1 119 TRP 119 102 102 TRP TRP A . n 
A 1 120 LEU 120 103 103 LEU LEU A . n 
A 1 121 GLN 121 104 104 GLN GLN A . n 
A 1 122 GLU 122 105 105 GLU GLU A . n 
A 1 123 ILE 123 106 106 ILE ILE A . n 
A 1 124 ASP 124 107 107 ASP ASP A . n 
A 1 125 ARG 125 108 108 ARG ARG A . n 
A 1 126 TYR 126 109 109 TYR TYR A . n 
A 1 127 ALA 127 110 110 ALA ALA A . n 
A 1 128 SER 128 111 111 SER SER A . n 
A 1 129 GLU 129 112 112 GLU GLU A . n 
A 1 130 ASN 130 113 113 ASN ASN A . n 
A 1 131 VAL 131 114 114 VAL VAL A . n 
A 1 132 ASN 132 115 115 ASN ASN A . n 
A 1 133 LYS 133 116 116 LYS LYS A . n 
A 1 134 LEU 134 117 117 LEU LEU A . n 
A 1 135 LEU 135 118 118 LEU LEU A . n 
A 1 136 VAL 136 119 119 VAL VAL A . n 
A 1 137 GLY 137 120 120 GLY GLY A . n 
A 1 138 ASN 138 121 121 ASN ASN A . n 
A 1 139 LYS 139 122 122 LYS LYS A . n 
A 1 140 CYS 140 123 123 CYS CYS A . n 
A 1 141 ASP 141 124 124 ASP ASP A . n 
A 1 142 LEU 142 125 125 LEU LEU A . n 
A 1 143 THR 143 126 126 THR THR A . n 
A 1 144 THR 144 127 127 THR THR A . n 
A 1 145 LYS 145 128 128 LYS LYS A . n 
A 1 146 LYS 146 129 129 LYS LYS A . n 
A 1 147 VAL 147 130 130 VAL VAL A . n 
A 1 148 VAL 148 131 131 VAL VAL A . n 
A 1 149 ASP 149 132 132 ASP ASP A . n 
A 1 150 TYR 150 133 133 TYR TYR A . n 
A 1 151 THR 151 134 134 THR THR A . n 
A 1 152 THR 152 135 135 THR THR A . n 
A 1 153 ALA 153 136 136 ALA ALA A . n 
A 1 154 LYS 154 137 137 LYS LYS A . n 
A 1 155 GLU 155 138 138 GLU GLU A . n 
A 1 156 PHE 156 139 139 PHE PHE A . n 
A 1 157 ALA 157 140 140 ALA ALA A . n 
A 1 158 ASP 158 141 141 ASP ASP A . n 
A 1 159 SER 159 142 142 SER SER A . n 
A 1 160 LEU 160 143 143 LEU LEU A . n 
A 1 161 GLY 161 144 144 GLY GLY A . n 
A 1 162 ILE 162 145 145 ILE ILE A . n 
A 1 163 PRO 163 146 146 PRO PRO A . n 
A 1 164 PHE 164 147 147 PHE PHE A . n 
A 1 165 LEU 165 148 148 LEU LEU A . n 
A 1 166 GLU 166 149 149 GLU GLU A . n 
A 1 167 THR 167 150 150 THR THR A . n 
A 1 168 SER 168 151 151 SER SER A . n 
A 1 169 ALA 169 152 152 ALA ALA A . n 
A 1 170 LYS 170 153 153 LYS LYS A . n 
A 1 171 ASN 171 154 154 ASN ASN A . n 
A 1 172 ALA 172 155 155 ALA ALA A . n 
A 1 173 THR 173 156 156 THR THR A . n 
A 1 174 ASN 174 157 157 ASN ASN A . n 
A 1 175 VAL 175 158 158 VAL VAL A . n 
A 1 176 GLU 176 159 159 GLU GLU A . n 
A 1 177 GLN 177 160 160 GLN GLN A . n 
A 1 178 SER 178 161 161 SER SER A . n 
A 1 179 PHE 179 162 162 PHE PHE A . n 
A 1 180 MET 180 163 163 MET MET A . n 
A 1 181 THR 181 164 164 THR THR A . n 
A 1 182 MET 182 165 165 MET MET A . n 
A 1 183 ALA 183 166 166 ALA ALA A . n 
A 1 184 ALA 184 167 167 ALA ALA A . n 
A 1 185 GLU 185 168 168 GLU GLU A . n 
A 1 186 ILE 186 169 169 ILE ILE A . n 
A 1 187 LYS 187 170 170 LYS LYS A . n 
A 1 188 LYS 188 171 171 LYS LYS A . n 
A 1 189 ARG 189 172 172 ARG ARG A . n 
A 1 190 MET 190 173 173 MET MET A . n 
A 1 191 GLY 191 174 ?   ?   ?   A . n 
# 
_pdbx_SG_project.id                    1 
_pdbx_SG_project.project_name          ? 
_pdbx_SG_project.full_name_of_center   'Structural Genomics Consortium' 
_pdbx_SG_project.initial_of_center     SGC 
# 
loop_
_pdbx_nonpoly_scheme.asym_id 
_pdbx_nonpoly_scheme.entity_id 
_pdbx_nonpoly_scheme.mon_id 
_pdbx_nonpoly_scheme.ndb_seq_num 
_pdbx_nonpoly_scheme.pdb_seq_num 
_pdbx_nonpoly_scheme.auth_seq_num 
_pdbx_nonpoly_scheme.pdb_mon_id 
_pdbx_nonpoly_scheme.auth_mon_id 
_pdbx_nonpoly_scheme.pdb_strand_id 
_pdbx_nonpoly_scheme.pdb_ins_code 
B 2 MG  1 202 202 MG  MG  A . 
C 3 GDP 1 201 201 GDP GDP A . 
D 4 UNX 1 401 401 UNX UNX A . 
E 4 UNX 1 402 402 UNX UNX A . 
F 5 HOH 1 301 301 HOH HOH A . 
F 5 HOH 2 302 302 HOH HOH A . 
F 5 HOH 3 303 303 HOH HOH A . 
F 5 HOH 4 305 305 HOH HOH A . 
F 5 HOH 5 306 306 HOH HOH A . 
# 
_pdbx_struct_assembly.id                   1 
_pdbx_struct_assembly.details              author_defined_assembly 
_pdbx_struct_assembly.method_details       ? 
_pdbx_struct_assembly.oligomeric_details   monomeric 
_pdbx_struct_assembly.oligomeric_count     1 
# 
_pdbx_struct_assembly_gen.assembly_id       1 
_pdbx_struct_assembly_gen.oper_expression   1 
_pdbx_struct_assembly_gen.asym_id_list      A,B,C,D,E,F 
# 
_pdbx_struct_oper_list.id                   1 
_pdbx_struct_oper_list.type                 'identity operation' 
_pdbx_struct_oper_list.name                 1_555 
_pdbx_struct_oper_list.symmetry_operation   x,y,z 
_pdbx_struct_oper_list.matrix[1][1]         1.0000000000 
_pdbx_struct_oper_list.matrix[1][2]         0.0000000000 
_pdbx_struct_oper_list.matrix[1][3]         0.0000000000 
_pdbx_struct_oper_list.vector[1]            0.0000000000 
_pdbx_struct_oper_list.matrix[2][1]         0.0000000000 
_pdbx_struct_oper_list.matrix[2][2]         1.0000000000 
_pdbx_struct_oper_list.matrix[2][3]         0.0000000000 
_pdbx_struct_oper_list.vector[2]            0.0000000000 
_pdbx_struct_oper_list.matrix[3][1]         0.0000000000 
_pdbx_struct_oper_list.matrix[3][2]         0.0000000000 
_pdbx_struct_oper_list.matrix[3][3]         1.0000000000 
_pdbx_struct_oper_list.vector[3]            0.0000000000 
# 
_pdbx_struct_special_symmetry.id              1 
_pdbx_struct_special_symmetry.PDB_model_num   1 
_pdbx_struct_special_symmetry.auth_asym_id    A 
_pdbx_struct_special_symmetry.auth_comp_id    UNX 
_pdbx_struct_special_symmetry.auth_seq_id     401 
_pdbx_struct_special_symmetry.PDB_ins_code    ? 
_pdbx_struct_special_symmetry.label_asym_id   D 
_pdbx_struct_special_symmetry.label_comp_id   UNX 
_pdbx_struct_special_symmetry.label_seq_id    . 
# 
loop_
_pdbx_struct_conn_angle.id 
_pdbx_struct_conn_angle.ptnr1_label_atom_id 
_pdbx_struct_conn_angle.ptnr1_label_alt_id 
_pdbx_struct_conn_angle.ptnr1_label_asym_id 
_pdbx_struct_conn_angle.ptnr1_label_comp_id 
_pdbx_struct_conn_angle.ptnr1_label_seq_id 
_pdbx_struct_conn_angle.ptnr1_auth_atom_id 
_pdbx_struct_conn_angle.ptnr1_auth_asym_id 
_pdbx_struct_conn_angle.ptnr1_auth_comp_id 
_pdbx_struct_conn_angle.ptnr1_auth_seq_id 
_pdbx_struct_conn_angle.ptnr1_PDB_ins_code 
_pdbx_struct_conn_angle.ptnr1_symmetry 
_pdbx_struct_conn_angle.ptnr2_label_atom_id 
_pdbx_struct_conn_angle.ptnr2_label_alt_id 
_pdbx_struct_conn_angle.ptnr2_label_asym_id 
_pdbx_struct_conn_angle.ptnr2_label_comp_id 
_pdbx_struct_conn_angle.ptnr2_label_seq_id 
_pdbx_struct_conn_angle.ptnr2_auth_atom_id 
_pdbx_struct_conn_angle.ptnr2_auth_asym_id 
_pdbx_struct_conn_angle.ptnr2_auth_comp_id 
_pdbx_struct_conn_angle.ptnr2_auth_seq_id 
_pdbx_struct_conn_angle.ptnr2_PDB_ins_code 
_pdbx_struct_conn_angle.ptnr2_symmetry 
_pdbx_struct_conn_angle.ptnr3_label_atom_id 
_pdbx_struct_conn_angle.ptnr3_label_alt_id 
_pdbx_struct_conn_angle.ptnr3_label_asym_id 
_pdbx_struct_conn_angle.ptnr3_label_comp_id 
_pdbx_struct_conn_angle.ptnr3_label_seq_id 
_pdbx_struct_conn_angle.ptnr3_auth_atom_id 
_pdbx_struct_conn_angle.ptnr3_auth_asym_id 
_pdbx_struct_conn_angle.ptnr3_auth_comp_id 
_pdbx_struct_conn_angle.ptnr3_auth_seq_id 
_pdbx_struct_conn_angle.ptnr3_PDB_ins_code 
_pdbx_struct_conn_angle.ptnr3_symmetry 
_pdbx_struct_conn_angle.value 
_pdbx_struct_conn_angle.value_esd 
1  OG  ? A SER 39 ? A SER 22  ? 1_555 MG ? B MG . ? A MG 202 ? 1_555 O1B ? C GDP . ? A GDP 201 ? 1_555 139.5 ? 
2  OG  ? A SER 39 ? A SER 22  ? 1_555 MG ? B MG . ? A MG 202 ? 1_555 O3B ? C GDP . ? A GDP 201 ? 1_555 84.9  ? 
3  O1B ? C GDP .  ? A GDP 201 ? 1_555 MG ? B MG . ? A MG 202 ? 1_555 O3B ? C GDP . ? A GDP 201 ? 1_555 58.6  ? 
4  OG  ? A SER 39 ? A SER 22  ? 1_555 MG ? B MG . ? A MG 202 ? 1_555 O   ? F HOH . ? A HOH 301 ? 1_555 88.7  ? 
5  O1B ? C GDP .  ? A GDP 201 ? 1_555 MG ? B MG . ? A MG 202 ? 1_555 O   ? F HOH . ? A HOH 301 ? 1_555 90.9  ? 
6  O3B ? C GDP .  ? A GDP 201 ? 1_555 MG ? B MG . ? A MG 202 ? 1_555 O   ? F HOH . ? A HOH 301 ? 1_555 113.9 ? 
7  OG  ? A SER 39 ? A SER 22  ? 1_555 MG ? B MG . ? A MG 202 ? 1_555 O   ? F HOH . ? A HOH 302 ? 1_555 74.1  ? 
8  O1B ? C GDP .  ? A GDP 201 ? 1_555 MG ? B MG . ? A MG 202 ? 1_555 O   ? F HOH . ? A HOH 302 ? 1_555 114.7 ? 
9  O3B ? C GDP .  ? A GDP 201 ? 1_555 MG ? B MG . ? A MG 202 ? 1_555 O   ? F HOH . ? A HOH 302 ? 1_555 84.0  ? 
10 O   ? F HOH .  ? A HOH 301 ? 1_555 MG ? B MG . ? A MG 202 ? 1_555 O   ? F HOH . ? A HOH 302 ? 1_555 154.3 ? 
11 OG  ? A SER 39 ? A SER 22  ? 1_555 MG ? B MG . ? A MG 202 ? 1_555 O   ? F HOH . ? A HOH 306 ? 1_555 149.2 ? 
12 O1B ? C GDP .  ? A GDP 201 ? 1_555 MG ? B MG . ? A MG 202 ? 1_555 O   ? F HOH . ? A HOH 306 ? 1_555 58.7  ? 
13 O3B ? C GDP .  ? A GDP 201 ? 1_555 MG ? B MG . ? A MG 202 ? 1_555 O   ? F HOH . ? A HOH 306 ? 1_555 94.3  ? 
14 O   ? F HOH .  ? A HOH 301 ? 1_555 MG ? B MG . ? A MG 202 ? 1_555 O   ? F HOH . ? A HOH 306 ? 1_555 119.1 ? 
15 O   ? F HOH .  ? A HOH 302 ? 1_555 MG ? B MG . ? A MG 202 ? 1_555 O   ? F HOH . ? A HOH 306 ? 1_555 75.3  ? 
# 
loop_
_pdbx_audit_revision_history.ordinal 
_pdbx_audit_revision_history.data_content_type 
_pdbx_audit_revision_history.major_revision 
_pdbx_audit_revision_history.minor_revision 
_pdbx_audit_revision_history.revision_date 
1 'Structure model' 1 0 2006-01-31 
2 'Structure model' 1 1 2008-05-01 
3 'Structure model' 1 2 2011-07-13 
4 'Structure model' 1 3 2017-10-18 
5 'Structure model' 1 4 2023-08-30 
# 
_pdbx_audit_revision_details.ordinal             1 
_pdbx_audit_revision_details.revision_ordinal    1 
_pdbx_audit_revision_details.data_content_type   'Structure model' 
_pdbx_audit_revision_details.provider            repository 
_pdbx_audit_revision_details.type                'Initial release' 
_pdbx_audit_revision_details.description         ? 
_pdbx_audit_revision_details.details             ? 
# 
loop_
_pdbx_audit_revision_group.ordinal 
_pdbx_audit_revision_group.revision_ordinal 
_pdbx_audit_revision_group.data_content_type 
_pdbx_audit_revision_group.group 
1 2 'Structure model' 'Version format compliance' 
2 3 'Structure model' Advisory                    
3 3 'Structure model' 'Version format compliance' 
4 4 'Structure model' 'Refinement description'    
5 5 'Structure model' 'Data collection'           
6 5 'Structure model' 'Database references'       
7 5 'Structure model' 'Derived calculations'      
8 5 'Structure model' 'Refinement description'    
# 
loop_
_pdbx_audit_revision_category.ordinal 
_pdbx_audit_revision_category.revision_ordinal 
_pdbx_audit_revision_category.data_content_type 
_pdbx_audit_revision_category.category 
1 4 'Structure model' software                      
2 5 'Structure model' chem_comp_atom                
3 5 'Structure model' chem_comp_bond                
4 5 'Structure model' database_2                    
5 5 'Structure model' pdbx_initial_refinement_model 
6 5 'Structure model' pdbx_struct_conn_angle        
7 5 'Structure model' struct_conn                   
8 5 'Structure model' struct_ref_seq_dif            
9 5 'Structure model' struct_site                   
# 
loop_
_pdbx_audit_revision_item.ordinal 
_pdbx_audit_revision_item.revision_ordinal 
_pdbx_audit_revision_item.data_content_type 
_pdbx_audit_revision_item.item 
1  4 'Structure model' '_software.classification'                    
2  4 'Structure model' '_software.contact_author'                    
3  4 'Structure model' '_software.contact_author_email'              
4  4 'Structure model' '_software.date'                              
5  4 'Structure model' '_software.language'                          
6  4 'Structure model' '_software.location'                          
7  4 'Structure model' '_software.name'                              
8  4 'Structure model' '_software.type'                              
9  4 'Structure model' '_software.version'                           
10 5 'Structure model' '_database_2.pdbx_DOI'                        
11 5 'Structure model' '_database_2.pdbx_database_accession'         
12 5 'Structure model' '_pdbx_struct_conn_angle.ptnr1_auth_comp_id'  
13 5 'Structure model' '_pdbx_struct_conn_angle.ptnr1_auth_seq_id'   
14 5 'Structure model' '_pdbx_struct_conn_angle.ptnr1_label_asym_id' 
15 5 'Structure model' '_pdbx_struct_conn_angle.ptnr1_label_atom_id' 
16 5 'Structure model' '_pdbx_struct_conn_angle.ptnr1_label_comp_id' 
17 5 'Structure model' '_pdbx_struct_conn_angle.ptnr1_label_seq_id'  
18 5 'Structure model' '_pdbx_struct_conn_angle.ptnr3_auth_comp_id'  
19 5 'Structure model' '_pdbx_struct_conn_angle.ptnr3_auth_seq_id'   
20 5 'Structure model' '_pdbx_struct_conn_angle.ptnr3_label_asym_id' 
21 5 'Structure model' '_pdbx_struct_conn_angle.ptnr3_label_atom_id' 
22 5 'Structure model' '_pdbx_struct_conn_angle.ptnr3_label_comp_id' 
23 5 'Structure model' '_pdbx_struct_conn_angle.ptnr3_label_seq_id'  
24 5 'Structure model' '_pdbx_struct_conn_angle.value'               
25 5 'Structure model' '_struct_conn.pdbx_dist_value'                
26 5 'Structure model' '_struct_conn.ptnr1_auth_comp_id'             
27 5 'Structure model' '_struct_conn.ptnr1_auth_seq_id'              
28 5 'Structure model' '_struct_conn.ptnr1_label_asym_id'            
29 5 'Structure model' '_struct_conn.ptnr1_label_atom_id'            
30 5 'Structure model' '_struct_conn.ptnr1_label_comp_id'            
31 5 'Structure model' '_struct_conn.ptnr1_label_seq_id'             
32 5 'Structure model' '_struct_conn.ptnr2_auth_comp_id'             
33 5 'Structure model' '_struct_conn.ptnr2_auth_seq_id'              
34 5 'Structure model' '_struct_conn.ptnr2_label_asym_id'            
35 5 'Structure model' '_struct_conn.ptnr2_label_atom_id'            
36 5 'Structure model' '_struct_conn.ptnr2_label_comp_id'            
37 5 'Structure model' '_struct_conn.ptnr2_label_seq_id'             
38 5 'Structure model' '_struct_ref_seq_dif.details'                 
39 5 'Structure model' '_struct_site.pdbx_auth_asym_id'              
40 5 'Structure model' '_struct_site.pdbx_auth_comp_id'              
41 5 'Structure model' '_struct_site.pdbx_auth_seq_id'               
# 
_pdbx_refine_tls.id               1 
_pdbx_refine_tls.details          . 
_pdbx_refine_tls.method           refined 
_pdbx_refine_tls.origin_x         -0.4499 
_pdbx_refine_tls.origin_y         -0.1063 
_pdbx_refine_tls.origin_z         -0.2196 
_pdbx_refine_tls.T[1][1]          0.1681 
_pdbx_refine_tls.T[2][2]          -0.0319 
_pdbx_refine_tls.T[3][3]          0.2148 
_pdbx_refine_tls.T[1][2]          -0.1000 
_pdbx_refine_tls.T[1][3]          0.0747 
_pdbx_refine_tls.T[2][3]          -0.0210 
_pdbx_refine_tls.L[1][1]          3.4928 
_pdbx_refine_tls.L[2][2]          1.6954 
_pdbx_refine_tls.L[3][3]          3.1906 
_pdbx_refine_tls.L[1][2]          -0.8679 
_pdbx_refine_tls.L[1][3]          -0.2718 
_pdbx_refine_tls.L[2][3]          -1.0668 
_pdbx_refine_tls.S[1][1]          -0.2595 
_pdbx_refine_tls.S[2][2]          0.0150 
_pdbx_refine_tls.S[3][3]          0.2446 
_pdbx_refine_tls.S[1][2]          0.1846 
_pdbx_refine_tls.S[1][3]          -0.3513 
_pdbx_refine_tls.S[2][3]          -0.2202 
_pdbx_refine_tls.S[2][1]          -0.2120 
_pdbx_refine_tls.S[3][1]          0.2118 
_pdbx_refine_tls.S[3][2]          -0.1146 
_pdbx_refine_tls.pdbx_refine_id   'X-RAY DIFFRACTION' 
# 
loop_
_pdbx_refine_tls_group.id 
_pdbx_refine_tls_group.refine_tls_id 
_pdbx_refine_tls_group.beg_label_asym_id 
_pdbx_refine_tls_group.beg_label_seq_id 
_pdbx_refine_tls_group.end_label_asym_id 
_pdbx_refine_tls_group.end_label_seq_id 
_pdbx_refine_tls_group.selection 
_pdbx_refine_tls_group.beg_auth_asym_id 
_pdbx_refine_tls_group.beg_auth_seq_id 
_pdbx_refine_tls_group.end_auth_asym_id 
_pdbx_refine_tls_group.end_auth_seq_id 
_pdbx_refine_tls_group.pdbx_refine_id 
_pdbx_refine_tls_group.selection_details 
1 1 A 22 A 190 ALL A 5   A 173 'X-RAY DIFFRACTION' ? 
2 1 C 1  B 1   ALL A 201 A 202 'X-RAY DIFFRACTION' ? 
# 
_phasing.method   mr 
# 
loop_
_software.name 
_software.version 
_software.date 
_software.type 
_software.contact_author 
_software.contact_author_email 
_software.classification 
_software.location 
_software.language 
_software.citation_id 
_software.pdbx_ordinal 
DENZO       .               ?               package 'Zbyszek Otwinowski' zbyszek@mix.swmed.edu       'data reduction'  
http://www.lnls.br/infra/linhasluz/denzo-hkl.htm ?       ? 1 
SCALEPACK   .               ?               package 'Zbyszek Otwinowski' zbyszek@mix.swmed.edu       'data scaling'    
http://www.lnls.br/infra/linhasluz/denzo-hkl.htm ?       ? 2 
PHASER      .               ?               program 'R. J. Read'         cimr-phaser@lists.cam.ac.uk phasing           
http://www-structmed.cimr.cam.ac.uk/phaser/      ?       ? 3 
REFMAC      refmac_5.2.0019 24/04/2001      program 'Murshudov, G.N.'    ccp4@dl.ac.uk               refinement        
http://www.ccp4.ac.uk/main.html                  Fortran ? 4 
PDB_EXTRACT 1.700           'Jul. 11, 2005' package PDB                  sw-help@rcsb.rutgers.edu    'data extraction' 
http://pdb.rutgers.edu/software/                 C++     ? 5 
# 
loop_
_pdbx_database_remark.id 
_pdbx_database_remark.text 
300 
;BIOMOLECULE: 1                                                       
REMARK 300 THIS ENTRY CONTAINS THE CRYSTALLOGRAPHIC ASYMMETRIC UNIT             
REMARK 300 WHICH CONSISTS OF 1 CHAIN(S). THE BIOLOGICAL UNIT OF THIS
PROTEIN IS UNKNOWN.
;
42  
;MOLPROBITY STRUCTURE VALIDATION
 PROGRAMS    : MOLPROBITY  (KING, REDUCE, AND PROBE)
 AUTHORS     : I.W.DAVIS,J.M.WORD
 URL         : HTTP://KINEMAGE.BIOCHEM.DUKE.EDU/MOLPROBITY/
 AUTHORS     : J.S.RICHARDSON,W.B.ARENDALL,D.C.RICHARDSON
 REFERENCE   : NEW TOOLS AND DATA FOR IMPROVING
             : STRUCTURES, USING ALL-ATOM CONTACTS
             : METHODS IN ENZYMOLOGY. 2003;374:385-412.
MOLPROBITY OUTPUT SCORES:
 ALL-ATOM CLASHSCORE     :  18.17  (0.00 B<40)
 BAD ROTAMERS            :   6.6%    9/137    (TARGET  0-1%)
 RAMACHANDRAN OUTLIERS   :   0.0%    0/151    (TARGET  0.2%)
 RAMACHANDRAN FAVORED    :  95.4%  144/151    (TARGET 98.0%)
;
# 
loop_
_pdbx_validate_close_contact.id 
_pdbx_validate_close_contact.PDB_model_num 
_pdbx_validate_close_contact.auth_atom_id_1 
_pdbx_validate_close_contact.auth_asym_id_1 
_pdbx_validate_close_contact.auth_comp_id_1 
_pdbx_validate_close_contact.auth_seq_id_1 
_pdbx_validate_close_contact.PDB_ins_code_1 
_pdbx_validate_close_contact.label_alt_id_1 
_pdbx_validate_close_contact.auth_atom_id_2 
_pdbx_validate_close_contact.auth_asym_id_2 
_pdbx_validate_close_contact.auth_comp_id_2 
_pdbx_validate_close_contact.auth_seq_id_2 
_pdbx_validate_close_contact.PDB_ins_code_2 
_pdbx_validate_close_contact.label_alt_id_2 
_pdbx_validate_close_contact.dist 
1 1 OD2 A ASP 92 ? ? UNK A UNX 401 ? ? 2.12 
2 1 O   A GLY 42 ? ? UNK A UNX 402 ? ? 2.12 
# 
_pdbx_validate_rmsd_bond.id                        1 
_pdbx_validate_rmsd_bond.PDB_model_num             1 
_pdbx_validate_rmsd_bond.auth_atom_id_1            CG 
_pdbx_validate_rmsd_bond.auth_asym_id_1            A 
_pdbx_validate_rmsd_bond.auth_comp_id_1            GLN 
_pdbx_validate_rmsd_bond.auth_seq_id_1             160 
_pdbx_validate_rmsd_bond.PDB_ins_code_1            ? 
_pdbx_validate_rmsd_bond.label_alt_id_1            ? 
_pdbx_validate_rmsd_bond.auth_atom_id_2            CD 
_pdbx_validate_rmsd_bond.auth_asym_id_2            A 
_pdbx_validate_rmsd_bond.auth_comp_id_2            GLN 
_pdbx_validate_rmsd_bond.auth_seq_id_2             160 
_pdbx_validate_rmsd_bond.PDB_ins_code_2            ? 
_pdbx_validate_rmsd_bond.label_alt_id_2            ? 
_pdbx_validate_rmsd_bond.bond_value                1.649 
_pdbx_validate_rmsd_bond.bond_target_value         1.506 
_pdbx_validate_rmsd_bond.bond_deviation            0.143 
_pdbx_validate_rmsd_bond.bond_standard_deviation   0.023 
_pdbx_validate_rmsd_bond.linker_flag               N 
# 
loop_
_pdbx_validate_torsion.id 
_pdbx_validate_torsion.PDB_model_num 
_pdbx_validate_torsion.auth_comp_id 
_pdbx_validate_torsion.auth_asym_id 
_pdbx_validate_torsion.auth_seq_id 
_pdbx_validate_torsion.PDB_ins_code 
_pdbx_validate_torsion.label_alt_id 
_pdbx_validate_torsion.phi 
_pdbx_validate_torsion.psi 
1 1 TYR A 33  ? ? -170.29 138.85 
2 1 LEU A 52  ? ? -164.13 118.73 
3 1 TYR A 109 ? ? -109.80 66.94  
4 1 ALA A 110 ? ? -174.03 140.91 
5 1 SER A 111 ? ? -34.71  134.25 
# 
loop_
_pdbx_unobs_or_zero_occ_residues.id 
_pdbx_unobs_or_zero_occ_residues.PDB_model_num 
_pdbx_unobs_or_zero_occ_residues.polymer_flag 
_pdbx_unobs_or_zero_occ_residues.occupancy_flag 
_pdbx_unobs_or_zero_occ_residues.auth_asym_id 
_pdbx_unobs_or_zero_occ_residues.auth_comp_id 
_pdbx_unobs_or_zero_occ_residues.auth_seq_id 
_pdbx_unobs_or_zero_occ_residues.PDB_ins_code 
_pdbx_unobs_or_zero_occ_residues.label_asym_id 
_pdbx_unobs_or_zero_occ_residues.label_comp_id 
_pdbx_unobs_or_zero_occ_residues.label_seq_id 
1  1 Y 1 A MET -16 ? A MET 1   
2  1 Y 1 A GLY -15 ? A GLY 2   
3  1 Y 1 A SER -14 ? A SER 3   
4  1 Y 1 A SER -13 ? A SER 4   
5  1 Y 1 A HIS -12 ? A HIS 5   
6  1 Y 1 A HIS -11 ? A HIS 6   
7  1 Y 1 A HIS -10 ? A HIS 7   
8  1 Y 1 A HIS -9  ? A HIS 8   
9  1 Y 1 A HIS -8  ? A HIS 9   
10 1 Y 1 A HIS -7  ? A HIS 10  
11 1 Y 1 A SER -6  ? A SER 11  
12 1 Y 1 A SER -5  ? A SER 12  
13 1 Y 1 A GLY -4  ? A GLY 13  
14 1 Y 1 A LEU -3  ? A LEU 14  
15 1 Y 1 A VAL -2  ? A VAL 15  
16 1 Y 1 A PRO -1  ? A PRO 16  
17 1 Y 1 A ARG 0   ? A ARG 17  
18 1 Y 1 A GLY 1   ? A GLY 18  
19 1 Y 1 A SER 2   ? A SER 19  
20 1 Y 1 A PRO 3   ? A PRO 20  
21 1 Y 1 A GLU 4   ? A GLU 21  
22 1 Y 1 A THR 64  ? A THR 81  
23 1 Y 1 A ALA 65  ? A ALA 82  
24 1 Y 1 A GLY 66  ? A GLY 83  
25 1 Y 1 A GLN 67  ? A GLN 84  
26 1 Y 1 A GLU 68  ? A GLU 85  
27 1 Y 1 A ARG 69  ? A ARG 86  
28 1 Y 1 A PHE 70  ? A PHE 87  
29 1 Y 1 A ARG 71  ? A ARG 88  
30 1 Y 1 A THR 72  ? A THR 89  
31 1 Y 1 A ILE 73  ? A ILE 90  
32 1 Y 1 A THR 74  ? A THR 91  
33 1 Y 1 A SER 75  ? A SER 92  
34 1 Y 1 A SER 76  ? A SER 93  
35 1 Y 1 A TYR 77  ? A TYR 94  
36 1 Y 1 A GLY 174 ? A GLY 191 
# 
loop_
_chem_comp_atom.comp_id 
_chem_comp_atom.atom_id 
_chem_comp_atom.type_symbol 
_chem_comp_atom.pdbx_aromatic_flag 
_chem_comp_atom.pdbx_stereo_config 
_chem_comp_atom.pdbx_ordinal 
ALA N      N  N N 1   
ALA CA     C  N S 2   
ALA C      C  N N 3   
ALA O      O  N N 4   
ALA CB     C  N N 5   
ALA OXT    O  N N 6   
ALA H      H  N N 7   
ALA H2     H  N N 8   
ALA HA     H  N N 9   
ALA HB1    H  N N 10  
ALA HB2    H  N N 11  
ALA HB3    H  N N 12  
ALA HXT    H  N N 13  
ARG N      N  N N 14  
ARG CA     C  N S 15  
ARG C      C  N N 16  
ARG O      O  N N 17  
ARG CB     C  N N 18  
ARG CG     C  N N 19  
ARG CD     C  N N 20  
ARG NE     N  N N 21  
ARG CZ     C  N N 22  
ARG NH1    N  N N 23  
ARG NH2    N  N N 24  
ARG OXT    O  N N 25  
ARG H      H  N N 26  
ARG H2     H  N N 27  
ARG HA     H  N N 28  
ARG HB2    H  N N 29  
ARG HB3    H  N N 30  
ARG HG2    H  N N 31  
ARG HG3    H  N N 32  
ARG HD2    H  N N 33  
ARG HD3    H  N N 34  
ARG HE     H  N N 35  
ARG HH11   H  N N 36  
ARG HH12   H  N N 37  
ARG HH21   H  N N 38  
ARG HH22   H  N N 39  
ARG HXT    H  N N 40  
ASN N      N  N N 41  
ASN CA     C  N S 42  
ASN C      C  N N 43  
ASN O      O  N N 44  
ASN CB     C  N N 45  
ASN CG     C  N N 46  
ASN OD1    O  N N 47  
ASN ND2    N  N N 48  
ASN OXT    O  N N 49  
ASN H      H  N N 50  
ASN H2     H  N N 51  
ASN HA     H  N N 52  
ASN HB2    H  N N 53  
ASN HB3    H  N N 54  
ASN HD21   H  N N 55  
ASN HD22   H  N N 56  
ASN HXT    H  N N 57  
ASP N      N  N N 58  
ASP CA     C  N S 59  
ASP C      C  N N 60  
ASP O      O  N N 61  
ASP CB     C  N N 62  
ASP CG     C  N N 63  
ASP OD1    O  N N 64  
ASP OD2    O  N N 65  
ASP OXT    O  N N 66  
ASP H      H  N N 67  
ASP H2     H  N N 68  
ASP HA     H  N N 69  
ASP HB2    H  N N 70  
ASP HB3    H  N N 71  
ASP HD2    H  N N 72  
ASP HXT    H  N N 73  
CYS N      N  N N 74  
CYS CA     C  N R 75  
CYS C      C  N N 76  
CYS O      O  N N 77  
CYS CB     C  N N 78  
CYS SG     S  N N 79  
CYS OXT    O  N N 80  
CYS H      H  N N 81  
CYS H2     H  N N 82  
CYS HA     H  N N 83  
CYS HB2    H  N N 84  
CYS HB3    H  N N 85  
CYS HG     H  N N 86  
CYS HXT    H  N N 87  
GDP PB     P  N N 88  
GDP O1B    O  N N 89  
GDP O2B    O  N N 90  
GDP O3B    O  N N 91  
GDP O3A    O  N N 92  
GDP PA     P  N N 93  
GDP O1A    O  N N 94  
GDP O2A    O  N N 95  
GDP "O5'"  O  N N 96  
GDP "C5'"  C  N N 97  
GDP "C4'"  C  N R 98  
GDP "O4'"  O  N N 99  
GDP "C3'"  C  N S 100 
GDP "O3'"  O  N N 101 
GDP "C2'"  C  N R 102 
GDP "O2'"  O  N N 103 
GDP "C1'"  C  N R 104 
GDP N9     N  Y N 105 
GDP C8     C  Y N 106 
GDP N7     N  Y N 107 
GDP C5     C  Y N 108 
GDP C6     C  N N 109 
GDP O6     O  N N 110 
GDP N1     N  N N 111 
GDP C2     C  N N 112 
GDP N2     N  N N 113 
GDP N3     N  N N 114 
GDP C4     C  Y N 115 
GDP HOB2   H  N N 116 
GDP HOB3   H  N N 117 
GDP HOA2   H  N N 118 
GDP "H5'"  H  N N 119 
GDP "H5''" H  N N 120 
GDP "H4'"  H  N N 121 
GDP "H3'"  H  N N 122 
GDP "HO3'" H  N N 123 
GDP "H2'"  H  N N 124 
GDP "HO2'" H  N N 125 
GDP "H1'"  H  N N 126 
GDP H8     H  N N 127 
GDP HN1    H  N N 128 
GDP HN21   H  N N 129 
GDP HN22   H  N N 130 
GLN N      N  N N 131 
GLN CA     C  N S 132 
GLN C      C  N N 133 
GLN O      O  N N 134 
GLN CB     C  N N 135 
GLN CG     C  N N 136 
GLN CD     C  N N 137 
GLN OE1    O  N N 138 
GLN NE2    N  N N 139 
GLN OXT    O  N N 140 
GLN H      H  N N 141 
GLN H2     H  N N 142 
GLN HA     H  N N 143 
GLN HB2    H  N N 144 
GLN HB3    H  N N 145 
GLN HG2    H  N N 146 
GLN HG3    H  N N 147 
GLN HE21   H  N N 148 
GLN HE22   H  N N 149 
GLN HXT    H  N N 150 
GLU N      N  N N 151 
GLU CA     C  N S 152 
GLU C      C  N N 153 
GLU O      O  N N 154 
GLU CB     C  N N 155 
GLU CG     C  N N 156 
GLU CD     C  N N 157 
GLU OE1    O  N N 158 
GLU OE2    O  N N 159 
GLU OXT    O  N N 160 
GLU H      H  N N 161 
GLU H2     H  N N 162 
GLU HA     H  N N 163 
GLU HB2    H  N N 164 
GLU HB3    H  N N 165 
GLU HG2    H  N N 166 
GLU HG3    H  N N 167 
GLU HE2    H  N N 168 
GLU HXT    H  N N 169 
GLY N      N  N N 170 
GLY CA     C  N N 171 
GLY C      C  N N 172 
GLY O      O  N N 173 
GLY OXT    O  N N 174 
GLY H      H  N N 175 
GLY H2     H  N N 176 
GLY HA2    H  N N 177 
GLY HA3    H  N N 178 
GLY HXT    H  N N 179 
HIS N      N  N N 180 
HIS CA     C  N S 181 
HIS C      C  N N 182 
HIS O      O  N N 183 
HIS CB     C  N N 184 
HIS CG     C  Y N 185 
HIS ND1    N  Y N 186 
HIS CD2    C  Y N 187 
HIS CE1    C  Y N 188 
HIS NE2    N  Y N 189 
HIS OXT    O  N N 190 
HIS H      H  N N 191 
HIS H2     H  N N 192 
HIS HA     H  N N 193 
HIS HB2    H  N N 194 
HIS HB3    H  N N 195 
HIS HD1    H  N N 196 
HIS HD2    H  N N 197 
HIS HE1    H  N N 198 
HIS HE2    H  N N 199 
HIS HXT    H  N N 200 
HOH O      O  N N 201 
HOH H1     H  N N 202 
HOH H2     H  N N 203 
ILE N      N  N N 204 
ILE CA     C  N S 205 
ILE C      C  N N 206 
ILE O      O  N N 207 
ILE CB     C  N S 208 
ILE CG1    C  N N 209 
ILE CG2    C  N N 210 
ILE CD1    C  N N 211 
ILE OXT    O  N N 212 
ILE H      H  N N 213 
ILE H2     H  N N 214 
ILE HA     H  N N 215 
ILE HB     H  N N 216 
ILE HG12   H  N N 217 
ILE HG13   H  N N 218 
ILE HG21   H  N N 219 
ILE HG22   H  N N 220 
ILE HG23   H  N N 221 
ILE HD11   H  N N 222 
ILE HD12   H  N N 223 
ILE HD13   H  N N 224 
ILE HXT    H  N N 225 
LEU N      N  N N 226 
LEU CA     C  N S 227 
LEU C      C  N N 228 
LEU O      O  N N 229 
LEU CB     C  N N 230 
LEU CG     C  N N 231 
LEU CD1    C  N N 232 
LEU CD2    C  N N 233 
LEU OXT    O  N N 234 
LEU H      H  N N 235 
LEU H2     H  N N 236 
LEU HA     H  N N 237 
LEU HB2    H  N N 238 
LEU HB3    H  N N 239 
LEU HG     H  N N 240 
LEU HD11   H  N N 241 
LEU HD12   H  N N 242 
LEU HD13   H  N N 243 
LEU HD21   H  N N 244 
LEU HD22   H  N N 245 
LEU HD23   H  N N 246 
LEU HXT    H  N N 247 
LYS N      N  N N 248 
LYS CA     C  N S 249 
LYS C      C  N N 250 
LYS O      O  N N 251 
LYS CB     C  N N 252 
LYS CG     C  N N 253 
LYS CD     C  N N 254 
LYS CE     C  N N 255 
LYS NZ     N  N N 256 
LYS OXT    O  N N 257 
LYS H      H  N N 258 
LYS H2     H  N N 259 
LYS HA     H  N N 260 
LYS HB2    H  N N 261 
LYS HB3    H  N N 262 
LYS HG2    H  N N 263 
LYS HG3    H  N N 264 
LYS HD2    H  N N 265 
LYS HD3    H  N N 266 
LYS HE2    H  N N 267 
LYS HE3    H  N N 268 
LYS HZ1    H  N N 269 
LYS HZ2    H  N N 270 
LYS HZ3    H  N N 271 
LYS HXT    H  N N 272 
MET N      N  N N 273 
MET CA     C  N S 274 
MET C      C  N N 275 
MET O      O  N N 276 
MET CB     C  N N 277 
MET CG     C  N N 278 
MET SD     S  N N 279 
MET CE     C  N N 280 
MET OXT    O  N N 281 
MET H      H  N N 282 
MET H2     H  N N 283 
MET HA     H  N N 284 
MET HB2    H  N N 285 
MET HB3    H  N N 286 
MET HG2    H  N N 287 
MET HG3    H  N N 288 
MET HE1    H  N N 289 
MET HE2    H  N N 290 
MET HE3    H  N N 291 
MET HXT    H  N N 292 
MG  MG     MG N N 293 
PHE N      N  N N 294 
PHE CA     C  N S 295 
PHE C      C  N N 296 
PHE O      O  N N 297 
PHE CB     C  N N 298 
PHE CG     C  Y N 299 
PHE CD1    C  Y N 300 
PHE CD2    C  Y N 301 
PHE CE1    C  Y N 302 
PHE CE2    C  Y N 303 
PHE CZ     C  Y N 304 
PHE OXT    O  N N 305 
PHE H      H  N N 306 
PHE H2     H  N N 307 
PHE HA     H  N N 308 
PHE HB2    H  N N 309 
PHE HB3    H  N N 310 
PHE HD1    H  N N 311 
PHE HD2    H  N N 312 
PHE HE1    H  N N 313 
PHE HE2    H  N N 314 
PHE HZ     H  N N 315 
PHE HXT    H  N N 316 
PRO N      N  N N 317 
PRO CA     C  N S 318 
PRO C      C  N N 319 
PRO O      O  N N 320 
PRO CB     C  N N 321 
PRO CG     C  N N 322 
PRO CD     C  N N 323 
PRO OXT    O  N N 324 
PRO H      H  N N 325 
PRO HA     H  N N 326 
PRO HB2    H  N N 327 
PRO HB3    H  N N 328 
PRO HG2    H  N N 329 
PRO HG3    H  N N 330 
PRO HD2    H  N N 331 
PRO HD3    H  N N 332 
PRO HXT    H  N N 333 
SER N      N  N N 334 
SER CA     C  N S 335 
SER C      C  N N 336 
SER O      O  N N 337 
SER CB     C  N N 338 
SER OG     O  N N 339 
SER OXT    O  N N 340 
SER H      H  N N 341 
SER H2     H  N N 342 
SER HA     H  N N 343 
SER HB2    H  N N 344 
SER HB3    H  N N 345 
SER HG     H  N N 346 
SER HXT    H  N N 347 
THR N      N  N N 348 
THR CA     C  N S 349 
THR C      C  N N 350 
THR O      O  N N 351 
THR CB     C  N R 352 
THR OG1    O  N N 353 
THR CG2    C  N N 354 
THR OXT    O  N N 355 
THR H      H  N N 356 
THR H2     H  N N 357 
THR HA     H  N N 358 
THR HB     H  N N 359 
THR HG1    H  N N 360 
THR HG21   H  N N 361 
THR HG22   H  N N 362 
THR HG23   H  N N 363 
THR HXT    H  N N 364 
TRP N      N  N N 365 
TRP CA     C  N S 366 
TRP C      C  N N 367 
TRP O      O  N N 368 
TRP CB     C  N N 369 
TRP CG     C  Y N 370 
TRP CD1    C  Y N 371 
TRP CD2    C  Y N 372 
TRP NE1    N  Y N 373 
TRP CE2    C  Y N 374 
TRP CE3    C  Y N 375 
TRP CZ2    C  Y N 376 
TRP CZ3    C  Y N 377 
TRP CH2    C  Y N 378 
TRP OXT    O  N N 379 
TRP H      H  N N 380 
TRP H2     H  N N 381 
TRP HA     H  N N 382 
TRP HB2    H  N N 383 
TRP HB3    H  N N 384 
TRP HD1    H  N N 385 
TRP HE1    H  N N 386 
TRP HE3    H  N N 387 
TRP HZ2    H  N N 388 
TRP HZ3    H  N N 389 
TRP HH2    H  N N 390 
TRP HXT    H  N N 391 
TYR N      N  N N 392 
TYR CA     C  N S 393 
TYR C      C  N N 394 
TYR O      O  N N 395 
TYR CB     C  N N 396 
TYR CG     C  Y N 397 
TYR CD1    C  Y N 398 
TYR CD2    C  Y N 399 
TYR CE1    C  Y N 400 
TYR CE2    C  Y N 401 
TYR CZ     C  Y N 402 
TYR OH     O  N N 403 
TYR OXT    O  N N 404 
TYR H      H  N N 405 
TYR H2     H  N N 406 
TYR HA     H  N N 407 
TYR HB2    H  N N 408 
TYR HB3    H  N N 409 
TYR HD1    H  N N 410 
TYR HD2    H  N N 411 
TYR HE1    H  N N 412 
TYR HE2    H  N N 413 
TYR HH     H  N N 414 
TYR HXT    H  N N 415 
VAL N      N  N N 416 
VAL CA     C  N S 417 
VAL C      C  N N 418 
VAL O      O  N N 419 
VAL CB     C  N N 420 
VAL CG1    C  N N 421 
VAL CG2    C  N N 422 
VAL OXT    O  N N 423 
VAL H      H  N N 424 
VAL H2     H  N N 425 
VAL HA     H  N N 426 
VAL HB     H  N N 427 
VAL HG11   H  N N 428 
VAL HG12   H  N N 429 
VAL HG13   H  N N 430 
VAL HG21   H  N N 431 
VAL HG22   H  N N 432 
VAL HG23   H  N N 433 
VAL HXT    H  N N 434 
# 
loop_
_chem_comp_bond.comp_id 
_chem_comp_bond.atom_id_1 
_chem_comp_bond.atom_id_2 
_chem_comp_bond.value_order 
_chem_comp_bond.pdbx_aromatic_flag 
_chem_comp_bond.pdbx_stereo_config 
_chem_comp_bond.pdbx_ordinal 
ALA N     CA     sing N N 1   
ALA N     H      sing N N 2   
ALA N     H2     sing N N 3   
ALA CA    C      sing N N 4   
ALA CA    CB     sing N N 5   
ALA CA    HA     sing N N 6   
ALA C     O      doub N N 7   
ALA C     OXT    sing N N 8   
ALA CB    HB1    sing N N 9   
ALA CB    HB2    sing N N 10  
ALA CB    HB3    sing N N 11  
ALA OXT   HXT    sing N N 12  
ARG N     CA     sing N N 13  
ARG N     H      sing N N 14  
ARG N     H2     sing N N 15  
ARG CA    C      sing N N 16  
ARG CA    CB     sing N N 17  
ARG CA    HA     sing N N 18  
ARG C     O      doub N N 19  
ARG C     OXT    sing N N 20  
ARG CB    CG     sing N N 21  
ARG CB    HB2    sing N N 22  
ARG CB    HB3    sing N N 23  
ARG CG    CD     sing N N 24  
ARG CG    HG2    sing N N 25  
ARG CG    HG3    sing N N 26  
ARG CD    NE     sing N N 27  
ARG CD    HD2    sing N N 28  
ARG CD    HD3    sing N N 29  
ARG NE    CZ     sing N N 30  
ARG NE    HE     sing N N 31  
ARG CZ    NH1    sing N N 32  
ARG CZ    NH2    doub N N 33  
ARG NH1   HH11   sing N N 34  
ARG NH1   HH12   sing N N 35  
ARG NH2   HH21   sing N N 36  
ARG NH2   HH22   sing N N 37  
ARG OXT   HXT    sing N N 38  
ASN N     CA     sing N N 39  
ASN N     H      sing N N 40  
ASN N     H2     sing N N 41  
ASN CA    C      sing N N 42  
ASN CA    CB     sing N N 43  
ASN CA    HA     sing N N 44  
ASN C     O      doub N N 45  
ASN C     OXT    sing N N 46  
ASN CB    CG     sing N N 47  
ASN CB    HB2    sing N N 48  
ASN CB    HB3    sing N N 49  
ASN CG    OD1    doub N N 50  
ASN CG    ND2    sing N N 51  
ASN ND2   HD21   sing N N 52  
ASN ND2   HD22   sing N N 53  
ASN OXT   HXT    sing N N 54  
ASP N     CA     sing N N 55  
ASP N     H      sing N N 56  
ASP N     H2     sing N N 57  
ASP CA    C      sing N N 58  
ASP CA    CB     sing N N 59  
ASP CA    HA     sing N N 60  
ASP C     O      doub N N 61  
ASP C     OXT    sing N N 62  
ASP CB    CG     sing N N 63  
ASP CB    HB2    sing N N 64  
ASP CB    HB3    sing N N 65  
ASP CG    OD1    doub N N 66  
ASP CG    OD2    sing N N 67  
ASP OD2   HD2    sing N N 68  
ASP OXT   HXT    sing N N 69  
CYS N     CA     sing N N 70  
CYS N     H      sing N N 71  
CYS N     H2     sing N N 72  
CYS CA    C      sing N N 73  
CYS CA    CB     sing N N 74  
CYS CA    HA     sing N N 75  
CYS C     O      doub N N 76  
CYS C     OXT    sing N N 77  
CYS CB    SG     sing N N 78  
CYS CB    HB2    sing N N 79  
CYS CB    HB3    sing N N 80  
CYS SG    HG     sing N N 81  
CYS OXT   HXT    sing N N 82  
GDP PB    O1B    doub N N 83  
GDP PB    O2B    sing N N 84  
GDP PB    O3B    sing N N 85  
GDP PB    O3A    sing N N 86  
GDP O2B   HOB2   sing N N 87  
GDP O3B   HOB3   sing N N 88  
GDP O3A   PA     sing N N 89  
GDP PA    O1A    doub N N 90  
GDP PA    O2A    sing N N 91  
GDP PA    "O5'"  sing N N 92  
GDP O2A   HOA2   sing N N 93  
GDP "O5'" "C5'"  sing N N 94  
GDP "C5'" "C4'"  sing N N 95  
GDP "C5'" "H5'"  sing N N 96  
GDP "C5'" "H5''" sing N N 97  
GDP "C4'" "O4'"  sing N N 98  
GDP "C4'" "C3'"  sing N N 99  
GDP "C4'" "H4'"  sing N N 100 
GDP "O4'" "C1'"  sing N N 101 
GDP "C3'" "O3'"  sing N N 102 
GDP "C3'" "C2'"  sing N N 103 
GDP "C3'" "H3'"  sing N N 104 
GDP "O3'" "HO3'" sing N N 105 
GDP "C2'" "O2'"  sing N N 106 
GDP "C2'" "C1'"  sing N N 107 
GDP "C2'" "H2'"  sing N N 108 
GDP "O2'" "HO2'" sing N N 109 
GDP "C1'" N9     sing N N 110 
GDP "C1'" "H1'"  sing N N 111 
GDP N9    C8     sing Y N 112 
GDP N9    C4     sing Y N 113 
GDP C8    N7     doub Y N 114 
GDP C8    H8     sing N N 115 
GDP N7    C5     sing Y N 116 
GDP C5    C6     sing N N 117 
GDP C5    C4     doub Y N 118 
GDP C6    O6     doub N N 119 
GDP C6    N1     sing N N 120 
GDP N1    C2     sing N N 121 
GDP N1    HN1    sing N N 122 
GDP C2    N2     sing N N 123 
GDP C2    N3     doub N N 124 
GDP N2    HN21   sing N N 125 
GDP N2    HN22   sing N N 126 
GDP N3    C4     sing N N 127 
GLN N     CA     sing N N 128 
GLN N     H      sing N N 129 
GLN N     H2     sing N N 130 
GLN CA    C      sing N N 131 
GLN CA    CB     sing N N 132 
GLN CA    HA     sing N N 133 
GLN C     O      doub N N 134 
GLN C     OXT    sing N N 135 
GLN CB    CG     sing N N 136 
GLN CB    HB2    sing N N 137 
GLN CB    HB3    sing N N 138 
GLN CG    CD     sing N N 139 
GLN CG    HG2    sing N N 140 
GLN CG    HG3    sing N N 141 
GLN CD    OE1    doub N N 142 
GLN CD    NE2    sing N N 143 
GLN NE2   HE21   sing N N 144 
GLN NE2   HE22   sing N N 145 
GLN OXT   HXT    sing N N 146 
GLU N     CA     sing N N 147 
GLU N     H      sing N N 148 
GLU N     H2     sing N N 149 
GLU CA    C      sing N N 150 
GLU CA    CB     sing N N 151 
GLU CA    HA     sing N N 152 
GLU C     O      doub N N 153 
GLU C     OXT    sing N N 154 
GLU CB    CG     sing N N 155 
GLU CB    HB2    sing N N 156 
GLU CB    HB3    sing N N 157 
GLU CG    CD     sing N N 158 
GLU CG    HG2    sing N N 159 
GLU CG    HG3    sing N N 160 
GLU CD    OE1    doub N N 161 
GLU CD    OE2    sing N N 162 
GLU OE2   HE2    sing N N 163 
GLU OXT   HXT    sing N N 164 
GLY N     CA     sing N N 165 
GLY N     H      sing N N 166 
GLY N     H2     sing N N 167 
GLY CA    C      sing N N 168 
GLY CA    HA2    sing N N 169 
GLY CA    HA3    sing N N 170 
GLY C     O      doub N N 171 
GLY C     OXT    sing N N 172 
GLY OXT   HXT    sing N N 173 
HIS N     CA     sing N N 174 
HIS N     H      sing N N 175 
HIS N     H2     sing N N 176 
HIS CA    C      sing N N 177 
HIS CA    CB     sing N N 178 
HIS CA    HA     sing N N 179 
HIS C     O      doub N N 180 
HIS C     OXT    sing N N 181 
HIS CB    CG     sing N N 182 
HIS CB    HB2    sing N N 183 
HIS CB    HB3    sing N N 184 
HIS CG    ND1    sing Y N 185 
HIS CG    CD2    doub Y N 186 
HIS ND1   CE1    doub Y N 187 
HIS ND1   HD1    sing N N 188 
HIS CD2   NE2    sing Y N 189 
HIS CD2   HD2    sing N N 190 
HIS CE1   NE2    sing Y N 191 
HIS CE1   HE1    sing N N 192 
HIS NE2   HE2    sing N N 193 
HIS OXT   HXT    sing N N 194 
HOH O     H1     sing N N 195 
HOH O     H2     sing N N 196 
ILE N     CA     sing N N 197 
ILE N     H      sing N N 198 
ILE N     H2     sing N N 199 
ILE CA    C      sing N N 200 
ILE CA    CB     sing N N 201 
ILE CA    HA     sing N N 202 
ILE C     O      doub N N 203 
ILE C     OXT    sing N N 204 
ILE CB    CG1    sing N N 205 
ILE CB    CG2    sing N N 206 
ILE CB    HB     sing N N 207 
ILE CG1   CD1    sing N N 208 
ILE CG1   HG12   sing N N 209 
ILE CG1   HG13   sing N N 210 
ILE CG2   HG21   sing N N 211 
ILE CG2   HG22   sing N N 212 
ILE CG2   HG23   sing N N 213 
ILE CD1   HD11   sing N N 214 
ILE CD1   HD12   sing N N 215 
ILE CD1   HD13   sing N N 216 
ILE OXT   HXT    sing N N 217 
LEU N     CA     sing N N 218 
LEU N     H      sing N N 219 
LEU N     H2     sing N N 220 
LEU CA    C      sing N N 221 
LEU CA    CB     sing N N 222 
LEU CA    HA     sing N N 223 
LEU C     O      doub N N 224 
LEU C     OXT    sing N N 225 
LEU CB    CG     sing N N 226 
LEU CB    HB2    sing N N 227 
LEU CB    HB3    sing N N 228 
LEU CG    CD1    sing N N 229 
LEU CG    CD2    sing N N 230 
LEU CG    HG     sing N N 231 
LEU CD1   HD11   sing N N 232 
LEU CD1   HD12   sing N N 233 
LEU CD1   HD13   sing N N 234 
LEU CD2   HD21   sing N N 235 
LEU CD2   HD22   sing N N 236 
LEU CD2   HD23   sing N N 237 
LEU OXT   HXT    sing N N 238 
LYS N     CA     sing N N 239 
LYS N     H      sing N N 240 
LYS N     H2     sing N N 241 
LYS CA    C      sing N N 242 
LYS CA    CB     sing N N 243 
LYS CA    HA     sing N N 244 
LYS C     O      doub N N 245 
LYS C     OXT    sing N N 246 
LYS CB    CG     sing N N 247 
LYS CB    HB2    sing N N 248 
LYS CB    HB3    sing N N 249 
LYS CG    CD     sing N N 250 
LYS CG    HG2    sing N N 251 
LYS CG    HG3    sing N N 252 
LYS CD    CE     sing N N 253 
LYS CD    HD2    sing N N 254 
LYS CD    HD3    sing N N 255 
LYS CE    NZ     sing N N 256 
LYS CE    HE2    sing N N 257 
LYS CE    HE3    sing N N 258 
LYS NZ    HZ1    sing N N 259 
LYS NZ    HZ2    sing N N 260 
LYS NZ    HZ3    sing N N 261 
LYS OXT   HXT    sing N N 262 
MET N     CA     sing N N 263 
MET N     H      sing N N 264 
MET N     H2     sing N N 265 
MET CA    C      sing N N 266 
MET CA    CB     sing N N 267 
MET CA    HA     sing N N 268 
MET C     O      doub N N 269 
MET C     OXT    sing N N 270 
MET CB    CG     sing N N 271 
MET CB    HB2    sing N N 272 
MET CB    HB3    sing N N 273 
MET CG    SD     sing N N 274 
MET CG    HG2    sing N N 275 
MET CG    HG3    sing N N 276 
MET SD    CE     sing N N 277 
MET CE    HE1    sing N N 278 
MET CE    HE2    sing N N 279 
MET CE    HE3    sing N N 280 
MET OXT   HXT    sing N N 281 
PHE N     CA     sing N N 282 
PHE N     H      sing N N 283 
PHE N     H2     sing N N 284 
PHE CA    C      sing N N 285 
PHE CA    CB     sing N N 286 
PHE CA    HA     sing N N 287 
PHE C     O      doub N N 288 
PHE C     OXT    sing N N 289 
PHE CB    CG     sing N N 290 
PHE CB    HB2    sing N N 291 
PHE CB    HB3    sing N N 292 
PHE CG    CD1    doub Y N 293 
PHE CG    CD2    sing Y N 294 
PHE CD1   CE1    sing Y N 295 
PHE CD1   HD1    sing N N 296 
PHE CD2   CE2    doub Y N 297 
PHE CD2   HD2    sing N N 298 
PHE CE1   CZ     doub Y N 299 
PHE CE1   HE1    sing N N 300 
PHE CE2   CZ     sing Y N 301 
PHE CE2   HE2    sing N N 302 
PHE CZ    HZ     sing N N 303 
PHE OXT   HXT    sing N N 304 
PRO N     CA     sing N N 305 
PRO N     CD     sing N N 306 
PRO N     H      sing N N 307 
PRO CA    C      sing N N 308 
PRO CA    CB     sing N N 309 
PRO CA    HA     sing N N 310 
PRO C     O      doub N N 311 
PRO C     OXT    sing N N 312 
PRO CB    CG     sing N N 313 
PRO CB    HB2    sing N N 314 
PRO CB    HB3    sing N N 315 
PRO CG    CD     sing N N 316 
PRO CG    HG2    sing N N 317 
PRO CG    HG3    sing N N 318 
PRO CD    HD2    sing N N 319 
PRO CD    HD3    sing N N 320 
PRO OXT   HXT    sing N N 321 
SER N     CA     sing N N 322 
SER N     H      sing N N 323 
SER N     H2     sing N N 324 
SER CA    C      sing N N 325 
SER CA    CB     sing N N 326 
SER CA    HA     sing N N 327 
SER C     O      doub N N 328 
SER C     OXT    sing N N 329 
SER CB    OG     sing N N 330 
SER CB    HB2    sing N N 331 
SER CB    HB3    sing N N 332 
SER OG    HG     sing N N 333 
SER OXT   HXT    sing N N 334 
THR N     CA     sing N N 335 
THR N     H      sing N N 336 
THR N     H2     sing N N 337 
THR CA    C      sing N N 338 
THR CA    CB     sing N N 339 
THR CA    HA     sing N N 340 
THR C     O      doub N N 341 
THR C     OXT    sing N N 342 
THR CB    OG1    sing N N 343 
THR CB    CG2    sing N N 344 
THR CB    HB     sing N N 345 
THR OG1   HG1    sing N N 346 
THR CG2   HG21   sing N N 347 
THR CG2   HG22   sing N N 348 
THR CG2   HG23   sing N N 349 
THR OXT   HXT    sing N N 350 
TRP N     CA     sing N N 351 
TRP N     H      sing N N 352 
TRP N     H2     sing N N 353 
TRP CA    C      sing N N 354 
TRP CA    CB     sing N N 355 
TRP CA    HA     sing N N 356 
TRP C     O      doub N N 357 
TRP C     OXT    sing N N 358 
TRP CB    CG     sing N N 359 
TRP CB    HB2    sing N N 360 
TRP CB    HB3    sing N N 361 
TRP CG    CD1    doub Y N 362 
TRP CG    CD2    sing Y N 363 
TRP CD1   NE1    sing Y N 364 
TRP CD1   HD1    sing N N 365 
TRP CD2   CE2    doub Y N 366 
TRP CD2   CE3    sing Y N 367 
TRP NE1   CE2    sing Y N 368 
TRP NE1   HE1    sing N N 369 
TRP CE2   CZ2    sing Y N 370 
TRP CE3   CZ3    doub Y N 371 
TRP CE3   HE3    sing N N 372 
TRP CZ2   CH2    doub Y N 373 
TRP CZ2   HZ2    sing N N 374 
TRP CZ3   CH2    sing Y N 375 
TRP CZ3   HZ3    sing N N 376 
TRP CH2   HH2    sing N N 377 
TRP OXT   HXT    sing N N 378 
TYR N     CA     sing N N 379 
TYR N     H      sing N N 380 
TYR N     H2     sing N N 381 
TYR CA    C      sing N N 382 
TYR CA    CB     sing N N 383 
TYR CA    HA     sing N N 384 
TYR C     O      doub N N 385 
TYR C     OXT    sing N N 386 
TYR CB    CG     sing N N 387 
TYR CB    HB2    sing N N 388 
TYR CB    HB3    sing N N 389 
TYR CG    CD1    doub Y N 390 
TYR CG    CD2    sing Y N 391 
TYR CD1   CE1    sing Y N 392 
TYR CD1   HD1    sing N N 393 
TYR CD2   CE2    doub Y N 394 
TYR CD2   HD2    sing N N 395 
TYR CE1   CZ     doub Y N 396 
TYR CE1   HE1    sing N N 397 
TYR CE2   CZ     sing Y N 398 
TYR CE2   HE2    sing N N 399 
TYR CZ    OH     sing N N 400 
TYR OH    HH     sing N N 401 
TYR OXT   HXT    sing N N 402 
VAL N     CA     sing N N 403 
VAL N     H      sing N N 404 
VAL N     H2     sing N N 405 
VAL CA    C      sing N N 406 
VAL CA    CB     sing N N 407 
VAL CA    HA     sing N N 408 
VAL C     O      doub N N 409 
VAL C     OXT    sing N N 410 
VAL CB    CG1    sing N N 411 
VAL CB    CG2    sing N N 412 
VAL CB    HB     sing N N 413 
VAL CG1   HG11   sing N N 414 
VAL CG1   HG12   sing N N 415 
VAL CG1   HG13   sing N N 416 
VAL CG2   HG21   sing N N 417 
VAL CG2   HG22   sing N N 418 
VAL CG2   HG23   sing N N 419 
VAL OXT   HXT    sing N N 420 
# 
loop_
_pdbx_entity_nonpoly.entity_id 
_pdbx_entity_nonpoly.name 
_pdbx_entity_nonpoly.comp_id 
2 'MAGNESIUM ION'            MG  
3 "GUANOSINE-5'-DIPHOSPHATE" GDP 
4 'UNKNOWN ATOM OR ION'      UNX 
5 water                      HOH 
# 
loop_
_pdbx_initial_refinement_model.id 
_pdbx_initial_refinement_model.entity_id_list 
_pdbx_initial_refinement_model.type 
_pdbx_initial_refinement_model.source_name 
_pdbx_initial_refinement_model.accession_code 
_pdbx_initial_refinement_model.details 
1 ? 'experimental model' PDB 1YZN 'pdb entries 1YZN, 1UKV' 
2 ? 'experimental model' PDB 1UKV 'pdb entries 1YZN, 1UKV' 
# 
